data_9IC3
#
_entry.id   9IC3
#
_cell.length_a   1.00
_cell.length_b   1.00
_cell.length_c   1.00
_cell.angle_alpha   90.00
_cell.angle_beta   90.00
_cell.angle_gamma   90.00
#
_symmetry.space_group_name_H-M   'P 1'
#
loop_
_entity.id
_entity.type
_entity.pdbx_description
1 polymer 'DNA polymerase subunit gamma-1'
2 polymer 'DNA polymerase subunit gamma-2'
3 polymer 'DNA (primer strand)'
4 polymer 'DNA (template strand)'
5 non-polymer 'CALCIUM ION'
6 non-polymer "2'-DEOXYCYTIDINE-5'-TRIPHOSPHATE"
#
loop_
_entity_poly.entity_id
_entity_poly.type
_entity_poly.pdbx_seq_one_letter_code
_entity_poly.pdbx_strand_id
1 'polypeptide(L)'
;MHHHHHHVSSSVPASDPSDGQRRRQQQQQQQQQQQQQPQQPQVLSSEGGQLRHNPLDIQMLSRGLHEQIFGQGGEMPGEA
AVRRSVEHLQKHGLWGQPAVPLPDVELRLPPLYGDNLDQHFRLLAQKQSLPYLEAANLLLQAQLPPKPPAWAWAEGWTRY
GPEGEAVPVAIPEERALVFDVEVCLAEGTCPTLAVAISPSAWYSWCSQRLVEERYSWTSQLSPADLIPLEVPTGASSPTQ
RDWQEQLVVGHNVSFDRAHIREQYLIQGSRMRFLDTMSMHMAISGLSSFQRSLWIAAKQGKHKVQPPTKQGQKSQRKARR
GPAISSWDWLDISSVNSLAEVHRLYVGGPPLEKEPRELFVKGTMKDIRENFQDLMQYCAQDVWATHEVFQQQLPLFLERC
PHPVTLAGMLEMGVSYLPVNQNWERYLAEAQGTYEELQREMKKSLMDLANDACQLLSGERYKEDPWLWDLEWDLQEFKQK
KAKKVKKEPATASKLPIEGAGAPGDPMDQEDLGPCSEEEEFQQDVMARACLQKLKGTTELLPKRPQHLPGHPGWYRKLCP
RLDDPAWTPGPSLLSLQMRVTPKLMALTWDGFPLHYSERHGWGYLVPGRRDNLAKLPTGTTLESAGVVCPYRAIESLYRK
HCLEQGKQQLMPQEAGLAEEFLLTDNSAIWQTVEELDYLEVEAEAKMENLRAAVPGQPLALTARGGPKDTQPSYHHGNGP
YNDVDIPGCWFFKLPHKDGNSCNVGSPFAKDFLPKMEDGTLQAGPGGASGPRALEINKMISFWRNAHKRISSQMVVWLPR
SALPRAVIRHPDYDEEGLYGAILPQVVTAGTITRRAVEPTWLTASNARPDRVGSELKAMVQAPPGYTLVGADVDSQELWI
AAVLGDAHFAGMHGCTAFGWMTLQGRKSRGTDLHSKTATTVGISREHAKIFNYGRIYGAGQPFAERLLMQFNHRLTQQEA
AEKAQQMYAATKGLRWYRLSDEGEWLVRELNLPVDRTEGGWISLQDLRKVQRETARKSQWKKWEVVAERAWKGGTESEMF
NKLESIATSDIPRTPVLGCCISRALEPSAVQEEFMTSRVNWVVQSSAVDYLHLMLVAMKWLFEEFAIDGRFCISIHDEVR
YLVREEDRYRAALALQITNLLTRCMFAYKLGLNDLPQSVAFFSAVDIDRCLRKEVTMDCKTPSNPTGMERRYGIPQGEAL
DIYQIIELTKGSLEKRSQPGP
;
A
2 'polypeptide(L)'
;MWLSGYAGPADGTQQPDAPEHAVAREALVDLCRRRHFFSGTPQQLSTAALLSGCHARFGPLGVELRKNLASQWWSSMVVF
REQVFAVDSLHQEPGSSQPRDSAFRLVSPESIREILQDREPSKEQLVAFLENLLKTSGKLRATLLHGALEHYVNCLDLVN
RKLPFGLAQIGVCFHPVSNSNQTPSSVTRVGEKTEASLVWFTPTRTSSQWLDFWLRHRLLWWRKFAMSPSNFSSADCQDE
LGRKGSKLYYSFPWGKEPIETLWNLGDQELLHTYPGNVSTIQGRDGRKNVVPCVLSVSGDVDLGTLAYLYDSFQLAENSF
ARKKSLQRKVLKLHPCLAPIKVALDVGKGPTVELRQVCQGLLNELLENGISVWPGYSETVHSSLEQLHSKYDEMSVLFSV
LVTETTLENGLIQLRSRDTTMKEMMHISKLRDFLVKYLASASNVHHHHHH
;
B,C
3 'polydeoxyribonucleotide'
;(DG)(DC)(DA)(DT)(DG)(DC)(DG)(DG)(DT)(DC)(DG)(DA)(DG)(DT)(DC)(DT)(DA)(DG)(DA)(DG)
(DG)(DA)(DG)(DC)(DT)
;
P
4 'polydeoxyribonucleotide'
;(DT)(DT)(DT)(DT)(DT)(DT)(DT)(DT)(DT)(DT)(DA)(DT)(DC)(DC)(DG)(DG)(DG)(DC)(DT)(DC)
(DC)(DT)(DC)(DT)(DA)(DG)(DA)(DC)(DT)(DC)(DG)(DA)(DC)(DC)(DG)(DC)(DA)(DT)(DG)(DC)
;
T
#
# COMPACT_ATOMS: atom_id res chain seq x y z
N ARG A 52 27.72 -51.15 -4.38
CA ARG A 52 28.07 -49.76 -4.20
C ARG A 52 28.55 -49.13 -5.49
N HIS A 53 28.45 -49.88 -6.59
CA HIS A 53 28.78 -49.37 -7.91
C HIS A 53 28.08 -50.24 -8.94
N ASN A 54 27.98 -49.71 -10.16
CA ASN A 54 27.31 -50.41 -11.24
C ASN A 54 28.29 -50.59 -12.40
N PRO A 55 27.92 -51.38 -13.44
CA PRO A 55 28.81 -51.50 -14.60
C PRO A 55 29.14 -50.18 -15.29
N LEU A 56 28.52 -49.09 -14.85
CA LEU A 56 28.80 -47.76 -15.38
C LEU A 56 29.46 -46.85 -14.36
N ASP A 57 29.98 -47.43 -13.27
CA ASP A 57 30.70 -46.71 -12.21
C ASP A 57 29.84 -45.68 -11.49
N ILE A 58 28.52 -45.74 -11.68
CA ILE A 58 27.60 -44.89 -10.92
C ILE A 58 27.36 -45.56 -9.57
N GLN A 59 27.62 -44.83 -8.50
CA GLN A 59 27.50 -45.40 -7.16
C GLN A 59 26.04 -45.71 -6.87
N MET A 60 25.70 -47.00 -6.86
CA MET A 60 24.34 -47.42 -6.55
C MET A 60 24.12 -47.34 -5.04
N LEU A 61 23.00 -47.89 -4.58
CA LEU A 61 22.65 -47.81 -3.18
C LEU A 61 23.61 -48.62 -2.33
N SER A 62 23.77 -48.21 -1.07
CA SER A 62 24.62 -48.93 -0.15
C SER A 62 24.04 -50.30 0.18
N ARG A 63 24.92 -51.25 0.50
CA ARG A 63 24.48 -52.62 0.77
C ARG A 63 23.61 -52.71 2.02
N GLY A 64 23.70 -51.74 2.93
CA GLY A 64 22.84 -51.78 4.10
C GLY A 64 21.38 -51.62 3.76
N LEU A 65 21.07 -50.79 2.77
CA LEU A 65 19.70 -50.57 2.33
C LEU A 65 19.32 -51.46 1.16
N HIS A 66 20.25 -51.67 0.21
CA HIS A 66 19.93 -52.45 -0.99
C HIS A 66 19.56 -53.89 -0.63
N GLU A 67 20.25 -54.49 0.34
CA GLU A 67 19.96 -55.87 0.72
C GLU A 67 18.56 -56.02 1.32
N GLN A 68 17.95 -54.94 1.78
CA GLN A 68 16.61 -54.98 2.34
C GLN A 68 15.60 -54.21 1.48
N ILE A 69 15.95 -53.90 0.24
CA ILE A 69 15.01 -53.28 -0.69
C ILE A 69 14.88 -54.16 -1.92
N PHE A 70 15.97 -54.36 -2.65
CA PHE A 70 15.93 -55.14 -3.87
C PHE A 70 16.25 -56.60 -3.58
N GLY A 71 16.22 -57.43 -4.63
CA GLY A 71 16.40 -58.85 -4.45
C GLY A 71 17.85 -59.23 -4.22
N GLN A 72 18.03 -60.29 -3.42
CA GLN A 72 19.36 -60.82 -3.17
C GLN A 72 20.00 -61.32 -4.47
N GLY A 73 19.39 -62.35 -5.06
CA GLY A 73 19.87 -62.82 -6.35
C GLY A 73 19.68 -61.80 -7.45
N GLY A 74 18.46 -61.27 -7.56
CA GLY A 74 18.18 -60.24 -8.55
C GLY A 74 18.50 -60.70 -9.96
N GLU A 75 19.19 -59.84 -10.70
CA GLU A 75 19.65 -60.16 -12.04
C GLU A 75 20.75 -59.19 -12.42
N MET A 76 21.81 -59.71 -13.05
CA MET A 76 22.92 -58.87 -13.48
C MET A 76 22.86 -58.66 -14.98
N PRO A 77 23.10 -57.44 -15.47
CA PRO A 77 23.03 -57.20 -16.91
C PRO A 77 24.09 -58.01 -17.65
N GLY A 78 23.72 -58.45 -18.85
CA GLY A 78 24.62 -59.25 -19.65
C GLY A 78 25.78 -58.45 -20.19
N GLU A 79 26.76 -59.18 -20.74
CA GLU A 79 27.93 -58.53 -21.31
C GLU A 79 27.56 -57.66 -22.50
N ALA A 80 26.66 -58.15 -23.37
CA ALA A 80 26.24 -57.36 -24.52
C ALA A 80 25.50 -56.10 -24.09
N ALA A 81 24.62 -56.22 -23.10
CA ALA A 81 23.87 -55.06 -22.63
C ALA A 81 24.79 -54.01 -22.03
N VAL A 82 25.74 -54.44 -21.18
CA VAL A 82 26.67 -53.51 -20.58
C VAL A 82 27.56 -52.88 -21.64
N ARG A 83 27.99 -53.68 -22.63
CA ARG A 83 28.82 -53.14 -23.70
C ARG A 83 28.06 -52.08 -24.50
N ARG A 84 26.79 -52.34 -24.82
CA ARG A 84 25.99 -51.36 -25.55
C ARG A 84 25.78 -50.10 -24.73
N SER A 85 25.53 -50.25 -23.42
CA SER A 85 25.36 -49.08 -22.56
C SER A 85 26.64 -48.25 -22.50
N VAL A 86 27.80 -48.92 -22.37
CA VAL A 86 29.07 -48.20 -22.32
C VAL A 86 29.33 -47.50 -23.64
N GLU A 87 29.01 -48.15 -24.77
CA GLU A 87 29.17 -47.50 -26.06
C GLU A 87 28.29 -46.27 -26.17
N HIS A 88 27.04 -46.36 -25.71
CA HIS A 88 26.14 -45.21 -25.76
C HIS A 88 26.66 -44.07 -24.89
N LEU A 89 27.15 -44.38 -23.69
CA LEU A 89 27.68 -43.35 -22.80
C LEU A 89 28.93 -42.71 -23.39
N GLN A 90 29.82 -43.51 -23.98
CA GLN A 90 31.06 -42.99 -24.54
C GLN A 90 30.84 -42.23 -25.84
N LYS A 91 29.74 -42.51 -26.55
CA LYS A 91 29.44 -41.78 -27.78
C LYS A 91 29.23 -40.30 -27.50
N HIS A 92 28.57 -39.97 -26.39
CA HIS A 92 28.33 -38.59 -26.01
C HIS A 92 29.42 -38.02 -25.12
N GLY A 93 30.44 -38.81 -24.79
CA GLY A 93 31.53 -38.34 -23.95
C GLY A 93 31.26 -38.38 -22.47
N LEU A 94 30.11 -38.92 -22.05
CA LEU A 94 29.78 -38.99 -20.63
C LEU A 94 30.45 -40.16 -19.92
N TRP A 95 30.99 -41.13 -20.65
CA TRP A 95 31.64 -42.28 -20.04
C TRP A 95 33.10 -41.96 -19.78
N GLY A 96 33.51 -42.13 -18.53
CA GLY A 96 34.84 -41.76 -18.10
C GLY A 96 34.93 -40.46 -17.33
N GLN A 97 33.86 -40.05 -16.64
CA GLN A 97 33.84 -38.83 -15.85
C GLN A 97 33.34 -39.17 -14.45
N PRO A 98 34.16 -39.88 -13.66
CA PRO A 98 33.70 -40.27 -12.32
C PRO A 98 33.53 -39.06 -11.41
N ALA A 99 32.58 -39.18 -10.49
CA ALA A 99 32.27 -38.14 -9.53
C ALA A 99 32.58 -38.62 -8.13
N VAL A 100 32.78 -37.66 -7.23
CA VAL A 100 33.10 -37.99 -5.84
C VAL A 100 31.95 -38.75 -5.21
N PRO A 101 32.21 -39.73 -4.35
CA PRO A 101 31.11 -40.52 -3.77
C PRO A 101 30.49 -39.83 -2.57
N LEU A 102 29.16 -39.91 -2.48
CA LEU A 102 28.49 -39.43 -1.28
C LEU A 102 28.80 -40.37 -0.11
N PRO A 103 28.84 -39.83 1.11
CA PRO A 103 28.99 -40.71 2.28
C PRO A 103 27.85 -41.71 2.34
N ASP A 104 28.19 -42.96 2.68
CA ASP A 104 27.21 -44.02 2.66
C ASP A 104 26.25 -43.90 3.83
N VAL A 105 25.06 -44.45 3.65
CA VAL A 105 23.97 -44.34 4.61
C VAL A 105 23.64 -45.74 5.11
N GLU A 106 23.56 -45.89 6.44
CA GLU A 106 23.21 -47.16 7.07
C GLU A 106 21.95 -46.94 7.90
N LEU A 107 20.82 -47.42 7.39
CA LEU A 107 19.53 -47.28 8.06
C LEU A 107 18.89 -48.65 8.22
N ARG A 108 18.15 -48.81 9.30
CA ARG A 108 17.31 -49.98 9.52
C ARG A 108 15.91 -49.64 9.01
N LEU A 109 15.68 -49.88 7.72
CA LEU A 109 14.42 -49.54 7.11
C LEU A 109 13.28 -50.35 7.73
N PRO A 110 12.06 -49.82 7.71
CA PRO A 110 10.92 -50.61 8.18
C PRO A 110 10.77 -51.87 7.34
N PRO A 111 10.35 -52.97 7.95
CA PRO A 111 10.26 -54.23 7.21
C PRO A 111 9.27 -54.17 6.06
N LEU A 112 9.77 -54.25 4.84
CA LEU A 112 8.90 -54.19 3.66
C LEU A 112 8.00 -55.41 3.61
N TYR A 113 6.71 -55.18 3.42
CA TYR A 113 5.74 -56.26 3.37
C TYR A 113 5.83 -56.99 2.03
N GLY A 114 5.23 -58.19 1.99
CA GLY A 114 5.27 -58.97 0.79
C GLY A 114 6.67 -59.47 0.46
N ASP A 115 6.90 -59.75 -0.82
CA ASP A 115 8.18 -60.23 -1.29
C ASP A 115 9.04 -59.10 -1.87
N ASN A 116 8.51 -58.38 -2.84
CA ASN A 116 9.20 -57.29 -3.51
C ASN A 116 8.58 -55.95 -3.12
N LEU A 117 9.07 -54.89 -3.75
CA LEU A 117 8.49 -53.56 -3.55
C LEU A 117 7.05 -53.50 -4.03
N ASP A 118 6.76 -54.14 -5.17
CA ASP A 118 5.43 -54.04 -5.76
C ASP A 118 4.37 -54.61 -4.85
N GLN A 119 4.62 -55.78 -4.27
CA GLN A 119 3.66 -56.37 -3.34
C GLN A 119 3.54 -55.53 -2.08
N HIS A 120 4.65 -54.95 -1.62
CA HIS A 120 4.61 -54.07 -0.46
C HIS A 120 3.67 -52.89 -0.70
N PHE A 121 3.85 -52.21 -1.82
CA PHE A 121 2.99 -51.09 -2.12
C PHE A 121 1.55 -51.58 -2.24
N ARG A 122 1.35 -52.62 -3.04
CA ARG A 122 -0.02 -53.09 -3.24
C ARG A 122 -0.71 -53.34 -1.92
N LEU A 123 -0.03 -53.97 -0.96
CA LEU A 123 -0.63 -54.19 0.35
C LEU A 123 -0.90 -52.88 1.06
N LEU A 124 0.05 -51.92 0.97
CA LEU A 124 -0.16 -50.61 1.58
C LEU A 124 -1.39 -49.93 1.01
N ALA A 125 -1.48 -49.86 -0.32
CA ALA A 125 -2.60 -49.17 -0.96
C ALA A 125 -3.92 -49.89 -0.71
N GLN A 126 -3.90 -51.22 -0.65
CA GLN A 126 -5.11 -51.97 -0.36
C GLN A 126 -5.59 -51.68 1.06
N LYS A 127 -4.68 -51.71 2.04
CA LYS A 127 -5.08 -51.40 3.40
C LYS A 127 -5.54 -49.95 3.53
N GLN A 128 -5.03 -49.06 2.69
CA GLN A 128 -5.47 -47.67 2.73
C GLN A 128 -6.87 -47.52 2.15
N SER A 129 -7.04 -47.90 0.88
CA SER A 129 -8.28 -47.69 0.14
C SER A 129 -9.23 -48.87 0.21
N LEU A 130 -9.12 -49.71 1.24
CA LEU A 130 -10.08 -50.79 1.40
C LEU A 130 -11.43 -50.25 1.89
N PRO A 131 -11.50 -49.54 3.02
CA PRO A 131 -12.83 -49.14 3.54
C PRO A 131 -13.56 -48.13 2.66
N TYR A 132 -12.88 -47.47 1.73
CA TYR A 132 -13.51 -46.49 0.86
C TYR A 132 -13.97 -47.08 -0.46
N LEU A 133 -13.23 -48.04 -1.00
CA LEU A 133 -13.71 -48.78 -2.16
C LEU A 133 -14.96 -49.59 -1.81
N GLU A 134 -15.05 -50.05 -0.56
CA GLU A 134 -16.27 -50.70 -0.10
C GLU A 134 -17.46 -49.75 -0.16
N ALA A 135 -17.27 -48.51 0.30
CA ALA A 135 -18.36 -47.53 0.26
C ALA A 135 -18.71 -47.15 -1.18
N ALA A 136 -17.69 -47.04 -2.04
CA ALA A 136 -17.95 -46.77 -3.45
C ALA A 136 -18.78 -47.89 -4.07
N ASN A 137 -18.45 -49.14 -3.75
CA ASN A 137 -19.25 -50.27 -4.26
C ASN A 137 -20.66 -50.26 -3.68
N LEU A 138 -20.79 -49.93 -2.39
CA LEU A 138 -22.12 -49.83 -1.78
C LEU A 138 -22.97 -48.80 -2.51
N LEU A 139 -22.38 -47.68 -2.88
CA LEU A 139 -23.11 -46.63 -3.60
C LEU A 139 -23.35 -47.01 -5.06
N LEU A 140 -22.46 -47.83 -5.64
CA LEU A 140 -22.60 -48.20 -7.04
C LEU A 140 -23.86 -49.02 -7.29
N GLN A 141 -24.18 -49.94 -6.39
CA GLN A 141 -25.34 -50.82 -6.52
C GLN A 141 -26.29 -50.53 -5.37
N ALA A 142 -27.35 -49.76 -5.63
CA ALA A 142 -28.31 -49.41 -4.60
C ALA A 142 -29.65 -49.12 -5.24
N GLN A 143 -30.68 -49.10 -4.41
CA GLN A 143 -32.04 -48.78 -4.83
C GLN A 143 -32.46 -47.47 -4.17
N LEU A 144 -32.90 -46.51 -4.98
CA LEU A 144 -33.19 -45.17 -4.50
C LEU A 144 -34.67 -44.87 -4.58
N PRO A 145 -35.29 -44.43 -3.49
CA PRO A 145 -36.68 -43.98 -3.54
C PRO A 145 -36.80 -42.72 -4.38
N PRO A 146 -37.97 -42.43 -4.93
CA PRO A 146 -38.14 -41.23 -5.75
C PRO A 146 -37.96 -39.97 -4.93
N LYS A 147 -37.55 -38.91 -5.61
CA LYS A 147 -37.35 -37.62 -4.95
C LYS A 147 -38.66 -37.16 -4.33
N PRO A 148 -38.68 -36.84 -3.04
CA PRO A 148 -39.93 -36.45 -2.40
C PRO A 148 -40.46 -35.17 -3.02
N PRO A 149 -41.78 -35.05 -3.16
CA PRO A 149 -42.35 -33.82 -3.73
C PRO A 149 -42.06 -32.58 -2.91
N ALA A 150 -41.98 -32.70 -1.60
CA ALA A 150 -41.79 -31.56 -0.71
C ALA A 150 -40.50 -31.73 0.09
N TRP A 151 -39.99 -30.60 0.60
CA TRP A 151 -38.79 -30.58 1.41
C TRP A 151 -39.07 -29.82 2.70
N ALA A 152 -38.31 -30.14 3.74
CA ALA A 152 -38.55 -29.57 5.06
C ALA A 152 -37.80 -28.25 5.23
N TRP A 153 -38.49 -27.27 5.81
CA TRP A 153 -37.90 -25.97 6.12
C TRP A 153 -37.37 -25.97 7.55
N ALA A 154 -36.45 -26.89 7.81
CA ALA A 154 -35.82 -27.01 9.11
C ALA A 154 -34.57 -26.14 9.17
N GLU A 155 -33.76 -26.31 10.21
CA GLU A 155 -32.52 -25.56 10.36
C GLU A 155 -31.27 -26.41 10.12
N GLY A 156 -31.37 -27.73 10.20
CA GLY A 156 -30.25 -28.62 10.02
C GLY A 156 -30.53 -29.65 8.93
N TRP A 157 -29.95 -30.83 9.12
CA TRP A 157 -30.12 -31.91 8.16
C TRP A 157 -31.53 -32.47 8.21
N THR A 158 -32.00 -32.97 7.07
CA THR A 158 -33.28 -33.63 6.99
C THR A 158 -33.17 -34.85 6.10
N ARG A 159 -33.94 -35.89 6.43
CA ARG A 159 -33.94 -37.15 5.68
C ARG A 159 -35.37 -37.56 5.40
N TYR A 160 -35.64 -37.89 4.14
CA TYR A 160 -36.96 -38.36 3.73
C TYR A 160 -36.84 -39.73 3.10
N GLY A 161 -37.62 -40.70 3.58
CA GLY A 161 -37.61 -42.04 3.05
C GLY A 161 -38.90 -42.38 2.36
N PRO A 162 -39.32 -43.65 2.47
CA PRO A 162 -40.61 -44.05 1.88
C PRO A 162 -41.79 -43.29 2.45
N GLU A 163 -41.76 -42.95 3.74
CA GLU A 163 -42.87 -42.24 4.37
C GLU A 163 -42.77 -40.73 4.24
N GLY A 164 -41.61 -40.20 3.86
CA GLY A 164 -41.42 -38.76 3.79
C GLY A 164 -41.59 -38.07 5.12
N GLU A 165 -41.22 -38.73 6.21
CA GLU A 165 -41.40 -38.16 7.54
C GLU A 165 -40.41 -37.03 7.77
N ALA A 166 -40.82 -36.04 8.56
CA ALA A 166 -39.96 -34.92 8.94
C ALA A 166 -38.98 -35.42 10.00
N VAL A 167 -37.92 -36.08 9.53
CA VAL A 167 -36.92 -36.68 10.40
C VAL A 167 -35.91 -35.63 10.84
N PRO A 168 -35.77 -35.39 12.15
CA PRO A 168 -34.74 -34.45 12.62
C PRO A 168 -33.36 -35.10 12.56
N VAL A 169 -32.50 -34.57 11.70
CA VAL A 169 -31.19 -35.14 11.45
C VAL A 169 -30.14 -34.05 11.66
N ALA A 170 -29.04 -34.41 12.32
CA ALA A 170 -27.85 -33.55 12.40
C ALA A 170 -26.69 -34.13 11.61
N ILE A 171 -26.59 -35.45 11.55
CA ILE A 171 -25.50 -36.14 10.85
C ILE A 171 -26.09 -37.23 9.96
N PRO A 172 -25.66 -37.33 8.69
CA PRO A 172 -26.21 -38.37 7.82
C PRO A 172 -26.00 -39.79 8.36
N GLU A 173 -24.90 -40.03 9.07
CA GLU A 173 -24.61 -41.33 9.66
C GLU A 173 -24.53 -42.43 8.59
N GLU A 174 -24.01 -42.07 7.43
CA GLU A 174 -23.87 -43.02 6.32
C GLU A 174 -22.49 -42.90 5.72
N ARG A 175 -21.98 -44.03 5.23
CA ARG A 175 -20.64 -44.12 4.67
C ARG A 175 -20.55 -43.70 3.21
N ALA A 176 -21.67 -43.37 2.58
CA ALA A 176 -21.65 -43.00 1.16
C ALA A 176 -22.78 -42.02 0.88
N LEU A 177 -22.44 -40.77 0.56
CA LEU A 177 -23.45 -39.76 0.33
C LEU A 177 -23.16 -38.90 -0.89
N VAL A 178 -23.91 -39.00 -1.97
CA VAL A 178 -23.68 -38.08 -3.10
C VAL A 178 -24.04 -36.70 -2.56
N PHE A 179 -23.47 -35.62 -3.10
CA PHE A 179 -23.67 -34.33 -2.46
C PHE A 179 -23.69 -33.23 -3.50
N ASP A 180 -24.40 -32.15 -3.18
CA ASP A 180 -24.33 -30.92 -3.96
C ASP A 180 -24.74 -29.76 -3.07
N VAL A 181 -23.85 -28.79 -2.92
CA VAL A 181 -24.08 -27.63 -2.06
C VAL A 181 -24.48 -26.45 -2.92
N GLU A 182 -25.50 -25.72 -2.48
CA GLU A 182 -25.98 -24.52 -3.16
C GLU A 182 -25.65 -23.30 -2.32
N VAL A 183 -24.95 -22.35 -2.93
CA VAL A 183 -24.50 -21.14 -2.25
C VAL A 183 -24.92 -19.92 -3.06
N CYS A 184 -25.58 -18.96 -2.42
CA CYS A 184 -25.98 -17.73 -3.07
C CYS A 184 -24.75 -16.83 -3.21
N LEU A 185 -24.33 -16.58 -4.45
CA LEU A 185 -23.09 -15.85 -4.67
C LEU A 185 -23.15 -14.43 -4.11
N ALA A 186 -24.29 -13.75 -4.29
CA ALA A 186 -24.39 -12.35 -3.89
C ALA A 186 -24.32 -12.19 -2.38
N GLU A 187 -25.11 -12.98 -1.64
CA GLU A 187 -25.22 -12.78 -0.20
C GLU A 187 -23.90 -13.13 0.51
N GLY A 188 -23.26 -14.22 0.11
CA GLY A 188 -22.00 -14.59 0.71
C GLY A 188 -21.63 -16.02 0.37
N THR A 189 -20.41 -16.40 0.76
CA THR A 189 -19.92 -17.74 0.49
C THR A 189 -20.48 -18.79 1.43
N CYS A 190 -21.22 -18.37 2.46
CA CYS A 190 -21.86 -19.32 3.35
C CYS A 190 -22.93 -20.10 2.58
N PRO A 191 -23.06 -21.41 2.83
CA PRO A 191 -24.03 -22.21 2.08
C PRO A 191 -25.46 -21.78 2.36
N THR A 192 -26.31 -21.95 1.35
CA THR A 192 -27.75 -21.75 1.53
C THR A 192 -28.44 -23.07 1.88
N LEU A 193 -28.33 -24.05 0.99
CA LEU A 193 -28.96 -25.35 1.18
C LEU A 193 -28.20 -26.39 0.39
N ALA A 194 -28.47 -27.66 0.69
CA ALA A 194 -27.82 -28.76 -0.01
C ALA A 194 -28.72 -29.98 0.05
N VAL A 195 -28.73 -30.73 -1.04
CA VAL A 195 -29.49 -31.97 -1.15
C VAL A 195 -28.51 -33.11 -1.39
N ALA A 196 -28.63 -34.17 -0.58
CA ALA A 196 -27.72 -35.29 -0.64
C ALA A 196 -28.51 -36.59 -0.68
N ILE A 197 -27.87 -37.66 -1.16
CA ILE A 197 -28.48 -38.98 -1.18
C ILE A 197 -27.50 -40.01 -0.64
N SER A 198 -28.00 -40.87 0.25
CA SER A 198 -27.33 -42.12 0.56
C SER A 198 -28.24 -43.26 0.13
N PRO A 199 -27.69 -44.46 -0.13
CA PRO A 199 -28.56 -45.59 -0.50
C PRO A 199 -29.73 -45.75 0.45
N SER A 200 -30.95 -45.72 -0.10
CA SER A 200 -32.20 -45.85 0.63
C SER A 200 -32.52 -44.62 1.47
N ALA A 201 -32.01 -43.46 1.07
CA ALA A 201 -32.35 -42.22 1.77
C ALA A 201 -32.16 -41.04 0.82
N TRP A 202 -32.84 -39.94 1.15
CA TRP A 202 -32.66 -38.65 0.51
C TRP A 202 -32.45 -37.60 1.58
N TYR A 203 -31.41 -36.78 1.43
CA TYR A 203 -30.97 -35.86 2.47
C TYR A 203 -31.07 -34.42 2.01
N SER A 204 -31.29 -33.52 2.98
CA SER A 204 -31.30 -32.10 2.71
C SER A 204 -30.88 -31.33 3.96
N TRP A 205 -30.07 -30.29 3.76
CA TRP A 205 -29.65 -29.41 4.84
C TRP A 205 -29.72 -27.98 4.33
N CYS A 206 -30.32 -27.11 5.13
CA CYS A 206 -30.46 -25.70 4.78
C CYS A 206 -29.93 -24.84 5.92
N SER A 207 -29.20 -23.79 5.56
CA SER A 207 -28.52 -22.97 6.54
C SER A 207 -29.50 -22.10 7.31
N GLN A 208 -29.04 -21.59 8.46
CA GLN A 208 -29.84 -20.67 9.25
C GLN A 208 -30.00 -19.32 8.57
N ARG A 209 -29.18 -19.02 7.55
CA ARG A 209 -29.34 -17.78 6.81
C ARG A 209 -30.63 -17.73 6.01
N LEU A 210 -31.31 -18.85 5.82
CA LEU A 210 -32.59 -18.90 5.12
C LEU A 210 -33.76 -19.07 6.07
N VAL A 211 -33.66 -19.99 7.03
CA VAL A 211 -34.77 -20.22 7.95
C VAL A 211 -35.06 -18.97 8.78
N GLU A 212 -34.05 -18.13 9.00
CA GLU A 212 -34.22 -16.85 9.67
C GLU A 212 -33.80 -15.73 8.73
N GLU A 213 -34.56 -14.64 8.75
CA GLU A 213 -34.46 -13.60 7.73
C GLU A 213 -33.66 -12.38 8.19
N ARG A 214 -33.00 -12.44 9.34
CA ARG A 214 -32.20 -11.32 9.80
C ARG A 214 -30.97 -11.15 8.90
N TYR A 215 -30.47 -9.92 8.82
CA TYR A 215 -29.37 -9.57 7.94
C TYR A 215 -28.06 -9.34 8.68
N SER A 216 -27.99 -9.70 9.96
CA SER A 216 -26.78 -9.49 10.75
C SER A 216 -25.81 -10.65 10.51
N TRP A 217 -25.32 -10.73 9.27
CA TRP A 217 -24.36 -11.74 8.87
C TRP A 217 -23.03 -11.07 8.58
N THR A 218 -21.98 -11.51 9.26
CA THR A 218 -20.65 -10.96 9.11
C THR A 218 -19.90 -11.64 7.96
N SER A 219 -18.83 -10.98 7.51
CA SER A 219 -17.93 -11.59 6.53
C SER A 219 -16.96 -12.56 7.18
N GLN A 220 -16.83 -12.54 8.50
CA GLN A 220 -16.00 -13.52 9.19
C GLN A 220 -16.65 -14.90 9.10
N LEU A 221 -15.85 -15.90 8.73
CA LEU A 221 -16.35 -17.25 8.51
C LEU A 221 -15.81 -18.17 9.59
N SER A 222 -16.71 -18.92 10.21
CA SER A 222 -16.43 -19.87 11.27
C SER A 222 -17.07 -21.21 10.89
N PRO A 223 -16.51 -22.34 11.35
CA PRO A 223 -17.05 -23.63 10.94
C PRO A 223 -18.49 -23.87 11.38
N ALA A 224 -18.99 -23.10 12.35
CA ALA A 224 -20.38 -23.26 12.79
C ALA A 224 -21.38 -22.77 11.76
N ASP A 225 -20.92 -22.24 10.63
CA ASP A 225 -21.81 -21.79 9.56
C ASP A 225 -21.84 -22.77 8.39
N LEU A 226 -21.28 -23.97 8.55
CA LEU A 226 -21.07 -24.89 7.44
C LEU A 226 -21.82 -26.20 7.69
N ILE A 227 -21.60 -27.16 6.80
CA ILE A 227 -22.36 -28.41 6.77
C ILE A 227 -21.66 -29.43 7.65
N PRO A 228 -22.26 -29.89 8.73
CA PRO A 228 -21.65 -30.97 9.53
C PRO A 228 -21.99 -32.34 8.98
N LEU A 229 -20.97 -33.08 8.57
CA LEU A 229 -21.14 -34.43 8.05
C LEU A 229 -20.55 -35.50 8.95
N GLU A 230 -19.28 -35.35 9.34
CA GLU A 230 -18.58 -36.42 10.04
C GLU A 230 -19.17 -36.68 11.42
N VAL A 231 -19.04 -37.92 11.88
CA VAL A 231 -19.54 -38.33 13.19
C VAL A 231 -18.53 -37.94 14.25
N PRO A 232 -18.96 -37.64 15.49
CA PRO A 232 -18.04 -37.34 16.59
C PRO A 232 -17.48 -38.60 17.24
N GLN A 244 -16.00 -45.91 10.97
CA GLN A 244 -15.21 -44.70 11.10
C GLN A 244 -14.89 -44.09 9.74
N GLU A 245 -14.36 -44.92 8.84
CA GLU A 245 -14.06 -44.46 7.50
C GLU A 245 -15.34 -44.11 6.75
N GLN A 246 -15.30 -43.01 5.99
CA GLN A 246 -16.45 -42.55 5.25
C GLN A 246 -16.02 -42.08 3.87
N LEU A 247 -16.94 -42.21 2.92
CA LEU A 247 -16.75 -41.69 1.57
C LEU A 247 -17.90 -40.75 1.24
N VAL A 248 -17.57 -39.54 0.83
CA VAL A 248 -18.55 -38.54 0.43
C VAL A 248 -18.31 -38.21 -1.03
N VAL A 249 -19.35 -38.34 -1.85
CA VAL A 249 -19.23 -38.24 -3.29
C VAL A 249 -19.99 -37.02 -3.78
N GLY A 250 -19.61 -36.55 -4.95
CA GLY A 250 -20.29 -35.42 -5.56
C GLY A 250 -19.65 -35.09 -6.88
N HIS A 251 -20.18 -34.07 -7.53
CA HIS A 251 -19.56 -33.50 -8.72
C HIS A 251 -18.89 -32.20 -8.31
N ASN A 252 -17.59 -32.10 -8.56
CA ASN A 252 -16.75 -31.00 -8.06
C ASN A 252 -16.86 -30.93 -6.53
N VAL A 253 -16.44 -32.02 -5.88
CA VAL A 253 -16.58 -32.14 -4.43
C VAL A 253 -15.74 -31.10 -3.72
N SER A 254 -14.66 -30.64 -4.36
CA SER A 254 -13.82 -29.61 -3.76
C SER A 254 -14.63 -28.37 -3.42
N PHE A 255 -15.71 -28.12 -4.15
CA PHE A 255 -16.64 -27.08 -3.77
C PHE A 255 -17.44 -27.48 -2.53
N ASP A 256 -17.87 -28.74 -2.45
CA ASP A 256 -18.62 -29.20 -1.29
C ASP A 256 -17.74 -29.25 -0.05
N ARG A 257 -16.54 -29.84 -0.18
CA ARG A 257 -15.65 -29.99 0.97
C ARG A 257 -15.33 -28.64 1.61
N ALA A 258 -15.10 -27.62 0.79
CA ALA A 258 -14.82 -26.29 1.32
C ALA A 258 -15.98 -25.75 2.14
N HIS A 259 -17.18 -26.29 1.98
CA HIS A 259 -18.35 -25.86 2.73
C HIS A 259 -18.71 -26.85 3.84
N ILE A 260 -17.83 -27.79 4.16
CA ILE A 260 -18.05 -28.75 5.23
C ILE A 260 -17.30 -28.29 6.46
N ARG A 261 -17.88 -28.54 7.63
CA ARG A 261 -17.37 -27.98 8.87
C ARG A 261 -16.20 -28.78 9.43
N GLU A 262 -16.34 -30.11 9.51
CA GLU A 262 -15.33 -30.95 10.12
C GLU A 262 -14.03 -30.99 9.34
N GLN A 263 -14.01 -30.50 8.10
CA GLN A 263 -12.81 -30.49 7.30
C GLN A 263 -11.92 -29.28 7.57
N TYR A 264 -12.40 -28.31 8.35
CA TYR A 264 -11.59 -27.18 8.78
C TYR A 264 -11.03 -27.40 10.19
N LEU A 265 -10.17 -28.41 10.29
CA LEU A 265 -9.54 -28.77 11.55
C LEU A 265 -8.09 -29.17 11.27
N ILE A 266 -7.19 -28.78 12.18
CA ILE A 266 -5.77 -28.95 11.89
C ILE A 266 -5.37 -30.42 11.92
N GLN A 267 -5.91 -31.19 12.86
CA GLN A 267 -5.66 -32.62 12.87
C GLN A 267 -6.31 -33.27 11.66
N GLY A 268 -5.74 -34.39 11.22
CA GLY A 268 -6.25 -35.06 10.04
C GLY A 268 -7.64 -35.59 10.22
N SER A 269 -8.28 -35.91 9.09
CA SER A 269 -9.63 -36.44 9.05
C SER A 269 -9.62 -37.80 8.37
N ARG A 270 -10.50 -38.69 8.86
CA ARG A 270 -10.60 -40.05 8.34
C ARG A 270 -11.65 -40.18 7.25
N MET A 271 -12.25 -39.08 6.81
CA MET A 271 -13.20 -39.07 5.71
C MET A 271 -12.51 -38.64 4.43
N ARG A 272 -12.67 -39.43 3.38
CA ARG A 272 -12.07 -39.12 2.09
C ARG A 272 -13.15 -38.80 1.08
N PHE A 273 -12.80 -38.01 0.08
CA PHE A 273 -13.74 -37.44 -0.86
C PHE A 273 -13.41 -37.91 -2.28
N LEU A 274 -14.41 -38.39 -2.99
CA LEU A 274 -14.26 -38.88 -4.35
C LEU A 274 -15.13 -38.05 -5.26
N ASP A 275 -14.56 -37.65 -6.41
CA ASP A 275 -15.17 -36.64 -7.27
C ASP A 275 -15.55 -37.26 -8.59
N THR A 276 -16.82 -37.09 -8.98
CA THR A 276 -17.29 -37.62 -10.26
C THR A 276 -16.61 -36.92 -11.43
N MET A 277 -16.31 -35.62 -11.29
CA MET A 277 -15.59 -34.93 -12.36
C MET A 277 -14.19 -35.52 -12.53
N SER A 278 -13.52 -35.82 -11.43
CA SER A 278 -12.18 -36.38 -11.50
C SER A 278 -12.19 -37.77 -12.15
N MET A 279 -13.12 -38.63 -11.73
CA MET A 279 -13.20 -39.96 -12.32
C MET A 279 -13.59 -39.90 -13.79
N HIS A 280 -14.48 -38.97 -14.15
CA HIS A 280 -14.81 -38.78 -15.55
C HIS A 280 -13.60 -38.34 -16.35
N MET A 281 -12.81 -37.41 -15.80
CA MET A 281 -11.62 -36.94 -16.49
C MET A 281 -10.60 -38.05 -16.63
N ALA A 282 -10.58 -38.98 -15.67
CA ALA A 282 -9.70 -40.14 -15.79
C ALA A 282 -10.19 -41.11 -16.86
N ILE A 283 -11.48 -41.38 -16.90
CA ILE A 283 -12.05 -42.41 -17.77
C ILE A 283 -12.15 -41.92 -19.20
N SER A 284 -12.95 -40.89 -19.43
CA SER A 284 -13.26 -40.39 -20.78
C SER A 284 -13.14 -38.87 -20.82
N GLY A 285 -12.06 -38.35 -20.25
CA GLY A 285 -11.86 -36.92 -20.24
C GLY A 285 -11.44 -36.38 -21.59
N LEU A 286 -11.53 -35.06 -21.72
CA LEU A 286 -11.15 -34.36 -22.93
C LEU A 286 -10.02 -33.39 -22.63
N SER A 287 -9.00 -33.36 -23.49
CA SER A 287 -8.04 -32.28 -23.43
C SER A 287 -8.73 -30.97 -23.79
N SER A 288 -8.06 -29.85 -23.49
CA SER A 288 -8.68 -28.55 -23.72
C SER A 288 -9.00 -28.35 -25.20
N PHE A 289 -8.10 -28.79 -26.09
CA PHE A 289 -8.40 -28.76 -27.51
C PHE A 289 -9.57 -29.68 -27.85
N GLN A 290 -9.61 -30.87 -27.23
CA GLN A 290 -10.74 -31.77 -27.45
C GLN A 290 -12.02 -31.20 -26.84
N ARG A 291 -11.91 -30.49 -25.71
CA ARG A 291 -13.09 -29.81 -25.17
C ARG A 291 -13.60 -28.75 -26.13
N SER A 292 -12.70 -27.98 -26.73
CA SER A 292 -13.10 -26.98 -27.71
C SER A 292 -13.76 -27.62 -28.93
N LEU A 293 -13.18 -28.71 -29.42
CA LEU A 293 -13.76 -29.41 -30.57
C LEU A 293 -15.08 -30.09 -30.24
N TRP A 294 -15.31 -30.42 -28.97
CA TRP A 294 -16.54 -31.12 -28.60
C TRP A 294 -17.74 -30.19 -28.56
N ILE A 295 -17.53 -28.92 -28.22
CA ILE A 295 -18.62 -27.95 -28.20
C ILE A 295 -18.82 -27.35 -29.59
N TRP A 329 -14.63 -40.52 -31.32
CA TRP A 329 -14.39 -40.30 -29.90
C TRP A 329 -15.41 -39.33 -29.32
N LEU A 330 -16.19 -38.70 -30.21
CA LEU A 330 -17.18 -37.73 -29.76
C LEU A 330 -18.33 -38.40 -29.00
N ASP A 331 -18.65 -39.64 -29.36
CA ASP A 331 -19.74 -40.38 -28.71
C ASP A 331 -19.29 -41.08 -27.44
N ILE A 332 -18.01 -41.01 -27.09
CA ILE A 332 -17.47 -41.71 -25.94
C ILE A 332 -16.94 -40.77 -24.87
N SER A 333 -16.98 -39.46 -25.11
CA SER A 333 -16.43 -38.47 -24.18
C SER A 333 -17.39 -37.28 -24.11
N SER A 334 -17.09 -36.40 -23.16
CA SER A 334 -17.89 -35.20 -23.00
C SER A 334 -17.10 -34.15 -22.25
N VAL A 335 -17.67 -32.97 -22.09
CA VAL A 335 -17.06 -31.91 -21.31
C VAL A 335 -17.44 -32.09 -19.85
N ASN A 336 -16.77 -31.34 -18.96
CA ASN A 336 -16.82 -31.61 -17.53
C ASN A 336 -18.17 -31.28 -16.90
N SER A 337 -19.06 -30.58 -17.61
CA SER A 337 -20.32 -30.18 -17.04
C SER A 337 -21.20 -31.39 -16.72
N LEU A 338 -21.99 -31.28 -15.65
CA LEU A 338 -22.76 -32.41 -15.16
C LEU A 338 -23.75 -32.91 -16.20
N ALA A 339 -24.43 -32.00 -16.89
CA ALA A 339 -25.45 -32.39 -17.87
C ALA A 339 -24.82 -33.17 -19.01
N GLU A 340 -23.71 -32.68 -19.55
CA GLU A 340 -23.05 -33.37 -20.65
C GLU A 340 -22.48 -34.72 -20.22
N VAL A 341 -21.93 -34.78 -19.01
CA VAL A 341 -21.39 -36.05 -18.51
C VAL A 341 -22.51 -37.07 -18.34
N HIS A 342 -23.65 -36.64 -17.80
CA HIS A 342 -24.79 -37.53 -17.63
C HIS A 342 -25.33 -37.99 -18.98
N ARG A 343 -25.35 -37.08 -19.96
CA ARG A 343 -25.77 -37.47 -21.31
C ARG A 343 -24.81 -38.48 -21.92
N LEU A 344 -23.51 -38.32 -21.67
CA LEU A 344 -22.53 -39.23 -22.23
C LEU A 344 -22.63 -40.61 -21.61
N TYR A 345 -22.69 -40.69 -20.28
CA TYR A 345 -22.64 -41.99 -19.62
C TYR A 345 -24.03 -42.62 -19.50
N VAL A 346 -24.97 -41.92 -18.90
CA VAL A 346 -26.29 -42.49 -18.65
C VAL A 346 -27.23 -42.28 -19.82
N GLY A 347 -27.39 -41.04 -20.27
CA GLY A 347 -28.26 -40.74 -21.39
C GLY A 347 -29.73 -40.76 -21.01
N GLY A 348 -30.56 -40.42 -21.99
CA GLY A 348 -31.99 -40.42 -21.80
C GLY A 348 -32.56 -39.03 -21.63
N PRO A 349 -33.45 -38.86 -20.65
CA PRO A 349 -34.03 -37.55 -20.39
C PRO A 349 -32.98 -36.56 -19.95
N PRO A 350 -32.75 -35.50 -20.72
CA PRO A 350 -31.68 -34.55 -20.38
C PRO A 350 -31.97 -33.80 -19.09
N LEU A 351 -30.89 -33.41 -18.42
CA LEU A 351 -31.00 -32.60 -17.21
C LEU A 351 -31.34 -31.16 -17.57
N GLU A 352 -32.35 -30.62 -16.90
CA GLU A 352 -32.84 -29.28 -17.22
C GLU A 352 -31.94 -28.24 -16.57
N LYS A 353 -31.23 -27.47 -17.40
CA LYS A 353 -30.50 -26.32 -16.90
C LYS A 353 -31.48 -25.20 -16.57
N GLU A 354 -31.50 -24.77 -15.32
CA GLU A 354 -32.46 -23.75 -14.91
C GLU A 354 -32.08 -22.41 -15.48
N PRO A 355 -32.95 -21.76 -16.27
CA PRO A 355 -32.68 -20.39 -16.72
C PRO A 355 -32.94 -19.36 -15.65
N ARG A 356 -33.71 -19.71 -14.62
CA ARG A 356 -33.97 -18.82 -13.47
C ARG A 356 -32.82 -18.97 -12.47
N GLU A 357 -31.70 -18.35 -12.81
CA GLU A 357 -30.45 -18.49 -12.06
C GLU A 357 -30.56 -17.71 -10.74
N LEU A 358 -31.23 -18.34 -9.78
CA LEU A 358 -31.42 -17.75 -8.46
C LEU A 358 -30.28 -18.03 -7.50
N PHE A 359 -29.11 -18.43 -8.03
CA PHE A 359 -27.93 -18.66 -7.21
C PHE A 359 -26.68 -17.95 -7.71
N VAL A 360 -26.66 -17.47 -8.96
CA VAL A 360 -25.55 -16.69 -9.48
C VAL A 360 -25.91 -15.22 -9.61
N LYS A 361 -27.18 -14.89 -9.82
CA LYS A 361 -27.62 -13.51 -9.94
C LYS A 361 -28.94 -13.30 -9.19
N GLY A 362 -29.05 -13.85 -7.98
CA GLY A 362 -30.27 -13.74 -7.19
C GLY A 362 -29.96 -13.29 -5.78
N THR A 363 -31.04 -13.11 -5.01
CA THR A 363 -30.96 -12.61 -3.65
C THR A 363 -31.52 -13.67 -2.69
N MET A 364 -31.56 -13.31 -1.40
CA MET A 364 -32.10 -14.22 -0.40
C MET A 364 -33.59 -14.49 -0.63
N LYS A 365 -34.34 -13.45 -0.99
CA LYS A 365 -35.78 -13.60 -1.17
C LYS A 365 -36.11 -14.47 -2.37
N ASP A 366 -35.33 -14.33 -3.44
CA ASP A 366 -35.54 -15.14 -4.66
C ASP A 366 -35.44 -16.62 -4.37
N ILE A 367 -34.69 -16.99 -3.34
CA ILE A 367 -34.49 -18.38 -2.97
C ILE A 367 -35.55 -18.77 -1.95
N ARG A 368 -35.80 -17.86 -0.98
CA ARG A 368 -36.79 -18.15 0.04
C ARG A 368 -38.17 -18.34 -0.56
N GLU A 369 -38.41 -17.78 -1.75
CA GLU A 369 -39.66 -18.01 -2.46
C GLU A 369 -39.65 -19.29 -3.28
N ASN A 370 -38.71 -19.44 -4.22
CA ASN A 370 -38.63 -20.67 -5.02
C ASN A 370 -37.74 -21.73 -4.39
N PHE A 371 -37.89 -21.92 -3.09
CA PHE A 371 -37.21 -22.99 -2.36
C PHE A 371 -37.55 -24.37 -2.92
N GLN A 372 -38.85 -24.65 -3.08
CA GLN A 372 -39.27 -25.99 -3.47
C GLN A 372 -38.95 -26.33 -4.92
N ASP A 373 -38.55 -25.35 -5.73
CA ASP A 373 -38.11 -25.61 -7.09
C ASP A 373 -36.59 -25.64 -7.21
N LEU A 374 -35.89 -24.77 -6.49
CA LEU A 374 -34.44 -24.86 -6.46
C LEU A 374 -33.98 -26.17 -5.85
N MET A 375 -34.68 -26.66 -4.82
CA MET A 375 -34.34 -27.96 -4.26
C MET A 375 -34.63 -29.08 -5.24
N GLN A 376 -35.70 -28.97 -6.01
CA GLN A 376 -35.95 -29.99 -7.03
C GLN A 376 -34.83 -30.02 -8.06
N TYR A 377 -34.37 -28.85 -8.50
CA TYR A 377 -33.26 -28.82 -9.44
C TYR A 377 -31.98 -29.40 -8.83
N CYS A 378 -31.72 -29.08 -7.55
CA CYS A 378 -30.56 -29.65 -6.89
C CYS A 378 -30.69 -31.18 -6.77
N ALA A 379 -31.90 -31.65 -6.45
CA ALA A 379 -32.12 -33.08 -6.33
C ALA A 379 -31.90 -33.80 -7.65
N GLN A 380 -32.35 -33.21 -8.76
CA GLN A 380 -32.12 -33.85 -10.05
C GLN A 380 -30.64 -33.82 -10.43
N ASP A 381 -29.92 -32.75 -10.04
CA ASP A 381 -28.48 -32.75 -10.24
C ASP A 381 -27.81 -33.86 -9.46
N VAL A 382 -28.21 -34.07 -8.21
CA VAL A 382 -27.66 -35.14 -7.40
C VAL A 382 -27.98 -36.50 -8.02
N TRP A 383 -29.19 -36.65 -8.53
CA TRP A 383 -29.58 -37.92 -9.17
C TRP A 383 -28.74 -38.19 -10.41
N ALA A 384 -28.50 -37.17 -11.22
CA ALA A 384 -27.64 -37.34 -12.39
C ALA A 384 -26.22 -37.71 -11.98
N THR A 385 -25.71 -37.07 -10.93
CA THR A 385 -24.38 -37.40 -10.44
C THR A 385 -24.31 -38.84 -9.97
N HIS A 386 -25.34 -39.30 -9.26
CA HIS A 386 -25.36 -40.68 -8.79
C HIS A 386 -25.40 -41.67 -9.94
N GLU A 387 -26.24 -41.39 -10.95
CA GLU A 387 -26.32 -42.29 -12.10
C GLU A 387 -24.99 -42.36 -12.83
N VAL A 388 -24.34 -41.20 -13.04
CA VAL A 388 -23.07 -41.24 -13.75
C VAL A 388 -21.98 -41.85 -12.89
N PHE A 389 -22.07 -41.72 -11.56
CA PHE A 389 -21.13 -42.44 -10.70
C PHE A 389 -21.30 -43.94 -10.86
N GLN A 390 -22.55 -44.40 -10.92
CA GLN A 390 -22.78 -45.82 -11.19
C GLN A 390 -22.17 -46.23 -12.52
N GLN A 391 -22.30 -45.39 -13.54
CA GLN A 391 -21.76 -45.74 -14.85
C GLN A 391 -20.24 -45.59 -14.92
N GLN A 392 -19.62 -44.88 -13.97
CA GLN A 392 -18.19 -44.59 -14.02
C GLN A 392 -17.34 -45.47 -13.12
N LEU A 393 -17.79 -45.78 -11.91
CA LEU A 393 -16.92 -46.48 -10.96
C LEU A 393 -16.38 -47.79 -11.50
N PRO A 394 -17.19 -48.69 -12.08
CA PRO A 394 -16.60 -49.89 -12.69
C PRO A 394 -15.59 -49.57 -13.78
N LEU A 395 -15.88 -48.55 -14.60
CA LEU A 395 -14.94 -48.16 -15.64
C LEU A 395 -13.64 -47.65 -15.06
N PHE A 396 -13.72 -46.87 -13.97
CA PHE A 396 -12.51 -46.37 -13.34
C PHE A 396 -11.67 -47.50 -12.75
N LEU A 397 -12.31 -48.40 -12.00
CA LEU A 397 -11.57 -49.51 -11.41
C LEU A 397 -11.03 -50.45 -12.48
N GLU A 398 -11.67 -50.50 -13.65
CA GLU A 398 -11.12 -51.30 -14.74
C GLU A 398 -9.92 -50.61 -15.38
N ARG A 399 -9.99 -49.29 -15.58
CA ARG A 399 -8.96 -48.55 -16.28
C ARG A 399 -7.84 -48.07 -15.36
N CYS A 400 -8.04 -48.10 -14.04
CA CYS A 400 -7.02 -47.73 -13.06
C CYS A 400 -6.91 -48.88 -12.06
N PRO A 401 -6.27 -49.98 -12.46
CA PRO A 401 -6.34 -51.19 -11.63
C PRO A 401 -5.53 -51.11 -10.35
N HIS A 402 -4.38 -50.44 -10.37
CA HIS A 402 -3.50 -50.44 -9.21
C HIS A 402 -4.14 -49.69 -8.05
N PRO A 403 -4.18 -50.28 -6.85
CA PRO A 403 -4.78 -49.58 -5.70
C PRO A 403 -4.05 -48.30 -5.35
N VAL A 404 -2.79 -48.14 -5.75
CA VAL A 404 -2.05 -46.93 -5.44
C VAL A 404 -2.71 -45.71 -6.08
N THR A 405 -3.26 -45.89 -7.29
CA THR A 405 -3.92 -44.78 -7.95
C THR A 405 -5.09 -44.24 -7.14
N LEU A 406 -6.00 -45.14 -6.74
CA LEU A 406 -7.16 -44.70 -5.97
C LEU A 406 -6.74 -44.17 -4.60
N ALA A 407 -5.75 -44.81 -3.97
CA ALA A 407 -5.32 -44.34 -2.65
C ALA A 407 -4.72 -42.94 -2.73
N GLY A 408 -3.88 -42.69 -3.73
CA GLY A 408 -3.32 -41.37 -3.92
C GLY A 408 -4.38 -40.34 -4.23
N MET A 409 -5.36 -40.71 -5.07
CA MET A 409 -6.46 -39.79 -5.35
C MET A 409 -7.25 -39.47 -4.10
N LEU A 410 -7.48 -40.47 -3.25
CA LEU A 410 -8.21 -40.24 -2.00
C LEU A 410 -7.42 -39.38 -1.04
N GLU A 411 -6.09 -39.42 -1.12
CA GLU A 411 -5.27 -38.59 -0.24
C GLU A 411 -4.77 -37.31 -0.89
N MET A 412 -4.74 -37.24 -2.22
CA MET A 412 -4.39 -35.99 -2.89
C MET A 412 -5.48 -34.93 -2.73
N GLY A 413 -6.71 -35.33 -2.43
CA GLY A 413 -7.79 -34.38 -2.34
C GLY A 413 -8.25 -34.06 -0.93
N VAL A 414 -7.32 -34.07 0.03
CA VAL A 414 -7.61 -33.60 1.38
C VAL A 414 -6.62 -32.50 1.76
N SER A 415 -6.22 -31.69 0.78
CA SER A 415 -5.27 -30.62 1.01
C SER A 415 -5.78 -29.67 2.09
N TYR A 416 -4.82 -28.97 2.72
CA TYR A 416 -5.13 -28.20 3.93
C TYR A 416 -4.05 -27.13 4.10
N LEU A 417 -4.44 -25.87 4.03
CA LEU A 417 -3.50 -24.76 4.16
C LEU A 417 -3.84 -23.91 5.38
N PRO A 418 -3.08 -24.03 6.48
CA PRO A 418 -3.40 -23.22 7.66
C PRO A 418 -3.01 -21.76 7.45
N VAL A 419 -3.68 -20.90 8.21
CA VAL A 419 -3.49 -19.46 8.14
C VAL A 419 -3.63 -18.89 9.55
N ASN A 420 -3.48 -17.58 9.66
CA ASN A 420 -3.55 -16.86 10.92
C ASN A 420 -4.12 -15.48 10.64
N GLN A 421 -4.07 -14.61 11.64
CA GLN A 421 -4.61 -13.26 11.46
C GLN A 421 -3.81 -12.45 10.45
N ASN A 422 -2.61 -12.90 10.10
CA ASN A 422 -1.82 -12.20 9.08
C ASN A 422 -2.36 -12.38 7.68
N TRP A 423 -3.35 -13.25 7.49
CA TRP A 423 -4.00 -13.33 6.19
C TRP A 423 -4.82 -12.09 5.90
N GLU A 424 -5.61 -11.64 6.89
CA GLU A 424 -6.34 -10.39 6.73
C GLU A 424 -5.38 -9.20 6.64
N ARG A 425 -4.24 -9.24 7.29
CA ARG A 425 -3.27 -8.17 7.12
C ARG A 425 -2.68 -8.25 5.73
N TYR A 426 -2.42 -9.46 5.25
CA TYR A 426 -1.92 -9.58 3.88
C TYR A 426 -2.91 -8.99 2.88
N LEU A 427 -4.18 -9.38 2.99
CA LEU A 427 -5.18 -8.88 2.05
C LEU A 427 -5.36 -7.38 2.17
N ALA A 428 -5.46 -6.88 3.40
CA ALA A 428 -5.67 -5.46 3.62
C ALA A 428 -4.50 -4.64 3.10
N GLU A 429 -3.28 -5.07 3.40
CA GLU A 429 -2.10 -4.32 2.97
C GLU A 429 -1.89 -4.42 1.49
N ALA A 430 -2.18 -5.58 0.92
CA ALA A 430 -2.06 -5.73 -0.52
C ALA A 430 -3.07 -4.86 -1.26
N GLN A 431 -4.32 -4.83 -0.80
CA GLN A 431 -5.32 -3.98 -1.44
C GLN A 431 -5.00 -2.51 -1.23
N GLY A 432 -4.53 -2.14 -0.04
CA GLY A 432 -4.17 -0.76 0.20
C GLY A 432 -3.00 -0.32 -0.65
N THR A 433 -1.99 -1.18 -0.80
CA THR A 433 -0.87 -0.87 -1.67
C THR A 433 -1.29 -0.84 -3.12
N TYR A 434 -2.23 -1.69 -3.52
CA TYR A 434 -2.74 -1.67 -4.89
C TYR A 434 -3.44 -0.34 -5.18
N GLU A 435 -4.28 0.10 -4.25
CA GLU A 435 -4.96 1.39 -4.41
C GLU A 435 -3.97 2.55 -4.37
N GLU A 436 -2.98 2.49 -3.48
CA GLU A 436 -1.99 3.55 -3.37
C GLU A 436 -1.14 3.64 -4.63
N LEU A 437 -0.73 2.51 -5.18
CA LEU A 437 0.05 2.51 -6.40
C LEU A 437 -0.80 2.87 -7.60
N GLN A 438 -2.10 2.55 -7.57
CA GLN A 438 -2.99 3.02 -8.62
C GLN A 438 -3.15 4.54 -8.58
N ARG A 439 -3.28 5.11 -7.39
CA ARG A 439 -3.31 6.57 -7.27
C ARG A 439 -2.01 7.18 -7.73
N GLU A 440 -0.88 6.57 -7.36
CA GLU A 440 0.42 7.08 -7.78
C GLU A 440 0.57 7.00 -9.29
N MET A 441 0.11 5.92 -9.89
CA MET A 441 0.18 5.77 -11.35
C MET A 441 -0.75 6.75 -12.04
N LYS A 442 -1.95 6.96 -11.50
CA LYS A 442 -2.86 7.94 -12.09
C LYS A 442 -2.30 9.34 -11.99
N LYS A 443 -1.67 9.69 -10.86
CA LYS A 443 -1.06 11.00 -10.71
C LYS A 443 0.12 11.14 -11.65
N SER A 444 0.86 10.07 -11.86
CA SER A 444 1.93 10.13 -12.85
C SER A 444 1.39 10.33 -14.25
N LEU A 445 0.25 9.70 -14.56
CA LEU A 445 -0.37 9.88 -15.88
C LEU A 445 -0.87 11.30 -16.06
N MET A 446 -1.52 11.85 -15.03
CA MET A 446 -1.97 13.23 -15.08
C MET A 446 -0.80 14.20 -15.21
N ASP A 447 0.32 13.90 -14.53
CA ASP A 447 1.50 14.73 -14.67
C ASP A 447 2.09 14.63 -16.07
N LEU A 448 2.04 13.44 -16.67
CA LEU A 448 2.48 13.29 -18.05
C LEU A 448 1.60 14.10 -18.99
N ALA A 449 0.29 14.07 -18.76
CA ALA A 449 -0.63 14.88 -19.56
C ALA A 449 -0.33 16.37 -19.41
N ASN A 450 -0.15 16.82 -18.17
CA ASN A 450 0.13 18.23 -17.92
C ASN A 450 1.43 18.65 -18.58
N ASP A 451 2.47 17.83 -18.48
CA ASP A 451 3.71 18.11 -19.20
C ASP A 451 3.56 17.95 -20.70
N ALA A 452 2.46 17.36 -21.17
CA ALA A 452 2.22 17.21 -22.59
C ALA A 452 1.51 18.40 -23.21
N CYS A 453 0.74 19.16 -22.45
CA CYS A 453 0.10 20.34 -23.00
C CYS A 453 1.12 21.33 -23.53
N GLN A 454 2.19 21.51 -22.80
CA GLN A 454 3.20 22.50 -23.17
C GLN A 454 3.75 22.29 -24.57
N LEU A 455 3.48 21.14 -25.20
CA LEU A 455 3.78 20.99 -26.61
C LEU A 455 2.90 21.87 -27.48
N LEU A 456 1.76 22.31 -26.97
CA LEU A 456 0.89 23.21 -27.73
C LEU A 456 1.57 24.54 -27.99
N SER A 457 2.26 25.08 -26.98
CA SER A 457 2.96 26.34 -27.11
C SER A 457 3.98 26.28 -28.25
N GLY A 458 3.73 27.03 -29.32
CA GLY A 458 4.58 26.95 -30.49
C GLY A 458 4.32 25.77 -31.38
N GLU A 459 3.23 25.04 -31.14
CA GLU A 459 2.88 23.85 -31.93
C GLU A 459 4.03 22.84 -31.96
N ARG A 460 4.59 22.57 -30.78
CA ARG A 460 5.65 21.58 -30.67
C ARG A 460 5.13 20.16 -30.72
N TYR A 461 3.81 19.96 -30.57
CA TYR A 461 3.26 18.61 -30.62
C TYR A 461 3.41 17.97 -31.99
N LYS A 462 3.57 18.77 -33.05
CA LYS A 462 3.65 18.23 -34.40
C LYS A 462 4.91 17.41 -34.63
N GLU A 463 5.88 17.48 -33.72
CA GLU A 463 7.10 16.69 -33.82
C GLU A 463 7.23 15.61 -32.76
N ASP A 464 6.33 15.59 -31.77
CA ASP A 464 6.37 14.54 -30.76
C ASP A 464 6.00 13.21 -31.42
N PRO A 465 6.84 12.18 -31.29
CA PRO A 465 6.53 10.90 -31.96
C PRO A 465 5.30 10.20 -31.43
N TRP A 466 4.75 10.62 -30.29
CA TRP A 466 3.62 9.94 -29.69
C TRP A 466 2.32 10.72 -29.75
N LEU A 467 2.36 12.04 -29.61
CA LEU A 467 1.14 12.85 -29.51
C LEU A 467 0.87 13.66 -30.79
N TRP A 468 1.51 13.30 -31.90
CA TRP A 468 1.37 14.09 -33.11
C TRP A 468 -0.02 13.95 -33.73
N ASP A 469 -0.65 12.79 -33.57
CA ASP A 469 -1.90 12.49 -34.27
C ASP A 469 -3.14 12.70 -33.40
N LEU A 470 -3.00 13.34 -32.25
CA LEU A 470 -4.14 13.60 -31.38
C LEU A 470 -4.89 14.84 -31.88
N GLU A 471 -5.89 15.25 -31.10
CA GLU A 471 -6.66 16.45 -31.42
C GLU A 471 -6.27 17.60 -30.52
N TRP A 472 -5.58 18.58 -31.06
CA TRP A 472 -5.10 19.72 -30.30
C TRP A 472 -5.93 20.99 -30.51
N ASP A 473 -7.09 20.87 -31.16
CA ASP A 473 -7.85 22.06 -31.56
C ASP A 473 -8.29 22.87 -30.35
N LEU A 474 -8.41 24.18 -30.56
CA LEU A 474 -8.80 25.14 -29.55
C LEU A 474 -10.17 25.74 -29.87
N GLN A 475 -10.85 26.20 -28.83
CA GLN A 475 -12.13 26.86 -28.95
C GLN A 475 -12.04 28.25 -28.34
N GLU A 476 -12.84 29.17 -28.87
CA GLU A 476 -12.88 30.54 -28.41
C GLU A 476 -14.05 30.75 -27.45
N PHE A 477 -13.91 31.73 -26.59
CA PHE A 477 -14.99 32.03 -25.69
C PHE A 477 -16.15 32.48 -26.55
N LYS A 478 -17.36 32.51 -25.99
CA LYS A 478 -18.56 32.81 -26.76
C LYS A 478 -19.27 34.05 -26.25
N GLN A 479 -19.75 33.98 -25.00
CA GLN A 479 -20.55 35.08 -24.44
C GLN A 479 -21.81 35.21 -25.28
N LYS A 480 -22.21 36.44 -25.61
CA LYS A 480 -23.35 36.62 -26.50
C LYS A 480 -23.09 37.77 -27.48
N LEU A 512 4.79 61.15 -0.49
CA LEU A 512 5.09 59.92 0.22
C LEU A 512 4.75 60.04 1.70
N GLY A 513 3.85 59.20 2.17
CA GLY A 513 3.43 59.21 3.56
C GLY A 513 2.19 58.38 3.79
N PRO A 514 1.68 58.40 5.02
CA PRO A 514 0.47 57.64 5.34
C PRO A 514 -0.78 58.34 4.82
N CYS A 515 -1.87 57.58 4.80
CA CYS A 515 -3.18 58.09 4.42
C CYS A 515 -4.10 58.12 5.63
N SER A 516 -4.97 59.12 5.68
CA SER A 516 -5.88 59.26 6.79
C SER A 516 -6.90 58.12 6.80
N GLU A 517 -7.55 57.93 7.95
CA GLU A 517 -8.52 56.85 8.09
C GLU A 517 -9.69 57.04 7.13
N GLU A 518 -10.18 58.28 7.00
CA GLU A 518 -11.29 58.55 6.10
C GLU A 518 -10.91 58.28 4.64
N GLU A 519 -9.71 58.70 4.24
CA GLU A 519 -9.28 58.46 2.86
C GLU A 519 -9.10 56.98 2.58
N GLU A 520 -8.55 56.23 3.55
CA GLU A 520 -8.40 54.79 3.39
C GLU A 520 -9.76 54.12 3.26
N PHE A 521 -10.72 54.50 4.11
CA PHE A 521 -12.07 53.95 4.03
C PHE A 521 -12.72 54.28 2.69
N GLN A 522 -12.54 55.51 2.21
CA GLN A 522 -13.13 55.92 0.93
C GLN A 522 -12.54 55.12 -0.22
N GLN A 523 -11.22 54.92 -0.23
CA GLN A 523 -10.59 54.13 -1.29
C GLN A 523 -11.06 52.69 -1.26
N ASP A 524 -11.16 52.11 -0.06
CA ASP A 524 -11.66 50.74 0.06
C ASP A 524 -13.08 50.62 -0.47
N VAL A 525 -13.95 51.56 -0.08
CA VAL A 525 -15.34 51.52 -0.54
C VAL A 525 -15.41 51.69 -2.05
N MET A 526 -14.60 52.60 -2.60
CA MET A 526 -14.61 52.83 -4.05
C MET A 526 -14.16 51.58 -4.80
N ALA A 527 -13.10 50.92 -4.32
CA ALA A 527 -12.63 49.70 -4.98
C ALA A 527 -13.68 48.60 -4.92
N ARG A 528 -14.30 48.40 -3.75
CA ARG A 528 -15.32 47.36 -3.62
C ARG A 528 -16.52 47.68 -4.51
N ALA A 529 -16.91 48.95 -4.59
CA ALA A 529 -18.02 49.33 -5.45
C ALA A 529 -17.71 49.07 -6.92
N CYS A 530 -16.48 49.38 -7.35
CA CYS A 530 -16.10 49.11 -8.72
C CYS A 530 -16.12 47.61 -9.02
N LEU A 531 -15.64 46.80 -8.07
CA LEU A 531 -15.69 45.35 -8.26
C LEU A 531 -17.12 44.85 -8.36
N GLN A 532 -18.01 45.35 -7.49
CA GLN A 532 -19.41 44.92 -7.53
C GLN A 532 -20.08 45.35 -8.83
N LYS A 533 -19.75 46.54 -9.31
CA LYS A 533 -20.27 46.99 -10.60
C LYS A 533 -19.80 46.07 -11.72
N LEU A 534 -18.54 45.64 -11.67
CA LEU A 534 -18.03 44.74 -12.70
C LEU A 534 -18.67 43.36 -12.60
N LYS A 535 -19.03 42.92 -11.40
CA LYS A 535 -19.64 41.61 -11.20
C LYS A 535 -21.13 41.58 -11.56
N GLY A 536 -21.64 42.60 -12.22
CA GLY A 536 -23.03 42.62 -12.62
C GLY A 536 -23.21 42.51 -14.12
N THR A 537 -22.12 42.26 -14.84
CA THR A 537 -22.19 42.20 -16.30
C THR A 537 -22.44 40.79 -16.81
N THR A 538 -22.91 39.90 -15.96
CA THR A 538 -23.20 38.53 -16.36
C THR A 538 -24.31 38.44 -17.39
N GLU A 539 -24.90 39.56 -17.79
CA GLU A 539 -26.00 39.55 -18.74
C GLU A 539 -25.57 39.11 -20.13
N LEU A 540 -24.27 39.08 -20.41
CA LEU A 540 -23.77 38.76 -21.73
C LEU A 540 -23.22 37.35 -21.85
N LEU A 541 -22.90 36.69 -20.74
CA LEU A 541 -22.34 35.35 -20.81
C LEU A 541 -23.42 34.36 -21.27
N PRO A 542 -23.02 33.28 -21.95
CA PRO A 542 -24.02 32.36 -22.49
C PRO A 542 -24.67 31.51 -21.41
N LYS A 543 -25.81 30.92 -21.76
CA LYS A 543 -26.55 30.11 -20.80
C LYS A 543 -25.78 28.86 -20.42
N ARG A 544 -25.22 28.16 -21.41
CA ARG A 544 -24.42 26.98 -21.15
C ARG A 544 -22.95 27.37 -21.18
N PRO A 545 -22.23 27.34 -20.05
CA PRO A 545 -20.81 27.70 -20.07
C PRO A 545 -20.01 26.73 -20.93
N GLN A 546 -19.02 27.27 -21.63
CA GLN A 546 -18.11 26.40 -22.37
C GLN A 546 -17.29 25.56 -21.41
N HIS A 547 -16.61 24.56 -21.95
CA HIS A 547 -15.81 23.64 -21.15
C HIS A 547 -14.36 23.76 -21.61
N LEU A 548 -13.58 24.53 -20.87
CA LEU A 548 -12.14 24.68 -21.10
C LEU A 548 -11.80 24.94 -22.57
N PRO A 549 -12.31 26.01 -23.16
CA PRO A 549 -11.99 26.30 -24.56
C PRO A 549 -10.52 26.59 -24.80
N GLY A 550 -9.78 26.97 -23.75
CA GLY A 550 -8.36 27.26 -23.92
C GLY A 550 -7.47 26.03 -23.97
N HIS A 551 -7.96 24.90 -23.49
CA HIS A 551 -7.17 23.68 -23.51
C HIS A 551 -7.29 22.98 -24.87
N PRO A 552 -6.30 22.18 -25.24
CA PRO A 552 -6.36 21.50 -26.54
C PRO A 552 -7.44 20.43 -26.56
N GLY A 553 -7.73 19.96 -27.78
CA GLY A 553 -8.88 19.11 -27.97
C GLY A 553 -8.82 17.81 -27.18
N TRP A 554 -7.68 17.12 -27.26
CA TRP A 554 -7.56 15.85 -26.56
C TRP A 554 -7.57 16.00 -25.06
N TYR A 555 -7.37 17.22 -24.56
CA TYR A 555 -7.39 17.44 -23.11
C TYR A 555 -8.81 17.58 -22.59
N ARG A 556 -9.66 18.30 -23.30
CA ARG A 556 -11.01 18.56 -22.81
C ARG A 556 -11.76 17.27 -22.55
N LYS A 557 -11.49 16.22 -23.33
CA LYS A 557 -12.07 14.92 -23.04
C LYS A 557 -11.59 14.39 -21.68
N LEU A 558 -10.29 14.53 -21.42
CA LEU A 558 -9.73 14.01 -20.17
C LEU A 558 -10.28 14.76 -18.97
N CYS A 559 -10.22 16.09 -19.00
CA CYS A 559 -10.63 16.87 -17.86
C CYS A 559 -12.15 16.82 -17.72
N PRO A 560 -12.68 16.57 -16.52
CA PRO A 560 -14.13 16.44 -16.37
C PRO A 560 -14.85 17.75 -16.66
N ARG A 561 -16.18 17.69 -16.69
CA ARG A 561 -16.96 18.89 -16.92
C ARG A 561 -16.89 19.80 -15.72
N LEU A 562 -16.56 21.06 -15.96
CA LEU A 562 -16.47 22.03 -14.87
C LEU A 562 -17.75 22.10 -14.04
N ASP A 563 -18.87 21.70 -14.61
CA ASP A 563 -20.17 21.82 -13.92
C ASP A 563 -20.61 20.55 -13.20
N ASP A 564 -19.81 19.49 -13.28
CA ASP A 564 -20.17 18.23 -12.68
C ASP A 564 -20.15 18.34 -11.15
N PRO A 565 -21.03 17.61 -10.47
CA PRO A 565 -21.00 17.58 -9.00
C PRO A 565 -19.85 16.76 -8.44
N ALA A 566 -19.11 16.04 -9.27
CA ALA A 566 -17.97 15.23 -8.85
C ALA A 566 -16.75 15.59 -9.68
N TRP A 567 -16.52 16.88 -9.84
CA TRP A 567 -15.40 17.36 -10.64
C TRP A 567 -14.12 17.38 -9.81
N THR A 568 -13.01 16.96 -10.45
CA THR A 568 -11.69 16.99 -9.82
C THR A 568 -10.76 17.59 -10.87
N PRO A 569 -9.71 18.31 -10.47
CA PRO A 569 -8.89 19.06 -11.43
C PRO A 569 -7.92 18.18 -12.19
N GLY A 570 -7.46 18.71 -13.32
CA GLY A 570 -6.51 18.01 -14.15
C GLY A 570 -7.19 16.94 -14.96
N PRO A 571 -6.42 16.17 -15.71
CA PRO A 571 -7.02 15.07 -16.49
C PRO A 571 -7.51 13.95 -15.61
N SER A 572 -8.57 14.21 -14.84
CA SER A 572 -8.98 13.25 -13.83
C SER A 572 -9.67 12.02 -14.40
N LEU A 573 -9.95 12.00 -15.70
CA LEU A 573 -10.54 10.82 -16.33
C LEU A 573 -9.51 9.98 -17.08
N LEU A 574 -8.24 10.36 -17.04
CA LEU A 574 -7.22 9.60 -17.76
C LEU A 574 -7.02 8.24 -17.11
N SER A 575 -6.75 7.23 -17.94
CA SER A 575 -6.60 5.86 -17.48
C SER A 575 -5.69 5.11 -18.44
N LEU A 576 -5.29 3.91 -18.01
CA LEU A 576 -4.36 3.10 -18.80
C LEU A 576 -4.99 2.61 -20.10
N GLN A 577 -6.29 2.29 -20.07
CA GLN A 577 -6.91 1.63 -21.21
C GLN A 577 -7.16 2.58 -22.38
N MET A 578 -7.13 3.89 -22.15
CA MET A 578 -7.35 4.83 -23.23
C MET A 578 -6.24 4.75 -24.26
N ARG A 579 -6.57 5.17 -25.48
CA ARG A 579 -5.59 5.22 -26.56
C ARG A 579 -4.61 6.37 -26.43
N VAL A 580 -4.61 7.05 -25.28
CA VAL A 580 -3.71 8.16 -25.03
C VAL A 580 -2.55 7.76 -24.13
N THR A 581 -2.82 6.97 -23.10
CA THR A 581 -1.84 6.63 -22.07
C THR A 581 -0.56 6.05 -22.66
N PRO A 582 -0.60 5.08 -23.60
CA PRO A 582 0.66 4.61 -24.20
C PRO A 582 1.28 5.61 -25.15
N LYS A 583 0.73 6.80 -25.23
CA LYS A 583 1.38 7.93 -25.89
C LYS A 583 1.90 8.97 -24.91
N LEU A 584 1.24 9.12 -23.76
CA LEU A 584 1.76 9.99 -22.72
C LEU A 584 2.93 9.35 -21.99
N MET A 585 2.88 8.02 -21.79
CA MET A 585 4.04 7.30 -21.29
C MET A 585 5.17 7.25 -22.32
N ALA A 586 4.87 7.57 -23.57
CA ALA A 586 5.83 7.46 -24.66
C ALA A 586 6.40 6.05 -24.75
N LEU A 587 5.53 5.05 -24.61
CA LEU A 587 5.97 3.66 -24.59
C LEU A 587 6.76 3.33 -25.85
N THR A 588 7.87 2.64 -25.66
CA THR A 588 8.71 2.16 -26.75
C THR A 588 8.80 0.66 -26.68
N TRP A 589 8.49 -0.01 -27.78
CA TRP A 589 8.67 -1.45 -27.90
C TRP A 589 9.99 -1.70 -28.62
N ASP A 590 10.99 -2.19 -27.90
CA ASP A 590 12.34 -2.36 -28.44
C ASP A 590 12.86 -1.05 -29.02
N GLY A 591 12.64 0.04 -28.28
CA GLY A 591 13.04 1.35 -28.75
C GLY A 591 12.20 1.92 -29.87
N PHE A 592 10.96 1.48 -30.01
CA PHE A 592 10.09 1.91 -31.09
C PHE A 592 8.77 2.43 -30.52
N PRO A 593 8.37 3.66 -30.84
CA PRO A 593 7.15 4.21 -30.26
C PRO A 593 5.91 3.45 -30.67
N LEU A 594 4.94 3.40 -29.77
CA LEU A 594 3.69 2.69 -30.02
C LEU A 594 2.73 3.55 -30.81
N HIS A 595 2.06 2.95 -31.79
CA HIS A 595 1.12 3.64 -32.66
C HIS A 595 -0.16 2.83 -32.79
N TYR A 596 -1.28 3.53 -32.91
CA TYR A 596 -2.58 2.89 -33.02
C TYR A 596 -3.16 3.12 -34.41
N SER A 597 -3.71 2.07 -34.99
CA SER A 597 -4.44 2.14 -36.24
C SER A 597 -5.80 1.46 -36.05
N GLU A 598 -6.85 2.09 -36.60
CA GLU A 598 -8.19 1.52 -36.47
C GLU A 598 -8.28 0.16 -37.14
N ARG A 599 -7.66 0.02 -38.31
CA ARG A 599 -7.76 -1.21 -39.08
C ARG A 599 -7.09 -2.38 -38.35
N HIS A 600 -5.92 -2.15 -37.76
CA HIS A 600 -5.08 -3.24 -37.28
C HIS A 600 -4.96 -3.30 -35.77
N GLY A 601 -4.86 -2.16 -35.09
CA GLY A 601 -4.79 -2.16 -33.64
C GLY A 601 -3.49 -1.55 -33.17
N TRP A 602 -3.10 -1.89 -31.95
CA TRP A 602 -1.89 -1.34 -31.35
C TRP A 602 -0.66 -1.99 -31.95
N GLY A 603 0.20 -1.17 -32.56
CA GLY A 603 1.45 -1.62 -33.13
C GLY A 603 2.59 -0.76 -32.64
N TYR A 604 3.59 -0.61 -33.52
CA TYR A 604 4.72 0.28 -33.24
C TYR A 604 5.34 0.69 -34.56
N LEU A 605 6.09 1.78 -34.53
CA LEU A 605 6.72 2.36 -35.71
C LEU A 605 8.23 2.32 -35.55
N VAL A 606 8.92 2.15 -36.67
CA VAL A 606 10.38 2.09 -36.67
C VAL A 606 10.97 3.44 -37.03
N ASN A 718 4.12 -7.71 -36.62
CA ASN A 718 3.57 -8.76 -37.47
C ASN A 718 3.48 -8.30 -38.91
N GLY A 719 4.56 -7.70 -39.42
CA GLY A 719 4.63 -7.29 -40.79
C GLY A 719 4.32 -5.82 -40.98
N PRO A 720 4.91 -5.20 -42.00
CA PRO A 720 4.68 -3.78 -42.32
C PRO A 720 3.40 -3.53 -43.10
N TYR A 721 2.29 -3.44 -42.37
CA TYR A 721 1.01 -3.16 -43.00
C TYR A 721 1.03 -1.82 -43.71
N ASN A 722 0.51 -1.79 -44.93
CA ASN A 722 0.50 -0.59 -45.75
C ASN A 722 -0.77 0.24 -45.61
N ASP A 723 -1.74 -0.22 -44.83
CA ASP A 723 -2.93 0.58 -44.57
C ASP A 723 -2.56 1.87 -43.82
N VAL A 724 -1.65 1.73 -42.87
CA VAL A 724 -1.18 2.88 -42.11
C VAL A 724 -0.18 3.62 -42.98
N ASP A 725 -0.34 4.92 -43.13
CA ASP A 725 0.51 5.72 -44.02
C ASP A 725 1.34 6.74 -43.24
N ILE A 726 1.86 6.35 -42.08
CA ILE A 726 2.73 7.26 -41.33
C ILE A 726 4.00 7.52 -42.14
N PRO A 727 4.38 8.77 -42.35
CA PRO A 727 5.51 9.06 -43.26
C PRO A 727 6.81 8.48 -42.77
N GLY A 728 7.37 7.56 -43.55
CA GLY A 728 8.68 6.99 -43.26
C GLY A 728 8.71 5.91 -42.21
N CYS A 729 7.57 5.52 -41.66
CA CYS A 729 7.51 4.52 -40.60
C CYS A 729 6.81 3.26 -41.10
N TRP A 730 7.19 2.12 -40.52
CA TRP A 730 6.62 0.83 -40.84
C TRP A 730 5.79 0.36 -39.66
N PHE A 731 4.48 0.24 -39.85
CA PHE A 731 3.58 -0.13 -38.76
C PHE A 731 3.62 -1.64 -38.58
N PHE A 732 4.38 -2.09 -37.60
CA PHE A 732 4.40 -3.50 -37.21
C PHE A 732 3.45 -3.69 -36.04
N LYS A 733 2.48 -4.59 -36.20
CA LYS A 733 1.55 -4.86 -35.13
C LYS A 733 2.27 -5.47 -33.93
N LEU A 734 1.71 -5.26 -32.76
CA LEU A 734 2.20 -5.95 -31.57
C LEU A 734 1.81 -7.41 -31.64
N PRO A 735 2.74 -8.35 -31.42
CA PRO A 735 2.38 -9.77 -31.48
C PRO A 735 1.29 -10.10 -30.47
N HIS A 736 0.32 -10.88 -30.93
CA HIS A 736 -0.83 -11.28 -30.12
C HIS A 736 -0.81 -12.80 -29.93
N LYS A 737 -1.40 -13.24 -28.83
CA LYS A 737 -1.40 -14.66 -28.52
C LYS A 737 -2.24 -15.48 -29.50
N ASP A 738 -3.07 -14.83 -30.30
CA ASP A 738 -3.93 -15.52 -31.26
C ASP A 738 -3.44 -15.40 -32.69
N GLY A 739 -2.23 -14.92 -32.91
CA GLY A 739 -1.66 -14.87 -34.23
C GLY A 739 -1.72 -13.49 -34.87
N ASN A 740 -1.40 -13.41 -36.15
CA ASN A 740 -1.36 -12.12 -36.84
C ASN A 740 -2.65 -11.77 -37.56
N SER A 741 -3.71 -12.52 -37.30
CA SER A 741 -5.01 -12.21 -37.88
C SER A 741 -5.92 -11.46 -36.93
N CYS A 742 -5.45 -11.07 -35.75
CA CYS A 742 -6.24 -10.40 -34.75
C CYS A 742 -5.75 -8.96 -34.55
N ASN A 743 -6.43 -8.25 -33.66
CA ASN A 743 -6.10 -6.87 -33.33
C ASN A 743 -5.73 -6.76 -31.86
N VAL A 744 -4.88 -5.79 -31.54
CA VAL A 744 -4.51 -5.55 -30.16
C VAL A 744 -5.07 -4.19 -29.79
N GLY A 745 -5.74 -4.11 -28.66
CA GLY A 745 -6.37 -2.89 -28.21
C GLY A 745 -5.80 -2.34 -26.92
N SER A 746 -4.86 -3.07 -26.33
CA SER A 746 -4.25 -2.64 -25.07
C SER A 746 -2.83 -3.16 -24.95
N PRO A 747 -1.81 -2.31 -25.11
CA PRO A 747 -0.43 -2.79 -24.96
C PRO A 747 -0.04 -2.97 -23.51
N PHE A 748 -1.02 -2.87 -22.60
CA PHE A 748 -0.83 -3.18 -21.20
C PHE A 748 -1.52 -4.47 -20.82
N ALA A 749 -1.75 -5.35 -21.80
CA ALA A 749 -2.44 -6.61 -21.57
C ALA A 749 -1.50 -7.63 -20.93
N LYS A 750 -2.11 -8.70 -20.42
CA LYS A 750 -1.35 -9.73 -19.72
C LYS A 750 -0.27 -10.34 -20.61
N ASP A 751 -0.53 -10.43 -21.91
CA ASP A 751 0.44 -11.03 -22.83
C ASP A 751 1.72 -10.23 -22.95
N PHE A 752 1.68 -8.93 -22.68
CA PHE A 752 2.83 -8.07 -22.89
C PHE A 752 3.66 -7.83 -21.63
N LEU A 753 3.25 -8.38 -20.50
CA LEU A 753 4.00 -8.18 -19.26
C LEU A 753 5.45 -8.62 -19.38
N PRO A 754 5.78 -9.80 -19.93
CA PRO A 754 7.20 -10.18 -20.00
C PRO A 754 8.05 -9.23 -20.82
N LYS A 755 7.50 -8.62 -21.86
CA LYS A 755 8.28 -7.75 -22.74
C LYS A 755 8.40 -6.35 -22.14
N LEU A 761 9.09 -3.28 -24.28
CA LEU A 761 8.00 -2.45 -23.79
C LEU A 761 8.45 -1.61 -22.60
N GLN A 762 8.97 -0.41 -22.88
CA GLN A 762 9.48 0.46 -21.84
C GLN A 762 9.19 1.90 -22.20
N ALA A 763 9.05 2.74 -21.17
CA ALA A 763 8.89 4.18 -21.39
C ALA A 763 10.14 4.74 -22.03
N GLY A 764 9.97 5.80 -22.83
CA GLY A 764 11.01 6.28 -23.71
C GLY A 764 11.82 7.43 -23.15
N PRO A 765 11.56 8.63 -23.67
CA PRO A 765 12.41 9.79 -23.33
C PRO A 765 12.30 10.23 -21.88
N GLY A 766 12.96 11.33 -21.56
CA GLY A 766 13.11 11.81 -20.19
C GLY A 766 11.82 11.98 -19.41
N GLY A 767 11.95 12.12 -18.09
CA GLY A 767 10.82 12.15 -17.20
C GLY A 767 10.75 10.88 -16.39
N ALA A 768 10.81 11.02 -15.07
CA ALA A 768 10.83 9.87 -14.17
C ALA A 768 9.43 9.47 -13.73
N SER A 769 8.40 9.87 -14.46
CA SER A 769 7.04 9.50 -14.13
C SER A 769 6.44 8.47 -15.08
N GLY A 770 6.95 8.39 -16.31
CA GLY A 770 6.56 7.34 -17.23
C GLY A 770 7.10 5.99 -16.82
N PRO A 771 8.42 5.87 -16.71
CA PRO A 771 8.99 4.61 -16.22
C PRO A 771 8.45 4.21 -14.86
N ARG A 772 8.21 5.18 -13.98
CA ARG A 772 7.60 4.86 -12.69
C ARG A 772 6.20 4.30 -12.87
N ALA A 773 5.43 4.85 -13.82
CA ALA A 773 4.10 4.32 -14.09
C ALA A 773 4.17 2.88 -14.60
N LEU A 774 5.13 2.60 -15.48
CA LEU A 774 5.29 1.22 -15.97
C LEU A 774 5.69 0.28 -14.84
N GLU A 775 6.57 0.74 -13.95
CA GLU A 775 6.95 -0.09 -12.81
C GLU A 775 5.75 -0.34 -11.90
N ILE A 776 4.91 0.67 -11.70
CA ILE A 776 3.68 0.48 -10.92
C ILE A 776 2.79 -0.56 -11.59
N ASN A 777 2.67 -0.48 -12.91
CA ASN A 777 1.85 -1.44 -13.65
C ASN A 777 2.36 -2.86 -13.46
N LYS A 778 3.68 -3.05 -13.61
CA LYS A 778 4.24 -4.38 -13.44
C LYS A 778 4.11 -4.87 -12.01
N MET A 779 4.29 -3.98 -11.04
CA MET A 779 4.12 -4.36 -9.64
C MET A 779 2.70 -4.82 -9.36
N ILE A 780 1.71 -4.14 -9.96
CA ILE A 780 0.33 -4.45 -9.64
C ILE A 780 -0.26 -5.58 -10.47
N SER A 781 0.28 -5.85 -11.66
CA SER A 781 -0.28 -6.80 -12.63
C SER A 781 -0.83 -8.08 -12.00
N PHE A 782 -0.02 -8.75 -11.18
CA PHE A 782 -0.45 -10.00 -10.56
C PHE A 782 -1.72 -9.79 -9.74
N TRP A 783 -1.72 -8.81 -8.84
CA TRP A 783 -2.87 -8.61 -7.96
C TRP A 783 -4.07 -8.07 -8.74
N ARG A 784 -3.81 -7.31 -9.79
CA ARG A 784 -4.88 -6.82 -10.65
C ARG A 784 -5.61 -7.98 -11.31
N ASN A 785 -4.85 -8.90 -11.92
CA ASN A 785 -5.43 -10.02 -12.64
C ASN A 785 -5.92 -11.14 -11.73
N ALA A 786 -5.47 -11.19 -10.48
CA ALA A 786 -5.84 -12.29 -9.59
C ALA A 786 -6.22 -11.80 -8.20
N HIS A 787 -6.86 -10.65 -8.08
CA HIS A 787 -7.26 -10.19 -6.76
C HIS A 787 -8.69 -10.59 -6.43
N LYS A 788 -9.49 -10.93 -7.44
CA LYS A 788 -10.82 -11.45 -7.18
C LYS A 788 -10.75 -12.82 -6.52
N ARG A 789 -9.90 -13.70 -7.04
CA ARG A 789 -9.77 -15.04 -6.49
C ARG A 789 -9.22 -15.00 -5.07
N ILE A 790 -8.08 -14.33 -4.88
CA ILE A 790 -7.40 -14.35 -3.59
C ILE A 790 -8.27 -13.73 -2.51
N SER A 791 -8.89 -12.59 -2.82
CA SER A 791 -9.73 -11.91 -1.83
C SER A 791 -10.99 -12.70 -1.51
N SER A 792 -11.43 -13.57 -2.42
CA SER A 792 -12.63 -14.35 -2.23
C SER A 792 -12.38 -15.77 -1.74
N GLN A 793 -11.12 -16.11 -1.43
CA GLN A 793 -10.83 -17.43 -0.90
C GLN A 793 -11.58 -17.64 0.40
N MET A 794 -12.24 -18.79 0.51
CA MET A 794 -13.16 -19.03 1.62
C MET A 794 -12.36 -19.48 2.85
N VAL A 795 -11.74 -18.49 3.50
CA VAL A 795 -11.06 -18.74 4.76
C VAL A 795 -12.09 -19.04 5.84
N VAL A 796 -11.71 -19.88 6.79
CA VAL A 796 -12.51 -20.13 7.98
C VAL A 796 -11.60 -20.04 9.19
N TRP A 797 -11.91 -19.13 10.10
CA TRP A 797 -11.09 -18.89 11.28
C TRP A 797 -11.57 -19.77 12.43
N LEU A 798 -10.73 -20.60 12.92
CA LEU A 798 -11.21 -21.36 14.05
C LEU A 798 -11.07 -20.56 15.34
N PRO A 799 -11.93 -20.80 16.30
CA PRO A 799 -11.74 -20.19 17.63
C PRO A 799 -10.83 -21.05 18.49
N ARG A 800 -10.62 -20.64 19.75
CA ARG A 800 -9.84 -21.48 20.65
C ARG A 800 -10.56 -22.78 21.01
N SER A 801 -11.84 -22.89 20.68
CA SER A 801 -12.62 -24.09 20.98
C SER A 801 -12.27 -25.28 20.09
N ALA A 802 -11.48 -25.06 19.04
CA ALA A 802 -11.14 -26.14 18.13
C ALA A 802 -9.65 -26.26 17.83
N LEU A 803 -8.82 -25.33 18.30
CA LEU A 803 -7.38 -25.44 18.07
C LEU A 803 -6.80 -26.59 18.89
N PRO A 804 -5.75 -27.23 18.39
CA PRO A 804 -5.15 -28.34 19.14
C PRO A 804 -4.46 -27.87 20.41
N ARG A 805 -4.32 -28.80 21.34
CA ARG A 805 -3.58 -28.51 22.57
C ARG A 805 -2.13 -28.14 22.27
N ALA A 806 -1.59 -28.61 21.16
CA ALA A 806 -0.23 -28.29 20.74
C ALA A 806 -0.09 -26.88 20.22
N VAL A 807 -1.12 -26.05 20.37
CA VAL A 807 -1.09 -24.64 20.00
C VAL A 807 -1.32 -23.74 21.22
N ILE A 808 -2.34 -24.05 22.02
CA ILE A 808 -2.64 -23.24 23.18
C ILE A 808 -1.47 -23.23 24.16
N ARG A 809 -0.88 -24.40 24.42
CA ARG A 809 0.24 -24.49 25.34
C ARG A 809 1.50 -23.86 24.77
N HIS A 810 1.65 -23.80 23.45
CA HIS A 810 2.85 -23.24 22.85
C HIS A 810 2.91 -21.74 23.14
N PRO A 811 4.03 -21.23 23.66
CA PRO A 811 4.08 -19.81 24.05
C PRO A 811 3.89 -18.84 22.91
N ASP A 812 4.12 -19.24 21.66
CA ASP A 812 3.94 -18.34 20.53
C ASP A 812 2.48 -18.04 20.24
N TYR A 813 1.56 -18.75 20.88
CA TYR A 813 0.13 -18.51 20.68
C TYR A 813 -0.32 -17.29 21.48
N ASP A 814 -1.09 -16.41 20.85
CA ASP A 814 -1.64 -15.23 21.48
C ASP A 814 -3.15 -15.26 21.39
N GLU A 815 -3.82 -14.85 22.47
CA GLU A 815 -5.28 -14.89 22.53
C GLU A 815 -5.92 -13.87 21.59
N GLU A 816 -5.15 -12.93 21.04
CA GLU A 816 -5.69 -11.91 20.15
C GLU A 816 -5.41 -12.19 18.68
N GLY A 817 -5.08 -13.43 18.33
CA GLY A 817 -4.87 -13.83 16.96
C GLY A 817 -5.87 -14.91 16.56
N LEU A 818 -6.41 -14.78 15.35
CA LEU A 818 -7.39 -15.75 14.83
C LEU A 818 -6.68 -16.74 13.93
N TYR A 819 -6.83 -18.02 14.24
CA TYR A 819 -6.25 -19.11 13.46
C TYR A 819 -7.35 -19.84 12.72
N GLY A 820 -7.01 -20.34 11.55
CA GLY A 820 -7.95 -21.10 10.75
C GLY A 820 -7.23 -21.90 9.69
N ALA A 821 -7.87 -22.00 8.52
CA ALA A 821 -7.30 -22.74 7.42
C ALA A 821 -8.05 -22.39 6.15
N ILE A 822 -7.40 -22.67 5.02
CA ILE A 822 -8.00 -22.57 3.71
C ILE A 822 -7.93 -23.96 3.09
N LEU A 823 -9.08 -24.52 2.73
CA LEU A 823 -9.15 -25.82 2.08
C LEU A 823 -9.23 -25.61 0.59
N PRO A 824 -8.12 -25.72 -0.14
CA PRO A 824 -8.13 -25.39 -1.56
C PRO A 824 -9.17 -26.20 -2.31
N GLN A 825 -9.87 -25.53 -3.22
CA GLN A 825 -10.92 -26.17 -4.00
C GLN A 825 -10.30 -26.72 -5.28
N VAL A 826 -9.52 -27.79 -5.10
CA VAL A 826 -8.73 -28.39 -6.17
C VAL A 826 -9.36 -29.71 -6.56
N VAL A 827 -9.53 -29.92 -7.85
CA VAL A 827 -10.00 -31.20 -8.36
C VAL A 827 -8.82 -32.15 -8.45
N THR A 828 -8.98 -33.34 -7.86
CA THR A 828 -7.85 -34.27 -7.78
C THR A 828 -7.34 -34.64 -9.16
N ALA A 829 -8.24 -34.85 -10.11
CA ALA A 829 -7.88 -35.18 -11.49
C ALA A 829 -8.56 -34.15 -12.38
N GLY A 830 -7.90 -33.02 -12.59
CA GLY A 830 -8.44 -31.95 -13.38
C GLY A 830 -8.00 -31.90 -14.83
N THR A 831 -7.28 -32.93 -15.30
CA THR A 831 -6.83 -33.00 -16.67
C THR A 831 -6.89 -34.45 -17.14
N ILE A 832 -6.62 -34.67 -18.42
CA ILE A 832 -6.44 -36.02 -18.92
C ILE A 832 -5.29 -36.71 -18.20
N THR A 833 -4.32 -35.92 -17.73
CA THR A 833 -3.18 -36.46 -16.99
C THR A 833 -3.61 -37.07 -15.67
N ARG A 834 -4.69 -36.55 -15.06
CA ARG A 834 -5.07 -36.70 -13.65
C ARG A 834 -4.28 -35.72 -12.80
N ARG A 835 -3.62 -34.76 -13.41
CA ARG A 835 -2.95 -33.70 -12.69
C ARG A 835 -3.98 -32.79 -12.03
N ALA A 836 -3.80 -32.51 -10.75
CA ALA A 836 -4.71 -31.64 -10.03
C ALA A 836 -4.64 -30.23 -10.58
N VAL A 837 -5.79 -29.54 -10.58
CA VAL A 837 -5.92 -28.22 -11.18
C VAL A 837 -6.53 -27.27 -10.15
N GLU A 838 -5.90 -26.12 -9.97
CA GLU A 838 -6.45 -25.03 -9.18
C GLU A 838 -5.77 -23.75 -9.63
N PRO A 839 -6.51 -22.65 -9.82
CA PRO A 839 -5.88 -21.47 -10.43
C PRO A 839 -4.99 -20.69 -9.48
N THR A 840 -5.35 -20.61 -8.21
CA THR A 840 -4.59 -19.76 -7.28
C THR A 840 -3.47 -20.46 -6.56
N TRP A 841 -3.80 -21.45 -5.74
CA TRP A 841 -2.79 -22.08 -4.90
C TRP A 841 -1.77 -22.86 -5.74
N LEU A 842 -2.24 -23.72 -6.63
CA LEU A 842 -1.36 -24.58 -7.42
C LEU A 842 -0.79 -23.80 -8.60
N THR A 843 0.15 -22.92 -8.27
CA THR A 843 0.80 -22.15 -9.30
C THR A 843 2.29 -22.14 -9.04
N ALA A 844 3.08 -21.81 -10.06
CA ALA A 844 4.53 -21.73 -9.94
C ALA A 844 5.02 -20.37 -9.48
N SER A 845 4.12 -19.40 -9.33
CA SER A 845 4.52 -18.07 -8.89
C SER A 845 4.94 -18.08 -7.43
N ASN A 846 6.02 -17.38 -7.13
CA ASN A 846 6.57 -17.28 -5.78
C ASN A 846 6.80 -15.82 -5.45
N ALA A 847 7.11 -15.57 -4.17
CA ALA A 847 7.30 -14.20 -3.70
C ALA A 847 8.43 -13.52 -4.46
N ARG A 848 8.21 -12.27 -4.82
CA ARG A 848 9.18 -11.49 -5.56
C ARG A 848 9.27 -10.09 -4.97
N PRO A 849 10.41 -9.42 -5.11
CA PRO A 849 10.51 -8.02 -4.68
C PRO A 849 9.86 -7.03 -5.63
N ASP A 850 9.25 -7.48 -6.71
CA ASP A 850 8.65 -6.63 -7.72
C ASP A 850 7.26 -7.12 -8.08
N ARG A 851 6.45 -7.43 -7.06
CA ARG A 851 5.10 -7.94 -7.31
C ARG A 851 4.20 -7.83 -6.11
N VAL A 852 3.20 -6.97 -6.16
CA VAL A 852 2.31 -6.73 -5.03
C VAL A 852 1.52 -8.00 -4.73
N GLY A 853 1.44 -8.36 -3.46
CA GLY A 853 0.64 -9.50 -3.05
C GLY A 853 1.15 -10.84 -3.50
N SER A 854 2.42 -10.93 -3.91
CA SER A 854 2.98 -12.18 -4.39
C SER A 854 3.45 -13.09 -3.27
N GLU A 855 3.35 -12.66 -2.01
CA GLU A 855 3.74 -13.47 -0.87
C GLU A 855 2.60 -14.34 -0.34
N LEU A 856 1.61 -14.67 -1.18
CA LEU A 856 0.41 -15.35 -0.69
C LEU A 856 0.75 -16.72 -0.12
N LYS A 857 1.65 -17.47 -0.78
CA LYS A 857 2.06 -18.75 -0.26
C LYS A 857 2.80 -18.60 1.06
N ALA A 858 3.61 -17.54 1.19
CA ALA A 858 4.27 -17.26 2.46
C ALA A 858 3.27 -16.94 3.56
N MET A 859 2.02 -16.64 3.22
CA MET A 859 1.00 -16.42 4.23
C MET A 859 0.38 -17.71 4.73
N VAL A 860 0.85 -18.85 4.24
CA VAL A 860 0.45 -20.15 4.80
C VAL A 860 1.44 -20.44 5.92
N GLN A 861 1.14 -19.89 7.09
CA GLN A 861 2.03 -19.97 8.23
C GLN A 861 1.50 -21.00 9.21
N ALA A 862 2.29 -22.04 9.44
CA ALA A 862 1.86 -23.11 10.33
C ALA A 862 1.58 -22.54 11.73
N PRO A 863 0.57 -23.05 12.42
CA PRO A 863 0.24 -22.54 13.75
C PRO A 863 1.38 -22.76 14.71
N PRO A 864 1.42 -22.04 15.83
CA PRO A 864 2.51 -22.22 16.80
C PRO A 864 2.57 -23.65 17.30
N GLY A 865 3.72 -24.29 17.06
CA GLY A 865 3.93 -25.68 17.41
C GLY A 865 4.03 -26.60 16.23
N TYR A 866 3.75 -26.13 15.02
CA TYR A 866 3.79 -26.95 13.82
C TYR A 866 4.84 -26.43 12.86
N THR A 867 5.45 -27.36 12.12
CA THR A 867 6.46 -27.03 11.15
C THR A 867 6.05 -27.60 9.80
N LEU A 868 6.09 -26.76 8.76
CA LEU A 868 5.72 -27.18 7.41
C LEU A 868 6.87 -27.97 6.79
N VAL A 869 7.10 -29.16 7.34
CA VAL A 869 8.12 -30.05 6.81
C VAL A 869 7.76 -30.42 5.38
N GLY A 870 8.65 -30.11 4.45
CA GLY A 870 8.39 -30.39 3.05
C GLY A 870 9.68 -30.63 2.30
N ALA A 871 9.55 -31.17 1.09
CA ALA A 871 10.73 -31.49 0.29
C ALA A 871 10.33 -31.46 -1.18
N ASP A 872 10.70 -30.38 -1.87
CA ASP A 872 10.56 -30.35 -3.32
C ASP A 872 11.33 -31.51 -3.93
N VAL A 873 10.67 -32.27 -4.80
CA VAL A 873 11.30 -33.42 -5.40
C VAL A 873 12.34 -32.94 -6.41
N ASP A 874 13.57 -33.41 -6.25
CA ASP A 874 14.71 -32.91 -7.01
C ASP A 874 14.63 -33.46 -8.43
N SER A 875 14.15 -32.63 -9.35
CA SER A 875 14.03 -32.98 -10.77
C SER A 875 13.19 -34.24 -10.95
N GLN A 876 11.92 -34.12 -10.56
CA GLN A 876 11.02 -35.28 -10.52
C GLN A 876 10.78 -35.86 -11.89
N GLU A 877 10.15 -35.08 -12.78
CA GLU A 877 9.71 -35.64 -14.06
C GLU A 877 10.88 -35.94 -14.98
N LEU A 878 11.96 -35.16 -14.88
CA LEU A 878 13.16 -35.49 -15.64
C LEU A 878 13.72 -36.84 -15.22
N TRP A 879 13.76 -37.11 -13.91
CA TRP A 879 14.22 -38.41 -13.44
C TRP A 879 13.26 -39.52 -13.86
N ILE A 880 11.95 -39.25 -13.85
CA ILE A 880 10.98 -40.26 -14.25
C ILE A 880 11.18 -40.65 -15.71
N ALA A 881 11.27 -39.66 -16.58
CA ALA A 881 11.52 -39.94 -17.99
C ALA A 881 12.89 -40.60 -18.19
N ALA A 882 13.87 -40.21 -17.37
CA ALA A 882 15.21 -40.80 -17.46
C ALA A 882 15.18 -42.28 -17.14
N VAL A 883 14.49 -42.66 -16.06
CA VAL A 883 14.45 -44.08 -15.70
C VAL A 883 13.60 -44.85 -16.69
N LEU A 884 12.57 -44.23 -17.28
CA LEU A 884 11.86 -44.89 -18.37
C LEU A 884 12.80 -45.22 -19.52
N GLY A 885 13.59 -44.24 -19.94
CA GLY A 885 14.54 -44.48 -21.01
C GLY A 885 15.61 -45.49 -20.64
N ASP A 886 16.04 -45.46 -19.38
CA ASP A 886 17.03 -46.41 -18.90
C ASP A 886 16.50 -47.84 -18.97
N ALA A 887 15.27 -48.04 -18.48
CA ALA A 887 14.67 -49.36 -18.54
C ALA A 887 14.47 -49.83 -19.97
N HIS A 888 14.07 -48.92 -20.86
CA HIS A 888 13.92 -49.31 -22.26
C HIS A 888 15.27 -49.71 -22.86
N PHE A 889 16.33 -48.97 -22.54
CA PHE A 889 17.62 -49.21 -23.18
C PHE A 889 18.34 -50.42 -22.56
N ALA A 890 18.37 -50.49 -21.25
CA ALA A 890 19.07 -51.57 -20.55
C ALA A 890 18.36 -51.81 -19.23
N GLY A 891 19.03 -52.52 -18.31
CA GLY A 891 18.49 -52.80 -17.00
C GLY A 891 19.11 -52.03 -15.85
N MET A 892 19.91 -51.00 -16.12
CA MET A 892 20.61 -50.27 -15.08
C MET A 892 20.51 -48.77 -15.33
N HIS A 893 20.62 -48.02 -14.24
CA HIS A 893 20.54 -46.57 -14.32
C HIS A 893 21.77 -46.00 -15.03
N GLY A 894 21.56 -44.91 -15.75
CA GLY A 894 22.63 -44.22 -16.44
C GLY A 894 23.03 -44.82 -17.77
N CYS A 895 22.36 -45.89 -18.23
CA CYS A 895 22.69 -46.47 -19.52
C CYS A 895 22.36 -45.54 -20.68
N THR A 896 21.46 -44.59 -20.46
CA THR A 896 21.16 -43.55 -21.43
C THR A 896 21.86 -42.26 -21.02
N ALA A 897 22.28 -41.49 -22.02
CA ALA A 897 22.96 -40.22 -21.75
C ALA A 897 22.09 -39.31 -20.89
N PHE A 898 20.78 -39.32 -21.11
CA PHE A 898 19.88 -38.51 -20.30
C PHE A 898 19.91 -38.94 -18.84
N GLY A 899 19.97 -40.26 -18.60
CA GLY A 899 20.07 -40.73 -17.22
C GLY A 899 21.37 -40.33 -16.55
N TRP A 900 22.47 -40.36 -17.30
CA TRP A 900 23.75 -39.91 -16.75
C TRP A 900 23.69 -38.42 -16.41
N MET A 901 23.19 -37.61 -17.33
CA MET A 901 23.11 -36.17 -17.09
C MET A 901 22.21 -35.85 -15.91
N THR A 902 21.11 -36.59 -15.76
CA THR A 902 20.24 -36.41 -14.60
C THR A 902 20.95 -36.81 -13.32
N LEU A 903 21.71 -37.91 -13.37
CA LEU A 903 22.34 -38.44 -12.15
C LEU A 903 23.67 -37.75 -11.85
N GLN A 904 24.61 -37.81 -12.80
CA GLN A 904 25.97 -37.38 -12.54
C GLN A 904 26.20 -35.90 -12.83
N GLY A 905 25.36 -35.28 -13.65
CA GLY A 905 25.48 -33.86 -13.89
C GLY A 905 25.09 -33.04 -12.68
N ARG A 906 25.77 -31.91 -12.51
CA ARG A 906 25.53 -31.03 -11.37
C ARG A 906 25.39 -29.59 -11.86
N LYS A 907 24.59 -28.81 -11.12
CA LYS A 907 24.39 -27.41 -11.44
C LYS A 907 25.60 -26.56 -11.09
N SER A 908 26.42 -27.00 -10.13
CA SER A 908 27.59 -26.22 -9.74
C SER A 908 28.56 -26.04 -10.90
N ARG A 909 28.81 -27.11 -11.65
CA ARG A 909 29.68 -27.05 -12.82
C ARG A 909 28.92 -26.74 -14.11
N GLY A 910 27.60 -26.58 -14.04
CA GLY A 910 26.82 -26.42 -15.24
C GLY A 910 26.72 -27.65 -16.09
N THR A 911 26.92 -28.83 -15.50
CA THR A 911 26.91 -30.09 -16.22
C THR A 911 25.55 -30.77 -16.27
N ASP A 912 24.54 -30.22 -15.59
CA ASP A 912 23.22 -30.82 -15.61
C ASP A 912 22.51 -30.47 -16.92
N LEU A 913 21.30 -30.98 -17.07
CA LEU A 913 20.58 -30.85 -18.34
C LEU A 913 20.29 -29.40 -18.67
N HIS A 914 19.71 -28.66 -17.73
CA HIS A 914 19.27 -27.30 -18.00
C HIS A 914 20.45 -26.39 -18.35
N SER A 915 21.52 -26.45 -17.56
CA SER A 915 22.67 -25.60 -17.83
C SER A 915 23.39 -26.03 -19.11
N LYS A 916 23.44 -27.33 -19.39
CA LYS A 916 24.04 -27.79 -20.64
C LYS A 916 23.26 -27.26 -21.84
N THR A 917 21.93 -27.31 -21.77
CA THR A 917 21.11 -26.78 -22.86
C THR A 917 21.32 -25.28 -23.00
N ALA A 918 21.37 -24.56 -21.88
CA ALA A 918 21.57 -23.11 -21.94
C ALA A 918 22.92 -22.77 -22.58
N THR A 919 23.98 -23.51 -22.22
CA THR A 919 25.28 -23.27 -22.81
C THR A 919 25.29 -23.60 -24.29
N THR A 920 24.66 -24.71 -24.68
CA THR A 920 24.66 -25.11 -26.09
C THR A 920 23.86 -24.14 -26.95
N VAL A 921 22.79 -23.57 -26.42
CA VAL A 921 21.90 -22.70 -27.19
C VAL A 921 22.23 -21.23 -26.97
N GLY A 922 22.35 -20.81 -25.72
CA GLY A 922 22.63 -19.42 -25.42
C GLY A 922 21.42 -18.66 -24.90
N ILE A 923 20.64 -19.31 -24.04
CA ILE A 923 19.48 -18.70 -23.42
C ILE A 923 19.62 -18.85 -21.90
N SER A 924 18.74 -18.15 -21.18
CA SER A 924 18.78 -18.20 -19.73
C SER A 924 18.25 -19.54 -19.24
N ARG A 925 18.57 -19.85 -17.98
CA ARG A 925 18.10 -21.10 -17.39
C ARG A 925 16.60 -21.13 -17.21
N GLU A 926 15.98 -19.97 -16.96
CA GLU A 926 14.54 -19.93 -16.74
C GLU A 926 13.77 -20.35 -17.98
N HIS A 927 14.21 -19.88 -19.16
CA HIS A 927 13.57 -20.29 -20.41
C HIS A 927 13.97 -21.70 -20.81
N ALA A 928 15.22 -22.09 -20.53
CA ALA A 928 15.66 -23.44 -20.84
C ALA A 928 14.85 -24.46 -20.06
N LYS A 929 14.51 -24.16 -18.82
CA LYS A 929 13.69 -25.07 -18.02
C LYS A 929 12.32 -25.28 -18.67
N ILE A 930 11.68 -24.18 -19.09
CA ILE A 930 10.37 -24.28 -19.72
C ILE A 930 10.47 -25.10 -21.00
N PHE A 931 11.48 -24.79 -21.84
CA PHE A 931 11.63 -25.52 -23.09
C PHE A 931 11.88 -27.01 -22.85
N ASN A 932 12.76 -27.33 -21.91
CA ASN A 932 13.09 -28.73 -21.66
C ASN A 932 11.89 -29.50 -21.15
N TYR A 933 11.18 -28.95 -20.16
CA TYR A 933 10.00 -29.64 -19.63
C TYR A 933 8.90 -29.74 -20.69
N GLY A 934 8.81 -28.78 -21.60
CA GLY A 934 7.88 -28.91 -22.72
C GLY A 934 8.28 -30.01 -23.68
N ARG A 935 9.58 -30.13 -23.95
CA ARG A 935 10.07 -31.19 -24.83
C ARG A 935 9.82 -32.57 -24.22
N ILE A 936 9.99 -32.70 -22.90
CA ILE A 936 9.71 -33.96 -22.23
C ILE A 936 8.24 -34.35 -22.42
N TYR A 937 7.37 -33.38 -22.64
CA TYR A 937 5.95 -33.62 -22.83
C TYR A 937 5.57 -33.92 -24.28
N GLY A 938 6.56 -34.09 -25.16
CA GLY A 938 6.28 -34.41 -26.53
C GLY A 938 5.89 -33.24 -27.40
N ALA A 939 6.09 -32.01 -26.93
CA ALA A 939 5.82 -30.85 -27.76
C ALA A 939 6.71 -30.85 -28.99
N GLY A 940 6.11 -30.66 -30.16
CA GLY A 940 6.83 -30.83 -31.40
C GLY A 940 7.80 -29.69 -31.67
N GLN A 941 8.58 -29.87 -32.74
CA GLN A 941 9.52 -28.83 -33.15
C GLN A 941 8.86 -27.49 -33.44
N PRO A 942 7.70 -27.42 -34.13
CA PRO A 942 7.08 -26.09 -34.32
C PRO A 942 6.80 -25.36 -33.02
N PHE A 943 6.42 -26.09 -31.98
CA PHE A 943 6.24 -25.47 -30.67
C PHE A 943 7.54 -24.84 -30.19
N ALA A 944 8.65 -25.55 -30.35
CA ALA A 944 9.94 -25.01 -29.94
C ALA A 944 10.31 -23.78 -30.76
N GLU A 945 10.03 -23.81 -32.06
CA GLU A 945 10.34 -22.65 -32.91
C GLU A 945 9.54 -21.44 -32.47
N ARG A 946 8.24 -21.62 -32.23
CA ARG A 946 7.41 -20.51 -31.80
C ARG A 946 7.83 -20.01 -30.42
N LEU A 947 8.19 -20.92 -29.52
CA LEU A 947 8.63 -20.51 -28.19
C LEU A 947 9.94 -19.74 -28.23
N LEU A 948 10.86 -20.17 -29.10
CA LEU A 948 12.13 -19.45 -29.25
C LEU A 948 11.90 -18.07 -29.86
N MET A 949 10.95 -17.96 -30.80
CA MET A 949 10.60 -16.65 -31.32
C MET A 949 9.98 -15.78 -30.23
N GLN A 950 9.13 -16.35 -29.38
CA GLN A 950 8.45 -15.59 -28.35
C GLN A 950 9.41 -15.10 -27.29
N PHE A 951 10.27 -15.98 -26.77
CA PHE A 951 11.20 -15.58 -25.71
C PHE A 951 12.19 -14.55 -26.23
N ASN A 952 12.69 -14.74 -27.45
CA ASN A 952 13.65 -13.82 -28.07
C ASN A 952 13.07 -13.41 -29.42
N HIS A 953 12.41 -12.25 -29.46
CA HIS A 953 11.81 -11.78 -30.69
C HIS A 953 12.83 -11.41 -31.75
N ARG A 954 14.11 -11.30 -31.39
CA ARG A 954 15.15 -11.10 -32.39
C ARG A 954 15.39 -12.34 -33.24
N LEU A 955 14.84 -13.48 -32.85
CA LEU A 955 14.99 -14.72 -33.60
C LEU A 955 13.90 -14.79 -34.66
N THR A 956 14.31 -14.91 -35.92
CA THR A 956 13.36 -14.98 -37.02
C THR A 956 12.71 -16.35 -37.07
N GLN A 957 11.87 -16.57 -38.07
CA GLN A 957 11.22 -17.87 -38.23
C GLN A 957 12.21 -18.93 -38.67
N GLN A 958 13.04 -18.62 -39.66
CA GLN A 958 14.01 -19.60 -40.16
C GLN A 958 15.07 -19.91 -39.12
N GLU A 959 15.58 -18.87 -38.43
CA GLU A 959 16.60 -19.11 -37.41
C GLU A 959 16.04 -19.91 -36.25
N ALA A 960 14.81 -19.61 -35.83
CA ALA A 960 14.18 -20.40 -34.77
C ALA A 960 13.96 -21.83 -35.20
N ALA A 961 13.56 -22.03 -36.47
CA ALA A 961 13.38 -23.39 -36.97
C ALA A 961 14.69 -24.16 -36.95
N GLU A 962 15.78 -23.53 -37.40
CA GLU A 962 17.08 -24.17 -37.37
C GLU A 962 17.51 -24.50 -35.95
N LYS A 963 17.34 -23.55 -35.04
CA LYS A 963 17.72 -23.77 -33.66
C LYS A 963 16.96 -24.94 -33.08
N ALA A 964 15.64 -24.91 -33.23
CA ALA A 964 14.81 -25.97 -32.65
C ALA A 964 15.15 -27.33 -33.26
N GLN A 965 15.41 -27.37 -34.57
CA GLN A 965 15.79 -28.63 -35.20
C GLN A 965 17.08 -29.16 -34.62
N GLN A 966 18.08 -28.28 -34.44
CA GLN A 966 19.34 -28.73 -33.84
C GLN A 966 19.17 -29.10 -32.37
N MET A 967 18.27 -28.43 -31.67
CA MET A 967 18.06 -28.68 -30.25
C MET A 967 17.27 -29.95 -30.00
N TYR A 968 16.49 -30.40 -30.99
CA TYR A 968 15.76 -31.65 -30.89
C TYR A 968 16.53 -32.82 -31.46
N ALA A 969 17.34 -32.60 -32.50
CA ALA A 969 18.10 -33.70 -33.10
C ALA A 969 19.12 -34.26 -32.12
N ALA A 970 19.68 -33.41 -31.26
CA ALA A 970 20.68 -33.87 -30.31
C ALA A 970 20.07 -34.68 -29.17
N THR A 971 18.81 -34.43 -28.82
CA THR A 971 18.15 -35.13 -27.73
C THR A 971 17.13 -36.15 -28.21
N LYS A 972 16.16 -35.72 -29.03
CA LYS A 972 15.17 -36.66 -29.54
C LYS A 972 15.80 -37.64 -30.52
N GLY A 973 16.56 -37.13 -31.48
CA GLY A 973 17.22 -37.98 -32.46
C GLY A 973 16.54 -37.94 -33.81
N LEU A 974 16.99 -38.85 -34.67
CA LEU A 974 16.44 -39.02 -36.01
C LEU A 974 15.81 -40.41 -36.11
N ARG A 975 14.59 -40.46 -36.63
CA ARG A 975 13.88 -41.73 -36.76
C ARG A 975 13.67 -42.09 -38.23
N TRP A 1031 13.54 -43.29 -32.92
CA TRP A 1031 14.70 -42.42 -33.08
C TRP A 1031 15.99 -43.12 -32.71
N LYS A 1032 17.12 -42.55 -33.15
CA LYS A 1032 18.43 -43.09 -32.83
C LYS A 1032 19.45 -41.96 -32.94
N GLY A 1033 20.38 -41.91 -31.99
CA GLY A 1033 21.43 -40.92 -32.00
C GLY A 1033 21.24 -39.77 -31.05
N GLY A 1034 20.15 -39.73 -30.29
CA GLY A 1034 19.92 -38.66 -29.34
C GLY A 1034 19.98 -39.14 -27.90
N THR A 1035 20.22 -38.20 -26.98
CA THR A 1035 20.33 -38.57 -25.57
C THR A 1035 19.02 -39.06 -24.99
N GLU A 1036 17.89 -38.77 -25.65
CA GLU A 1036 16.58 -39.18 -25.19
C GLU A 1036 15.86 -40.04 -26.23
N SER A 1037 16.64 -40.74 -27.06
CA SER A 1037 16.05 -41.59 -28.08
C SER A 1037 15.20 -42.70 -27.46
N GLU A 1038 15.78 -43.44 -26.51
CA GLU A 1038 15.05 -44.54 -25.89
C GLU A 1038 13.90 -44.03 -25.02
N MET A 1039 14.09 -42.88 -24.38
CA MET A 1039 13.02 -42.29 -23.58
C MET A 1039 11.80 -41.99 -24.44
N PHE A 1040 11.99 -41.25 -25.53
CA PHE A 1040 10.89 -40.91 -26.40
C PHE A 1040 10.32 -42.14 -27.10
N ASN A 1041 11.19 -43.10 -27.44
CA ASN A 1041 10.71 -44.34 -28.06
C ASN A 1041 9.79 -45.10 -27.12
N LYS A 1042 10.17 -45.20 -25.83
CA LYS A 1042 9.30 -45.86 -24.88
C LYS A 1042 7.99 -45.10 -24.69
N LEU A 1043 8.06 -43.76 -24.65
CA LEU A 1043 6.84 -42.98 -24.49
C LEU A 1043 5.88 -43.22 -25.65
N GLU A 1044 6.42 -43.20 -26.88
CA GLU A 1044 5.57 -43.43 -28.05
C GLU A 1044 5.06 -44.86 -28.10
N SER A 1045 5.89 -45.83 -27.73
CA SER A 1045 5.46 -47.23 -27.77
C SER A 1045 4.37 -47.49 -26.75
N ILE A 1046 4.42 -46.83 -25.59
CA ILE A 1046 3.40 -47.03 -24.57
C ILE A 1046 2.20 -46.12 -24.77
N ALA A 1047 2.31 -45.11 -25.63
CA ALA A 1047 1.16 -44.31 -26.00
C ALA A 1047 0.42 -44.85 -27.22
N THR A 1048 1.11 -45.62 -28.06
CA THR A 1048 0.51 -46.15 -29.27
C THR A 1048 -0.06 -47.57 -29.10
N SER A 1049 0.02 -48.11 -27.90
CA SER A 1049 -0.56 -49.43 -27.66
C SER A 1049 -2.09 -49.35 -27.70
N ASP A 1050 -2.71 -50.51 -27.81
CA ASP A 1050 -4.17 -50.56 -27.94
C ASP A 1050 -4.86 -49.94 -26.73
N ILE A 1051 -4.36 -50.24 -25.54
CA ILE A 1051 -4.80 -49.56 -24.32
C ILE A 1051 -3.55 -48.98 -23.66
N PRO A 1052 -3.23 -47.70 -23.90
CA PRO A 1052 -2.03 -47.13 -23.28
C PRO A 1052 -2.13 -47.14 -21.76
N ARG A 1053 -1.01 -47.45 -21.12
CA ARG A 1053 -0.93 -47.58 -19.68
C ARG A 1053 0.26 -46.78 -19.16
N THR A 1054 0.14 -46.31 -17.92
CA THR A 1054 1.30 -45.76 -17.23
C THR A 1054 2.21 -46.92 -16.85
N PRO A 1055 3.50 -46.86 -17.22
CA PRO A 1055 4.37 -48.03 -17.01
C PRO A 1055 4.53 -48.45 -15.55
N VAL A 1056 4.19 -47.58 -14.60
CA VAL A 1056 4.37 -47.91 -13.19
C VAL A 1056 3.10 -48.52 -12.62
N LEU A 1057 1.99 -47.78 -12.63
CA LEU A 1057 0.77 -48.23 -12.02
C LEU A 1057 -0.23 -48.83 -13.01
N GLY A 1058 -0.02 -48.66 -14.31
CA GLY A 1058 -0.87 -49.30 -15.29
C GLY A 1058 -2.21 -48.64 -15.53
N CYS A 1059 -2.39 -47.40 -15.11
CA CYS A 1059 -3.64 -46.71 -15.36
C CYS A 1059 -3.82 -46.44 -16.85
N CYS A 1060 -5.07 -46.47 -17.30
CA CYS A 1060 -5.38 -46.35 -18.72
C CYS A 1060 -5.62 -44.90 -19.11
N ILE A 1061 -5.28 -44.59 -20.37
CA ILE A 1061 -5.49 -43.27 -20.93
C ILE A 1061 -6.98 -43.07 -21.14
N SER A 1062 -7.40 -41.83 -21.41
CA SER A 1062 -8.80 -41.52 -21.60
C SER A 1062 -9.34 -42.19 -22.86
N ARG A 1063 -10.64 -42.53 -22.83
CA ARG A 1063 -11.28 -43.17 -23.98
C ARG A 1063 -11.28 -42.28 -25.21
N ALA A 1064 -11.14 -40.97 -25.03
CA ALA A 1064 -11.07 -40.04 -26.16
C ALA A 1064 -9.69 -39.96 -26.78
N LEU A 1065 -8.69 -40.62 -26.20
CA LEU A 1065 -7.32 -40.56 -26.70
C LEU A 1065 -6.75 -41.92 -27.04
N GLU A 1066 -7.54 -42.99 -26.96
CA GLU A 1066 -7.05 -44.31 -27.33
C GLU A 1066 -6.88 -44.40 -28.85
N PRO A 1067 -5.96 -45.25 -29.32
CA PRO A 1067 -5.75 -45.37 -30.78
C PRO A 1067 -6.95 -45.90 -31.54
N SER A 1068 -7.93 -46.52 -30.85
CA SER A 1068 -9.11 -46.99 -31.55
C SER A 1068 -10.12 -45.87 -31.76
N ALA A 1069 -10.40 -45.11 -30.70
CA ALA A 1069 -11.43 -44.06 -30.79
C ALA A 1069 -10.93 -42.86 -31.59
N VAL A 1070 -9.69 -42.41 -31.34
CA VAL A 1070 -9.18 -41.19 -31.94
C VAL A 1070 -8.14 -41.48 -33.03
N GLN A 1071 -7.89 -42.74 -33.35
CA GLN A 1071 -7.00 -43.16 -34.45
C GLN A 1071 -5.59 -42.66 -34.14
N GLU A 1072 -4.93 -41.93 -35.04
CA GLU A 1072 -3.56 -41.48 -34.84
C GLU A 1072 -3.50 -39.98 -34.56
N GLU A 1073 -4.48 -39.47 -33.83
CA GLU A 1073 -4.57 -38.04 -33.53
C GLU A 1073 -4.11 -37.75 -32.11
N PHE A 1074 -3.58 -36.55 -31.91
CA PHE A 1074 -3.13 -36.07 -30.60
C PHE A 1074 -1.97 -36.90 -30.06
N MET A 1075 -0.93 -37.07 -30.88
CA MET A 1075 0.27 -37.75 -30.42
C MET A 1075 0.95 -36.99 -29.29
N THR A 1076 1.02 -35.65 -29.43
CA THR A 1076 1.59 -34.83 -28.37
C THR A 1076 0.83 -35.01 -27.06
N SER A 1077 -0.49 -35.07 -27.13
CA SER A 1077 -1.30 -35.23 -25.93
C SER A 1077 -1.00 -36.56 -25.24
N ARG A 1078 -0.88 -37.64 -26.01
CA ARG A 1078 -0.56 -38.94 -25.42
C ARG A 1078 0.83 -38.96 -24.81
N VAL A 1079 1.81 -38.42 -25.54
CA VAL A 1079 3.18 -38.42 -25.02
C VAL A 1079 3.27 -37.60 -23.74
N ASN A 1080 2.61 -36.44 -23.71
CA ASN A 1080 2.55 -35.66 -22.49
C ASN A 1080 1.86 -36.42 -21.37
N TRP A 1081 0.78 -37.13 -21.70
CA TRP A 1081 0.04 -37.86 -20.69
C TRP A 1081 0.90 -38.93 -20.04
N VAL A 1082 1.72 -39.63 -20.83
CA VAL A 1082 2.51 -40.71 -20.26
C VAL A 1082 3.40 -40.19 -19.13
N VAL A 1083 4.15 -39.13 -19.40
CA VAL A 1083 5.09 -38.61 -18.41
C VAL A 1083 4.35 -37.94 -17.26
N GLN A 1084 3.33 -37.14 -17.56
CA GLN A 1084 2.67 -36.40 -16.49
C GLN A 1084 1.85 -37.31 -15.60
N SER A 1085 1.24 -38.36 -16.16
CA SER A 1085 0.52 -39.33 -15.35
C SER A 1085 1.47 -40.26 -14.61
N SER A 1086 2.67 -40.51 -15.15
CA SER A 1086 3.69 -41.18 -14.35
C SER A 1086 4.10 -40.32 -13.16
N ALA A 1087 4.18 -39.01 -13.35
CA ALA A 1087 4.46 -38.10 -12.23
C ALA A 1087 3.32 -38.13 -11.22
N VAL A 1088 2.08 -38.21 -11.69
CA VAL A 1088 0.96 -38.34 -10.77
C VAL A 1088 1.02 -39.67 -10.02
N ASP A 1089 1.47 -40.73 -10.69
CA ASP A 1089 1.68 -42.01 -10.01
C ASP A 1089 2.78 -41.90 -8.96
N TYR A 1090 3.83 -41.15 -9.28
CA TYR A 1090 4.88 -40.86 -8.31
C TYR A 1090 4.29 -40.19 -7.07
N LEU A 1091 3.44 -39.19 -7.28
CA LEU A 1091 2.80 -38.52 -6.16
C LEU A 1091 1.91 -39.47 -5.37
N HIS A 1092 1.20 -40.36 -6.07
CA HIS A 1092 0.35 -41.33 -5.38
C HIS A 1092 1.19 -42.27 -4.53
N LEU A 1093 2.32 -42.75 -5.07
CA LEU A 1093 3.22 -43.60 -4.30
C LEU A 1093 3.76 -42.87 -3.10
N MET A 1094 4.15 -41.61 -3.28
CA MET A 1094 4.65 -40.82 -2.15
C MET A 1094 3.60 -40.67 -1.07
N LEU A 1095 2.36 -40.37 -1.46
CA LEU A 1095 1.30 -40.18 -0.47
C LEU A 1095 0.98 -41.48 0.26
N VAL A 1096 0.93 -42.59 -0.47
CA VAL A 1096 0.66 -43.89 0.17
C VAL A 1096 1.77 -44.23 1.16
N ALA A 1097 3.03 -44.09 0.73
CA ALA A 1097 4.16 -44.42 1.59
C ALA A 1097 4.20 -43.52 2.81
N MET A 1098 3.95 -42.22 2.63
CA MET A 1098 3.99 -41.29 3.75
C MET A 1098 2.87 -41.54 4.73
N LYS A 1099 1.67 -41.87 4.25
CA LYS A 1099 0.59 -42.20 5.16
C LYS A 1099 0.90 -43.48 5.93
N TRP A 1100 1.50 -44.47 5.25
CA TRP A 1100 1.90 -45.69 5.95
C TRP A 1100 2.94 -45.41 7.03
N LEU A 1101 3.94 -44.59 6.71
CA LEU A 1101 4.97 -44.26 7.69
C LEU A 1101 4.39 -43.46 8.85
N PHE A 1102 3.48 -42.54 8.57
CA PHE A 1102 2.88 -41.75 9.64
C PHE A 1102 2.01 -42.61 10.55
N GLU A 1103 1.26 -43.55 9.98
CA GLU A 1103 0.39 -44.37 10.81
C GLU A 1103 1.17 -45.42 11.59
N GLU A 1104 2.19 -46.03 10.97
CA GLU A 1104 2.92 -47.10 11.63
C GLU A 1104 3.70 -46.59 12.82
N PHE A 1105 4.44 -45.50 12.65
CA PHE A 1105 5.31 -44.97 13.70
C PHE A 1105 4.66 -43.86 14.52
N ALA A 1106 3.39 -43.57 14.28
CA ALA A 1106 2.63 -42.59 15.06
C ALA A 1106 3.28 -41.21 15.01
N ILE A 1107 3.37 -40.67 13.80
CA ILE A 1107 3.82 -39.30 13.59
C ILE A 1107 2.61 -38.39 13.54
N ASP A 1108 2.62 -37.33 14.35
CA ASP A 1108 1.49 -36.39 14.41
C ASP A 1108 1.60 -35.42 13.27
N GLY A 1109 1.30 -35.89 12.07
CA GLY A 1109 1.39 -35.08 10.88
C GLY A 1109 0.12 -35.13 10.06
N ARG A 1110 0.18 -34.48 8.90
CA ARG A 1110 -0.95 -34.37 7.99
C ARG A 1110 -0.45 -33.82 6.67
N PHE A 1111 -1.01 -34.32 5.57
CA PHE A 1111 -0.70 -33.79 4.27
C PHE A 1111 -1.21 -32.36 4.17
N CYS A 1112 -0.34 -31.45 3.72
CA CYS A 1112 -0.69 -30.04 3.64
C CYS A 1112 -1.10 -29.62 2.23
N ILE A 1113 -0.19 -29.78 1.26
CA ILE A 1113 -0.50 -29.49 -0.13
C ILE A 1113 0.59 -30.12 -0.98
N SER A 1114 0.31 -30.33 -2.25
CA SER A 1114 1.32 -30.76 -3.22
C SER A 1114 1.26 -29.80 -4.39
N ILE A 1115 1.98 -28.69 -4.28
CA ILE A 1115 2.05 -27.68 -5.32
C ILE A 1115 3.05 -28.18 -6.36
N HIS A 1116 2.54 -28.73 -7.47
CA HIS A 1116 3.36 -29.34 -8.51
C HIS A 1116 4.13 -30.49 -7.86
N ASP A 1117 5.46 -30.49 -7.88
CA ASP A 1117 6.23 -31.59 -7.31
C ASP A 1117 6.49 -31.46 -5.81
N GLU A 1118 6.31 -30.27 -5.25
CA GLU A 1118 6.51 -30.10 -3.82
C GLU A 1118 5.52 -30.95 -3.03
N VAL A 1119 5.95 -31.40 -1.87
CA VAL A 1119 5.10 -32.16 -0.96
C VAL A 1119 5.35 -31.63 0.45
N ARG A 1120 4.36 -30.96 1.01
CA ARG A 1120 4.50 -30.33 2.31
C ARG A 1120 3.64 -31.08 3.32
N TYR A 1121 4.16 -31.22 4.54
CA TYR A 1121 3.44 -31.90 5.61
C TYR A 1121 3.40 -31.01 6.84
N LEU A 1122 2.26 -31.01 7.52
CA LEU A 1122 2.05 -30.15 8.68
C LEU A 1122 2.35 -30.96 9.93
N VAL A 1123 3.64 -31.21 10.15
CA VAL A 1123 4.08 -32.08 11.23
C VAL A 1123 4.33 -31.23 12.47
N ARG A 1124 4.12 -31.85 13.63
CA ARG A 1124 4.37 -31.16 14.88
C ARG A 1124 5.87 -30.93 15.06
N GLU A 1125 6.20 -29.95 15.89
CA GLU A 1125 7.59 -29.46 15.96
C GLU A 1125 8.54 -30.54 16.45
N GLU A 1126 8.12 -31.33 17.45
CA GLU A 1126 8.99 -32.38 17.98
C GLU A 1126 9.34 -33.41 16.91
N ASP A 1127 8.38 -33.72 16.05
CA ASP A 1127 8.55 -34.77 15.05
C ASP A 1127 9.15 -34.26 13.74
N ARG A 1128 9.66 -33.03 13.72
CA ARG A 1128 10.19 -32.47 12.48
C ARG A 1128 11.38 -33.26 11.96
N TYR A 1129 12.11 -33.97 12.81
CA TYR A 1129 13.23 -34.79 12.38
C TYR A 1129 12.81 -36.22 12.07
N ARG A 1130 11.90 -36.76 12.86
CA ARG A 1130 11.29 -38.04 12.50
C ARG A 1130 10.56 -37.93 11.17
N ALA A 1131 9.84 -36.83 10.95
CA ALA A 1131 9.16 -36.63 9.68
C ALA A 1131 10.14 -36.41 8.56
N ALA A 1132 11.27 -35.76 8.83
CA ALA A 1132 12.30 -35.62 7.80
C ALA A 1132 12.87 -36.98 7.41
N LEU A 1133 13.12 -37.84 8.39
CA LEU A 1133 13.57 -39.19 8.08
C LEU A 1133 12.50 -39.98 7.32
N ALA A 1134 11.23 -39.77 7.69
CA ALA A 1134 10.14 -40.43 6.98
C ALA A 1134 10.07 -39.97 5.53
N LEU A 1135 10.37 -38.71 5.28
CA LEU A 1135 10.34 -38.19 3.91
C LEU A 1135 11.53 -38.68 3.12
N GLN A 1136 12.65 -38.89 3.78
CA GLN A 1136 13.79 -39.48 3.11
C GLN A 1136 13.53 -40.95 2.76
N ILE A 1137 12.94 -41.69 3.70
CA ILE A 1137 12.61 -43.09 3.44
C ILE A 1137 11.55 -43.20 2.36
N THR A 1138 10.56 -42.30 2.36
CA THR A 1138 9.52 -42.33 1.33
C THR A 1138 10.11 -42.05 -0.04
N ASN A 1139 11.02 -41.07 -0.14
CA ASN A 1139 11.69 -40.82 -1.42
C ASN A 1139 12.48 -42.04 -1.86
N LEU A 1140 13.23 -42.66 -0.94
CA LEU A 1140 14.00 -43.84 -1.28
C LEU A 1140 13.09 -44.95 -1.81
N LEU A 1141 12.02 -45.26 -1.07
CA LEU A 1141 11.13 -46.36 -1.47
C LEU A 1141 10.43 -46.04 -2.78
N THR A 1142 10.02 -44.79 -2.97
CA THR A 1142 9.34 -44.42 -4.21
C THR A 1142 10.27 -44.55 -5.41
N ARG A 1143 11.51 -44.08 -5.28
CA ARG A 1143 12.47 -44.23 -6.38
C ARG A 1143 12.74 -45.71 -6.65
N CYS A 1144 12.86 -46.52 -5.59
CA CYS A 1144 13.10 -47.95 -5.78
C CYS A 1144 11.93 -48.62 -6.45
N MET A 1145 10.69 -48.24 -6.09
CA MET A 1145 9.51 -48.78 -6.74
C MET A 1145 9.44 -48.38 -8.20
N PHE A 1146 9.76 -47.14 -8.52
CA PHE A 1146 9.77 -46.70 -9.89
C PHE A 1146 10.79 -47.45 -10.70
N ALA A 1147 11.97 -47.72 -10.13
CA ALA A 1147 12.97 -48.50 -10.84
C ALA A 1147 12.60 -49.97 -10.94
N TYR A 1148 11.92 -50.52 -9.92
CA TYR A 1148 11.59 -51.93 -9.92
C TYR A 1148 10.47 -52.25 -10.89
N LYS A 1149 9.43 -51.42 -10.94
CA LYS A 1149 8.34 -51.65 -11.89
C LYS A 1149 8.82 -51.51 -13.32
N LEU A 1150 9.98 -50.90 -13.54
CA LEU A 1150 10.60 -50.82 -14.85
C LEU A 1150 11.63 -51.92 -15.09
N GLY A 1151 11.90 -52.76 -14.10
CA GLY A 1151 12.88 -53.81 -14.24
C GLY A 1151 14.32 -53.40 -14.02
N LEU A 1152 14.57 -52.20 -13.47
CA LEU A 1152 15.93 -51.78 -13.21
C LEU A 1152 16.52 -52.53 -12.03
N ASN A 1153 15.74 -52.71 -10.96
CA ASN A 1153 16.13 -53.53 -9.81
C ASN A 1153 17.39 -52.97 -9.14
N ASP A 1154 17.53 -51.64 -9.14
CA ASP A 1154 18.66 -50.98 -8.50
C ASP A 1154 18.35 -49.50 -8.40
N LEU A 1155 19.10 -48.80 -7.54
CA LEU A 1155 18.91 -47.36 -7.38
C LEU A 1155 20.21 -46.68 -7.01
N PRO A 1156 20.59 -45.61 -7.70
CA PRO A 1156 21.83 -44.88 -7.35
C PRO A 1156 21.70 -44.15 -6.03
N GLN A 1157 22.86 -43.90 -5.42
CA GLN A 1157 22.92 -43.15 -4.17
C GLN A 1157 22.58 -41.67 -4.36
N SER A 1158 22.72 -41.17 -5.59
CA SER A 1158 22.46 -39.75 -5.85
C SER A 1158 21.02 -39.39 -5.54
N VAL A 1159 20.07 -40.15 -6.07
CA VAL A 1159 18.65 -39.83 -5.97
C VAL A 1159 17.97 -40.62 -4.85
N ALA A 1160 18.73 -41.37 -4.06
CA ALA A 1160 18.16 -42.23 -3.03
C ALA A 1160 17.54 -41.44 -1.89
N PHE A 1161 17.83 -40.14 -1.77
CA PHE A 1161 17.36 -39.37 -0.62
C PHE A 1161 17.14 -37.93 -1.05
N PHE A 1162 16.34 -37.22 -0.25
CA PHE A 1162 16.09 -35.81 -0.50
C PHE A 1162 17.34 -34.99 -0.26
N SER A 1163 17.61 -34.05 -1.17
CA SER A 1163 18.76 -33.16 -0.99
C SER A 1163 18.59 -32.32 0.27
N ALA A 1164 17.39 -31.81 0.52
CA ALA A 1164 17.15 -30.97 1.68
C ALA A 1164 15.66 -31.05 2.02
N VAL A 1165 15.37 -31.47 3.25
CA VAL A 1165 13.99 -31.49 3.73
C VAL A 1165 13.75 -30.21 4.52
N ASP A 1166 13.19 -29.21 3.85
CA ASP A 1166 12.97 -27.90 4.44
C ASP A 1166 12.05 -27.82 5.63
N ILE A 1167 12.62 -27.79 6.81
CA ILE A 1167 11.82 -27.62 8.01
C ILE A 1167 11.59 -26.13 8.18
N ASP A 1168 10.34 -25.70 8.11
CA ASP A 1168 10.01 -24.29 8.05
C ASP A 1168 8.75 -23.98 8.84
N ARG A 1169 8.23 -22.76 8.70
CA ARG A 1169 6.95 -22.38 9.29
C ARG A 1169 6.10 -21.57 8.33
N CYS A 1170 6.52 -21.43 7.08
CA CYS A 1170 5.71 -20.75 6.07
C CYS A 1170 6.20 -21.22 4.71
N LEU A 1171 5.27 -21.54 3.81
CA LEU A 1171 5.63 -22.07 2.50
C LEU A 1171 6.51 -21.08 1.74
N ARG A 1172 7.61 -21.58 1.22
CA ARG A 1172 8.57 -20.80 0.44
C ARG A 1172 9.57 -21.75 -0.19
N LYS A 1173 10.13 -21.33 -1.32
CA LYS A 1173 11.06 -22.20 -2.05
C LYS A 1173 12.28 -22.54 -1.20
N GLU A 1174 12.85 -21.55 -0.52
CA GLU A 1174 14.01 -21.76 0.33
C GLU A 1174 13.74 -21.21 1.71
N VAL A 1175 14.34 -21.84 2.72
CA VAL A 1175 14.13 -21.42 4.11
C VAL A 1175 14.85 -20.13 4.45
N THR A 1176 15.67 -19.62 3.55
CA THR A 1176 16.38 -18.36 3.76
C THR A 1176 15.62 -17.15 3.26
N MET A 1177 14.53 -17.34 2.53
CA MET A 1177 13.80 -16.22 1.95
C MET A 1177 13.17 -15.36 3.03
N ASP A 1178 13.15 -14.05 2.78
CA ASP A 1178 12.54 -13.10 3.71
C ASP A 1178 11.26 -12.48 3.15
N CYS A 1179 10.87 -12.84 1.92
CA CYS A 1179 9.57 -12.48 1.36
C CYS A 1179 9.36 -10.96 1.30
N LYS A 1180 10.35 -10.25 0.77
CA LYS A 1180 10.24 -8.81 0.59
C LYS A 1180 9.52 -8.54 -0.73
N THR A 1181 8.35 -7.91 -0.63
CA THR A 1181 7.53 -7.55 -1.77
C THR A 1181 7.13 -6.09 -1.64
N PRO A 1182 6.67 -5.45 -2.72
CA PRO A 1182 6.16 -4.09 -2.59
C PRO A 1182 5.05 -3.95 -1.56
N SER A 1183 4.33 -5.03 -1.26
CA SER A 1183 3.37 -5.02 -0.16
C SER A 1183 3.97 -5.49 1.16
N ASN A 1184 5.22 -5.96 1.14
CA ASN A 1184 5.90 -6.45 2.34
C ASN A 1184 7.34 -5.93 2.33
N PRO A 1185 7.52 -4.61 2.47
CA PRO A 1185 8.86 -4.05 2.30
C PRO A 1185 9.83 -4.42 3.40
N THR A 1186 9.35 -4.67 4.62
CA THR A 1186 10.23 -4.94 5.74
C THR A 1186 10.71 -6.38 5.80
N GLY A 1187 10.16 -7.27 4.97
CA GLY A 1187 10.51 -8.67 5.01
C GLY A 1187 9.55 -9.47 5.86
N MET A 1188 9.74 -10.80 5.83
CA MET A 1188 8.86 -11.69 6.57
C MET A 1188 9.17 -11.68 8.05
N GLU A 1189 10.45 -11.81 8.40
CA GLU A 1189 10.84 -11.91 9.81
C GLU A 1189 10.56 -10.62 10.56
N ARG A 1190 10.85 -9.47 9.94
CA ARG A 1190 10.62 -8.19 10.60
C ARG A 1190 9.13 -7.95 10.83
N ARG A 1191 8.32 -8.12 9.79
CA ARG A 1191 6.91 -7.76 9.88
C ARG A 1191 6.09 -8.82 10.62
N TYR A 1192 6.08 -10.04 10.08
CA TYR A 1192 5.19 -11.08 10.59
C TYR A 1192 5.84 -11.95 11.66
N GLY A 1193 7.12 -11.74 11.98
CA GLY A 1193 7.77 -12.46 13.04
C GLY A 1193 7.92 -13.95 12.80
N ILE A 1194 8.37 -14.32 11.61
CA ILE A 1194 8.55 -15.72 11.23
C ILE A 1194 10.05 -16.00 11.16
N PRO A 1195 10.62 -16.69 12.15
CA PRO A 1195 12.05 -17.03 12.08
C PRO A 1195 12.33 -18.01 10.96
N GLN A 1196 13.55 -17.93 10.43
CA GLN A 1196 13.95 -18.82 9.35
C GLN A 1196 14.04 -20.27 9.83
N GLY A 1197 13.81 -21.19 8.91
CA GLY A 1197 13.89 -22.61 9.18
C GLY A 1197 15.19 -23.21 8.66
N GLU A 1198 15.33 -24.51 8.90
CA GLU A 1198 16.55 -25.24 8.60
C GLU A 1198 16.31 -26.23 7.47
N ALA A 1199 17.10 -26.14 6.42
CA ALA A 1199 17.07 -27.10 5.32
C ALA A 1199 18.09 -28.20 5.65
N LEU A 1200 17.58 -29.32 6.14
CA LEU A 1200 18.44 -30.40 6.64
C LEU A 1200 18.98 -31.23 5.48
N ASP A 1201 19.54 -32.38 5.81
CA ASP A 1201 20.06 -33.32 4.83
C ASP A 1201 20.01 -34.70 5.46
N ILE A 1202 20.19 -35.73 4.62
CA ILE A 1202 19.99 -37.10 5.08
C ILE A 1202 20.98 -37.45 6.20
N TYR A 1203 22.25 -37.05 6.04
CA TYR A 1203 23.23 -37.33 7.07
C TYR A 1203 22.91 -36.62 8.37
N GLN A 1204 22.51 -35.35 8.29
CA GLN A 1204 22.11 -34.61 9.49
C GLN A 1204 20.86 -35.22 10.10
N ILE A 1205 19.93 -35.68 9.27
CA ILE A 1205 18.72 -36.32 9.78
C ILE A 1205 19.07 -37.59 10.55
N ILE A 1206 19.99 -38.39 10.00
CA ILE A 1206 20.42 -39.61 10.68
C ILE A 1206 21.11 -39.27 12.00
N GLU A 1207 21.98 -38.25 12.00
CA GLU A 1207 22.67 -37.88 13.22
C GLU A 1207 21.70 -37.37 14.28
N LEU A 1208 20.63 -36.70 13.87
CA LEU A 1208 19.64 -36.22 14.84
C LEU A 1208 18.76 -37.36 15.37
N THR A 1209 18.31 -38.25 14.50
CA THR A 1209 17.38 -39.30 14.87
C THR A 1209 18.05 -40.63 15.17
N LYS A 1210 19.37 -40.71 15.09
CA LYS A 1210 20.13 -41.95 15.24
C LYS A 1210 19.75 -43.00 14.21
N GLY A 1211 19.09 -42.58 13.12
CA GLY A 1211 18.68 -43.47 12.07
C GLY A 1211 17.38 -44.22 12.30
N SER A 1212 16.72 -44.00 13.44
CA SER A 1212 15.51 -44.73 13.80
C SER A 1212 14.35 -43.76 13.96
N LEU A 1213 13.18 -44.16 13.47
CA LEU A 1213 11.98 -43.34 13.53
C LEU A 1213 11.16 -43.60 14.79
N GLU A 1214 11.65 -44.44 15.70
CA GLU A 1214 10.92 -44.70 16.93
C GLU A 1214 10.94 -43.47 17.83
N LYS A 1215 10.03 -43.45 18.79
CA LYS A 1215 9.91 -42.32 19.71
C LYS A 1215 10.60 -42.62 21.03
N GLU B 26 20.56 24.49 -13.88
CA GLU B 26 20.79 25.17 -12.60
C GLU B 26 20.40 24.27 -11.43
N ALA B 27 21.23 24.25 -10.40
CA ALA B 27 20.93 23.48 -9.21
C ALA B 27 19.71 24.04 -8.49
N LEU B 28 19.08 23.19 -7.69
CA LEU B 28 17.89 23.63 -6.95
C LEU B 28 18.23 24.74 -5.96
N VAL B 29 19.35 24.62 -5.26
CA VAL B 29 19.65 25.55 -4.18
C VAL B 29 19.85 26.96 -4.73
N ASP B 30 20.44 27.07 -5.92
CA ASP B 30 20.54 28.39 -6.56
C ASP B 30 19.17 28.98 -6.79
N LEU B 31 18.22 28.18 -7.27
CA LEU B 31 16.86 28.66 -7.50
C LEU B 31 16.20 29.09 -6.20
N CYS B 32 16.26 28.23 -5.17
CA CYS B 32 15.62 28.54 -3.90
C CYS B 32 16.29 29.70 -3.18
N ARG B 33 17.54 30.01 -3.52
CA ARG B 33 18.17 31.21 -2.99
C ARG B 33 17.76 32.44 -3.78
N ARG B 34 17.61 32.31 -5.09
CA ARG B 34 17.20 33.45 -5.92
C ARG B 34 15.74 33.83 -5.65
N ARG B 35 14.85 32.84 -5.60
CA ARG B 35 13.43 33.07 -5.38
C ARG B 35 13.07 33.10 -3.91
N HIS B 36 14.04 33.35 -3.04
CA HIS B 36 13.82 33.63 -1.63
C HIS B 36 13.14 32.49 -0.88
N PHE B 37 13.27 31.26 -1.38
CA PHE B 37 13.01 30.11 -0.53
C PHE B 37 14.16 29.91 0.45
N PHE B 38 15.36 30.31 0.05
CA PHE B 38 16.54 30.16 0.89
C PHE B 38 17.33 31.45 1.10
N SER B 39 17.77 31.70 2.32
CA SER B 39 18.52 32.89 2.67
C SER B 39 19.89 32.48 3.20
N GLY B 40 20.83 33.41 3.11
CA GLY B 40 22.16 33.18 3.64
C GLY B 40 23.27 33.31 2.61
N THR B 41 24.49 33.46 3.07
CA THR B 41 25.63 33.58 2.18
C THR B 41 25.90 32.24 1.50
N PRO B 42 26.57 32.26 0.34
CA PRO B 42 26.88 30.98 -0.33
C PRO B 42 27.72 30.05 0.51
N GLN B 43 28.47 30.59 1.48
CA GLN B 43 29.15 29.72 2.45
C GLN B 43 28.18 29.00 3.37
N GLN B 44 26.97 29.53 3.52
CA GLN B 44 25.93 28.89 4.31
C GLN B 44 25.00 28.02 3.47
N LEU B 45 25.19 28.01 2.15
CA LEU B 45 24.39 27.16 1.27
C LEU B 45 25.00 25.78 1.07
N SER B 46 26.10 25.48 1.75
CA SER B 46 26.69 24.16 1.67
C SER B 46 25.74 23.12 2.25
N THR B 47 25.92 21.86 1.81
CA THR B 47 25.03 20.79 2.24
C THR B 47 25.05 20.62 3.75
N ALA B 48 26.25 20.61 4.35
CA ALA B 48 26.36 20.45 5.80
C ALA B 48 25.71 21.62 6.54
N ALA B 49 25.88 22.84 6.02
CA ALA B 49 25.26 23.99 6.64
C ALA B 49 23.74 23.90 6.57
N LEU B 50 23.20 23.47 5.43
CA LEU B 50 21.76 23.30 5.31
C LEU B 50 21.24 22.23 6.26
N LEU B 51 21.95 21.12 6.36
CA LEU B 51 21.50 19.99 7.16
C LEU B 51 21.85 20.12 8.64
N SER B 52 22.58 21.15 9.04
CA SER B 52 22.93 21.37 10.44
C SER B 52 21.98 22.32 11.16
N GLY B 53 21.58 23.40 10.52
CA GLY B 53 20.65 24.33 11.12
C GLY B 53 21.27 25.42 11.94
N CYS B 54 22.53 25.79 11.65
CA CYS B 54 23.24 26.80 12.41
C CYS B 54 23.02 28.22 11.88
N HIS B 55 22.29 28.37 10.78
CA HIS B 55 22.04 29.69 10.20
C HIS B 55 20.61 29.75 9.69
N ALA B 56 20.10 30.98 9.58
CA ALA B 56 18.75 31.20 9.06
C ALA B 56 18.75 30.89 7.57
N ARG B 57 18.30 29.68 7.22
CA ARG B 57 18.36 29.21 5.84
C ARG B 57 17.14 29.61 5.02
N PHE B 58 15.96 29.64 5.63
CA PHE B 58 14.70 29.82 4.89
C PHE B 58 14.42 31.29 4.68
N GLY B 59 14.29 31.68 3.40
CA GLY B 59 13.84 33.02 3.07
C GLY B 59 12.36 33.17 3.34
N PRO B 60 11.77 34.28 2.86
CA PRO B 60 10.33 34.50 3.12
C PRO B 60 9.45 33.39 2.57
N LEU B 61 9.58 33.07 1.28
CA LEU B 61 8.77 32.00 0.71
C LEU B 61 9.07 30.67 1.36
N GLY B 62 10.33 30.44 1.73
CA GLY B 62 10.65 29.22 2.45
C GLY B 62 9.96 29.15 3.79
N VAL B 63 9.89 30.27 4.50
CA VAL B 63 9.19 30.28 5.79
C VAL B 63 7.70 30.06 5.58
N GLU B 64 7.14 30.62 4.51
CA GLU B 64 5.72 30.40 4.25
C GLU B 64 5.43 28.95 3.89
N LEU B 65 6.30 28.33 3.10
CA LEU B 65 6.14 26.92 2.78
C LEU B 65 6.30 26.06 4.02
N ARG B 66 7.23 26.41 4.91
CA ARG B 66 7.38 25.66 6.15
C ARG B 66 6.16 25.83 7.04
N LYS B 67 5.55 27.02 7.02
CA LYS B 67 4.32 27.24 7.77
C LYS B 67 3.18 26.43 7.19
N ASN B 68 3.11 26.32 5.86
CA ASN B 68 2.12 25.45 5.23
C ASN B 68 2.34 23.99 5.62
N LEU B 69 3.59 23.54 5.63
CA LEU B 69 3.90 22.17 6.03
C LEU B 69 3.50 21.92 7.47
N ALA B 70 3.79 22.87 8.36
CA ALA B 70 3.40 22.74 9.76
C ALA B 70 1.88 22.75 9.90
N SER B 71 1.19 23.54 9.09
CA SER B 71 -0.27 23.56 9.13
C SER B 71 -0.86 22.23 8.68
N GLN B 72 -0.34 21.65 7.60
CA GLN B 72 -0.79 20.34 7.16
C GLN B 72 -0.54 19.30 8.23
N TRP B 73 0.66 19.31 8.81
CA TRP B 73 0.97 18.38 9.90
C TRP B 73 0.00 18.55 11.05
N TRP B 74 -0.25 19.79 11.46
CA TRP B 74 -1.08 20.05 12.63
C TRP B 74 -2.51 19.62 12.38
N SER B 75 -3.08 19.96 11.22
CA SER B 75 -4.44 19.56 10.92
C SER B 75 -4.55 18.04 10.86
N SER B 76 -3.69 17.40 10.05
CA SER B 76 -3.76 15.96 9.86
C SER B 76 -3.43 15.17 11.12
N MET B 77 -2.80 15.78 12.11
CA MET B 77 -2.42 15.04 13.31
C MET B 77 -3.22 15.39 14.55
N VAL B 78 -3.86 16.55 14.61
CA VAL B 78 -4.56 16.95 15.83
C VAL B 78 -6.03 17.28 15.53
N VAL B 79 -6.31 17.75 14.31
CA VAL B 79 -7.65 18.18 13.95
C VAL B 79 -8.38 17.00 13.30
N PHE B 80 -7.81 16.48 12.20
CA PHE B 80 -8.38 15.31 11.55
C PHE B 80 -8.17 14.04 12.36
N ARG B 81 -7.43 14.10 13.46
CA ARG B 81 -7.09 12.95 14.27
C ARG B 81 -7.65 13.14 15.67
N GLU B 82 -8.36 12.13 16.17
CA GLU B 82 -8.83 12.16 17.54
C GLU B 82 -7.73 11.69 18.49
N GLN B 83 -7.90 12.02 19.77
CA GLN B 83 -7.03 11.59 20.86
C GLN B 83 -5.62 12.14 20.76
N VAL B 84 -5.39 13.16 19.93
CA VAL B 84 -4.10 13.86 19.87
C VAL B 84 -4.34 15.30 20.24
N PHE B 85 -3.53 15.83 21.14
CA PHE B 85 -3.73 17.16 21.70
C PHE B 85 -2.53 18.06 21.38
N ALA B 86 -2.52 19.23 21.99
CA ALA B 86 -1.50 20.23 21.79
C ALA B 86 -0.70 20.43 23.07
N VAL B 87 0.59 20.71 22.93
CA VAL B 87 1.50 20.87 24.07
C VAL B 87 2.32 22.14 23.87
N ASP B 88 2.49 22.90 24.95
CA ASP B 88 3.37 24.05 24.97
C ASP B 88 4.55 23.75 25.89
N SER B 89 5.76 23.96 25.39
CA SER B 89 6.96 23.64 26.14
C SER B 89 7.97 24.78 26.00
N LEU B 90 8.68 25.04 27.10
CA LEU B 90 9.67 26.10 27.12
C LEU B 90 10.94 25.67 26.38
N HIS B 91 11.73 26.67 25.99
CA HIS B 91 13.00 26.44 25.30
C HIS B 91 14.15 26.13 26.26
N GLN B 92 13.86 25.86 27.53
CA GLN B 92 14.90 25.62 28.53
C GLN B 92 14.50 24.45 29.41
N GLU B 93 15.28 23.37 29.35
CA GLU B 93 15.07 22.26 30.28
C GLU B 93 15.63 22.62 31.65
N PRO B 94 14.94 22.28 32.73
CA PRO B 94 15.46 22.55 34.07
C PRO B 94 16.72 21.74 34.32
N GLY B 95 17.65 22.35 35.06
CA GLY B 95 18.91 21.69 35.39
C GLY B 95 19.79 21.43 34.17
N ASP B 101 24.94 14.74 29.10
CA ASP B 101 24.27 15.55 28.10
C ASP B 101 25.24 16.51 27.44
N SER B 102 24.98 16.84 26.17
CA SER B 102 25.72 17.85 25.44
C SER B 102 24.94 19.14 25.26
N ALA B 103 23.84 19.31 26.00
CA ALA B 103 23.01 20.49 25.87
C ALA B 103 23.75 21.73 26.35
N PHE B 104 23.57 22.82 25.62
CA PHE B 104 24.18 24.09 26.01
C PHE B 104 23.58 24.59 27.32
N ARG B 105 24.38 25.35 28.05
CA ARG B 105 23.99 25.85 29.36
C ARG B 105 23.74 27.35 29.30
N LEU B 106 22.87 27.82 30.18
CA LEU B 106 22.53 29.24 30.29
C LEU B 106 23.24 29.80 31.52
N VAL B 107 24.27 30.60 31.30
CA VAL B 107 25.07 31.17 32.38
C VAL B 107 24.83 32.68 32.40
N SER B 108 24.48 33.19 33.57
CA SER B 108 24.20 34.62 33.71
C SER B 108 25.52 35.38 33.79
N PRO B 109 25.75 36.36 32.90
CA PRO B 109 27.00 37.14 32.99
C PRO B 109 27.11 37.96 34.26
N GLU B 110 26.01 38.21 34.96
CA GLU B 110 26.09 38.92 36.24
C GLU B 110 26.91 38.14 37.25
N SER B 111 26.71 36.82 37.30
CA SER B 111 27.48 35.96 38.20
C SER B 111 28.88 35.67 37.68
N ILE B 112 29.21 36.10 36.47
CA ILE B 112 30.54 35.88 35.92
C ILE B 112 31.23 37.21 35.66
N LEU B 130 33.23 27.25 37.46
CA LEU B 130 32.94 26.23 36.47
C LEU B 130 32.17 25.07 37.08
N GLU B 131 32.40 24.80 38.36
CA GLU B 131 31.68 23.73 39.04
C GLU B 131 30.21 24.06 39.17
N ASN B 132 29.88 25.31 39.45
CA ASN B 132 28.49 25.72 39.64
C ASN B 132 27.75 25.92 38.32
N LEU B 133 28.44 25.87 37.19
CA LEU B 133 27.80 26.06 35.89
C LEU B 133 27.21 24.78 35.31
N LEU B 134 27.43 23.63 35.96
CA LEU B 134 26.96 22.35 35.45
C LEU B 134 26.10 21.61 36.46
N LYS B 135 25.62 22.29 37.49
CA LYS B 135 24.75 21.65 38.48
C LYS B 135 23.43 22.39 38.65
N THR B 136 23.42 23.71 38.59
CA THR B 136 22.20 24.49 38.75
C THR B 136 21.83 25.32 37.52
N SER B 137 22.69 25.39 36.52
CA SER B 137 22.41 26.19 35.34
C SER B 137 21.35 25.52 34.46
N GLY B 138 20.55 26.35 33.81
CA GLY B 138 19.57 25.84 32.88
C GLY B 138 20.21 25.35 31.59
N LYS B 139 19.45 24.56 30.84
CA LYS B 139 19.96 23.96 29.61
C LYS B 139 18.93 24.07 28.51
N LEU B 140 19.40 24.38 27.30
CA LEU B 140 18.52 24.42 26.14
C LEU B 140 18.07 23.01 25.78
N ARG B 141 16.85 22.91 25.26
CA ARG B 141 16.29 21.63 24.89
C ARG B 141 16.89 21.12 23.58
N ALA B 142 17.15 19.82 23.54
CA ALA B 142 17.61 19.17 22.32
C ALA B 142 16.49 18.47 21.57
N THR B 143 15.45 18.03 22.29
CA THR B 143 14.26 17.45 21.69
C THR B 143 13.06 17.89 22.50
N LEU B 144 11.89 17.84 21.87
CA LEU B 144 10.63 18.19 22.52
C LEU B 144 10.04 17.05 23.31
N LEU B 145 10.69 15.88 23.32
CA LEU B 145 10.16 14.72 24.03
C LEU B 145 10.00 14.99 25.52
N HIS B 146 10.98 15.65 26.13
CA HIS B 146 10.91 15.91 27.56
C HIS B 146 9.86 16.95 27.89
N GLY B 147 9.58 17.87 26.96
CA GLY B 147 8.48 18.78 27.14
C GLY B 147 7.14 18.08 27.09
N ALA B 148 6.98 17.12 26.18
CA ALA B 148 5.74 16.37 26.10
C ALA B 148 5.50 15.57 27.38
N LEU B 149 6.53 14.93 27.91
CA LEU B 149 6.39 14.14 29.13
C LEU B 149 6.09 14.99 30.36
N GLU B 150 6.28 16.32 30.27
CA GLU B 150 5.87 17.20 31.36
C GLU B 150 4.36 17.41 31.40
N HIS B 151 3.71 17.39 30.23
CA HIS B 151 2.26 17.57 30.10
C HIS B 151 1.53 16.25 30.00
N TYR B 152 2.01 15.23 30.73
CA TYR B 152 1.51 13.87 30.55
C TYR B 152 0.02 13.77 30.84
N VAL B 153 -0.44 14.37 31.93
CA VAL B 153 -1.87 14.39 32.24
C VAL B 153 -2.33 15.83 32.43
N ASN B 154 -1.73 16.52 33.39
CA ASN B 154 -2.07 17.90 33.73
C ASN B 154 -3.57 18.07 33.99
N ARG B 161 -7.29 11.01 31.00
CA ARG B 161 -6.83 9.84 31.74
C ARG B 161 -7.05 8.56 30.93
N LYS B 162 -7.31 8.73 29.63
CA LYS B 162 -7.55 7.60 28.75
C LYS B 162 -6.24 7.15 28.10
N LEU B 163 -6.34 6.14 27.23
CA LEU B 163 -5.21 5.54 26.56
C LEU B 163 -5.71 4.68 25.41
N PRO B 164 -5.10 4.75 24.22
CA PRO B 164 -3.95 5.58 23.82
C PRO B 164 -4.31 7.05 23.62
N PHE B 165 -3.31 7.90 23.54
CA PHE B 165 -3.49 9.30 23.18
C PHE B 165 -2.15 9.84 22.70
N GLY B 166 -2.14 11.12 22.33
CA GLY B 166 -0.93 11.74 21.81
C GLY B 166 -0.80 13.16 22.30
N LEU B 167 0.44 13.65 22.26
CA LEU B 167 0.77 15.02 22.66
C LEU B 167 1.68 15.59 21.57
N ALA B 168 1.08 16.20 20.56
CA ALA B 168 1.81 16.70 19.41
C ALA B 168 2.23 18.14 19.63
N GLN B 169 3.36 18.50 19.03
CA GLN B 169 3.92 19.83 19.23
C GLN B 169 4.88 20.13 18.09
N ILE B 170 4.95 21.40 17.73
CA ILE B 170 5.91 21.91 16.76
C ILE B 170 6.69 23.04 17.43
N GLY B 171 8.01 22.97 17.34
CA GLY B 171 8.83 23.95 18.03
C GLY B 171 10.26 23.87 17.55
N VAL B 172 11.12 24.67 18.19
CA VAL B 172 12.52 24.77 17.82
C VAL B 172 13.34 23.96 18.81
N CYS B 173 14.25 23.13 18.28
CA CYS B 173 15.18 22.35 19.09
C CYS B 173 16.60 22.74 18.71
N PHE B 174 17.49 22.70 19.70
CA PHE B 174 18.85 23.19 19.54
C PHE B 174 19.81 22.02 19.44
N HIS B 175 20.65 22.05 18.40
CA HIS B 175 21.57 20.97 18.10
C HIS B 175 23.01 21.45 18.15
N PRO B 176 23.89 20.81 18.91
CA PRO B 176 25.32 21.10 18.80
C PRO B 176 25.81 20.76 17.40
N VAL B 177 26.67 21.61 16.86
CA VAL B 177 27.20 21.41 15.52
C VAL B 177 28.73 21.36 15.55
N THR B 188 31.91 24.68 20.28
CA THR B 188 30.95 24.14 19.34
C THR B 188 29.85 25.15 19.04
N ARG B 189 29.45 25.25 17.78
CA ARG B 189 28.38 26.15 17.39
C ARG B 189 27.03 25.59 17.82
N VAL B 190 25.99 26.42 17.65
CA VAL B 190 24.63 26.04 18.01
C VAL B 190 23.79 26.03 16.74
N GLY B 191 23.16 24.90 16.47
CA GLY B 191 22.25 24.75 15.36
C GLY B 191 20.84 24.54 15.89
N GLU B 192 19.86 25.03 15.14
CA GLU B 192 18.46 24.93 15.53
C GLU B 192 17.65 24.33 14.41
N LYS B 193 16.78 23.40 14.77
CA LYS B 193 15.89 22.74 13.82
C LYS B 193 14.47 22.73 14.37
N THR B 194 13.51 22.90 13.47
CA THR B 194 12.10 22.93 13.84
C THR B 194 11.56 21.51 13.82
N GLU B 195 11.33 20.94 15.00
CA GLU B 195 10.93 19.55 15.13
C GLU B 195 9.44 19.47 15.45
N ALA B 196 8.74 18.61 14.72
CA ALA B 196 7.34 18.32 14.97
C ALA B 196 7.26 16.93 15.58
N SER B 197 7.00 16.87 16.87
CA SER B 197 7.05 15.63 17.62
C SER B 197 5.65 15.20 18.03
N LEU B 198 5.34 13.92 17.78
CA LEU B 198 4.17 13.28 18.36
C LEU B 198 4.65 12.22 19.34
N VAL B 199 4.31 12.41 20.61
CA VAL B 199 4.66 11.46 21.66
C VAL B 199 3.41 10.64 21.94
N TRP B 200 3.38 9.42 21.42
CA TRP B 200 2.19 8.58 21.43
C TRP B 200 2.31 7.53 22.52
N PHE B 201 1.34 7.49 23.42
CA PHE B 201 1.36 6.57 24.56
C PHE B 201 0.43 5.40 24.26
N THR B 202 0.91 4.18 24.51
CA THR B 202 0.17 2.97 24.24
C THR B 202 0.32 2.02 25.41
N PRO B 203 -0.60 1.07 25.58
CA PRO B 203 -0.32 -0.07 26.43
C PRO B 203 0.84 -0.88 25.85
N THR B 204 1.53 -1.61 26.73
CA THR B 204 2.77 -2.27 26.34
C THR B 204 2.54 -3.28 25.22
N ARG B 205 1.44 -4.04 25.29
CA ARG B 205 1.19 -5.10 24.33
C ARG B 205 1.02 -4.57 22.91
N THR B 206 0.30 -3.46 22.76
CA THR B 206 -0.05 -2.93 21.45
C THR B 206 1.03 -2.05 20.85
N SER B 207 2.16 -1.89 21.54
CA SER B 207 3.16 -0.91 21.11
C SER B 207 3.69 -1.20 19.71
N SER B 208 3.95 -2.47 19.41
CA SER B 208 4.47 -2.82 18.09
C SER B 208 3.46 -2.50 16.99
N GLN B 209 2.20 -2.86 17.22
CA GLN B 209 1.15 -2.58 16.23
C GLN B 209 0.99 -1.09 16.01
N TRP B 210 0.97 -0.31 17.11
CA TRP B 210 0.83 1.13 16.97
C TRP B 210 2.05 1.74 16.29
N LEU B 211 3.24 1.20 16.56
CA LEU B 211 4.42 1.67 15.86
C LEU B 211 4.32 1.41 14.36
N ASP B 212 3.84 0.24 13.98
CA ASP B 212 3.66 -0.07 12.56
C ASP B 212 2.64 0.87 11.93
N PHE B 213 1.52 1.10 12.62
CA PHE B 213 0.50 1.99 12.09
C PHE B 213 1.03 3.40 11.92
N TRP B 214 1.76 3.90 12.92
CA TRP B 214 2.32 5.24 12.83
C TRP B 214 3.34 5.34 11.71
N LEU B 215 4.17 4.31 11.54
CA LEU B 215 5.12 4.31 10.44
C LEU B 215 4.39 4.43 9.10
N ARG B 216 3.35 3.64 8.86
CA ARG B 216 2.73 3.75 7.53
C ARG B 216 1.88 4.99 7.39
N HIS B 217 1.27 5.44 8.48
CA HIS B 217 0.51 6.69 8.36
C HIS B 217 1.42 7.87 8.08
N ARG B 218 2.56 7.96 8.79
CA ARG B 218 3.50 9.04 8.53
C ARG B 218 4.07 8.94 7.14
N LEU B 219 4.34 7.73 6.66
CA LEU B 219 4.85 7.57 5.31
C LEU B 219 3.81 8.01 4.29
N LEU B 220 2.54 7.67 4.51
CA LEU B 220 1.48 8.11 3.61
C LEU B 220 1.33 9.63 3.65
N TRP B 221 1.41 10.22 4.83
CA TRP B 221 1.31 11.68 4.93
C TRP B 221 2.45 12.36 4.20
N TRP B 222 3.67 11.86 4.37
CA TRP B 222 4.80 12.48 3.69
C TRP B 222 4.75 12.26 2.19
N ARG B 223 4.21 11.12 1.74
CA ARG B 223 4.08 10.85 0.31
C ARG B 223 2.88 11.53 -0.31
N LYS B 224 1.93 12.02 0.50
CA LYS B 224 0.71 12.62 -0.02
C LYS B 224 1.03 13.86 -0.85
N PHE B 225 1.87 14.75 -0.33
CA PHE B 225 2.28 15.95 -1.02
C PHE B 225 3.46 15.73 -1.96
N ALA B 226 3.98 14.51 -2.03
CA ALA B 226 5.22 14.25 -2.76
C ALA B 226 4.93 13.96 -4.22
N MET B 227 5.68 14.61 -5.10
CA MET B 227 5.59 14.30 -6.53
C MET B 227 6.04 12.88 -6.80
N SER B 228 7.12 12.44 -6.16
CA SER B 228 7.66 11.08 -6.31
C SER B 228 7.59 10.41 -4.94
N PRO B 229 6.50 9.70 -4.63
CA PRO B 229 6.37 9.11 -3.30
C PRO B 229 7.38 8.01 -3.00
N SER B 230 8.06 7.46 -4.02
CA SER B 230 8.99 6.39 -3.78
C SER B 230 10.24 6.86 -3.05
N ASN B 231 10.59 8.14 -3.14
CA ASN B 231 11.80 8.61 -2.48
C ASN B 231 11.69 8.56 -0.97
N PHE B 232 10.49 8.76 -0.43
CA PHE B 232 10.28 8.70 1.02
C PHE B 232 10.32 7.25 1.45
N SER B 233 11.53 6.77 1.72
CA SER B 233 11.77 5.38 2.05
C SER B 233 11.49 5.13 3.53
N SER B 234 11.87 3.95 4.01
CA SER B 234 11.78 3.62 5.43
C SER B 234 12.82 2.55 5.74
N ALA B 235 13.10 2.36 7.02
CA ALA B 235 14.09 1.39 7.45
C ALA B 235 13.78 0.99 8.89
N ASP B 236 14.68 0.20 9.47
CA ASP B 236 14.57 -0.23 10.86
C ASP B 236 15.89 -0.02 11.56
N CYS B 237 15.83 0.34 12.85
CA CYS B 237 17.02 0.66 13.60
C CYS B 237 16.83 0.23 15.06
N GLN B 238 17.94 0.11 15.77
CA GLN B 238 17.95 -0.17 17.20
C GLN B 238 18.84 0.84 17.90
N ASP B 239 18.42 1.25 19.09
CA ASP B 239 19.15 2.24 19.87
C ASP B 239 20.15 1.53 20.79
N GLU B 240 20.70 2.30 21.76
CA GLU B 240 21.71 1.74 22.65
C GLU B 240 21.15 0.61 23.49
N LEU B 241 19.97 0.79 24.07
CA LEU B 241 19.37 -0.21 24.94
C LEU B 241 18.71 -1.36 24.18
N GLY B 242 18.92 -1.43 22.87
CA GLY B 242 18.33 -2.49 22.08
C GLY B 242 16.87 -2.31 21.73
N ARG B 243 16.29 -1.15 22.02
CA ARG B 243 14.89 -0.91 21.68
C ARG B 243 14.71 -0.85 20.17
N LYS B 244 13.55 -1.30 19.70
CA LYS B 244 13.24 -1.30 18.29
C LYS B 244 12.71 0.06 17.85
N GLY B 245 12.90 0.37 16.57
CA GLY B 245 12.40 1.60 16.03
C GLY B 245 12.68 1.76 14.55
N SER B 246 11.79 2.45 13.84
CA SER B 246 11.93 2.69 12.41
C SER B 246 12.46 4.09 12.19
N LYS B 247 12.76 4.39 10.92
CA LYS B 247 13.39 5.65 10.57
C LYS B 247 13.04 5.98 9.13
N LEU B 248 12.21 6.99 8.92
CA LEU B 248 11.89 7.43 7.58
C LEU B 248 13.11 8.09 6.94
N TYR B 249 13.02 8.29 5.63
CA TYR B 249 14.11 8.87 4.89
C TYR B 249 13.55 9.70 3.75
N TYR B 250 14.41 10.52 3.17
CA TYR B 250 14.18 11.07 1.84
C TYR B 250 15.48 10.94 1.06
N SER B 251 15.38 10.47 -0.17
CA SER B 251 16.56 10.25 -1.00
C SER B 251 17.01 11.56 -1.61
N PHE B 252 17.69 12.36 -0.79
CA PHE B 252 18.30 13.58 -1.29
C PHE B 252 19.35 13.22 -2.35
N PRO B 253 19.66 14.15 -3.25
CA PRO B 253 20.62 13.83 -4.32
C PRO B 253 21.96 13.32 -3.82
N TRP B 254 22.44 13.85 -2.69
CA TRP B 254 23.69 13.34 -2.12
C TRP B 254 23.49 12.02 -1.41
N GLY B 255 22.35 11.84 -0.74
CA GLY B 255 22.11 10.59 -0.03
C GLY B 255 20.92 10.73 0.88
N LYS B 256 20.49 9.59 1.41
CA LYS B 256 19.29 9.53 2.23
C LYS B 256 19.54 10.12 3.61
N GLU B 257 18.59 10.93 4.08
CA GLU B 257 18.67 11.57 5.39
C GLU B 257 17.41 11.29 6.18
N PRO B 258 17.53 11.11 7.49
CA PRO B 258 16.35 10.76 8.30
C PRO B 258 15.44 11.93 8.61
N ILE B 259 14.52 12.26 7.70
CA ILE B 259 13.59 13.36 7.96
C ILE B 259 12.65 13.05 9.12
N GLU B 260 12.53 11.79 9.52
CA GLU B 260 11.64 11.43 10.62
C GLU B 260 12.08 10.10 11.20
N THR B 261 12.02 9.99 12.53
CA THR B 261 12.40 8.78 13.24
C THR B 261 11.35 8.42 14.27
N LEU B 262 11.18 7.12 14.50
CA LEU B 262 10.28 6.61 15.51
C LEU B 262 11.03 5.61 16.38
N TRP B 263 10.88 5.74 17.69
CA TRP B 263 11.57 4.86 18.64
C TRP B 263 10.55 4.31 19.63
N ASN B 264 10.45 2.99 19.71
CA ASN B 264 9.53 2.36 20.66
C ASN B 264 10.18 2.38 22.04
N LEU B 265 10.25 3.58 22.61
CA LEU B 265 10.79 3.74 23.95
C LEU B 265 9.96 2.94 24.94
N GLY B 266 10.62 2.16 25.78
CA GLY B 266 9.94 1.28 26.71
C GLY B 266 9.41 2.02 27.92
N ASP B 267 9.45 1.34 29.07
CA ASP B 267 9.00 1.93 30.32
C ASP B 267 10.02 2.88 30.93
N GLN B 268 11.22 2.98 30.33
CA GLN B 268 12.29 3.78 30.92
C GLN B 268 11.96 5.26 30.95
N GLU B 269 11.32 5.76 29.89
CA GLU B 269 11.18 7.22 29.73
C GLU B 269 10.37 7.84 30.85
N LEU B 270 9.25 7.21 31.23
CA LEU B 270 8.46 7.74 32.33
C LEU B 270 9.15 7.57 33.68
N LEU B 271 10.23 6.78 33.75
CA LEU B 271 10.96 6.63 35.00
C LEU B 271 11.86 7.82 35.29
N HIS B 272 12.55 8.34 34.28
CA HIS B 272 13.50 9.43 34.51
C HIS B 272 12.86 10.82 34.31
N THR B 273 11.55 10.89 34.06
CA THR B 273 10.83 12.14 34.14
C THR B 273 9.83 12.17 35.29
N TYR B 274 9.44 11.01 35.82
CA TYR B 274 8.65 10.91 37.04
C TYR B 274 9.31 9.87 37.95
N PRO B 275 10.48 10.19 38.51
CA PRO B 275 11.19 9.21 39.34
C PRO B 275 10.53 8.95 40.68
N GLY B 276 9.48 9.70 41.03
CA GLY B 276 8.82 9.53 42.30
C GLY B 276 7.78 8.42 42.28
N ASN B 277 6.58 8.72 42.76
CA ASN B 277 5.51 7.74 42.82
C ASN B 277 5.13 7.28 41.42
N VAL B 278 4.80 5.98 41.29
CA VAL B 278 4.41 5.41 40.01
C VAL B 278 2.93 5.61 39.70
N SER B 279 2.12 5.97 40.69
CA SER B 279 0.71 6.22 40.44
C SER B 279 0.51 7.44 39.55
N THR B 280 1.45 8.38 39.56
CA THR B 280 1.35 9.54 38.69
C THR B 280 1.42 9.14 37.21
N ILE B 281 2.29 8.19 36.89
CA ILE B 281 2.42 7.71 35.52
C ILE B 281 1.58 6.45 35.31
N ASN B 289 -4.81 0.50 33.93
CA ASN B 289 -3.83 1.38 34.55
C ASN B 289 -2.41 0.98 34.18
N VAL B 290 -2.23 0.58 32.91
CA VAL B 290 -0.90 0.19 32.44
C VAL B 290 -0.04 1.43 32.29
N VAL B 291 1.14 1.41 32.91
CA VAL B 291 2.12 2.48 32.72
C VAL B 291 2.52 2.46 31.25
N PRO B 292 2.11 3.45 30.46
CA PRO B 292 2.25 3.35 29.02
C PRO B 292 3.69 3.43 28.55
N CYS B 293 3.93 2.88 27.37
CA CYS B 293 5.20 3.07 26.70
C CYS B 293 5.19 4.41 25.97
N VAL B 294 6.22 4.67 25.17
CA VAL B 294 6.32 5.91 24.41
C VAL B 294 6.83 5.58 23.02
N LEU B 295 6.20 6.17 22.01
CA LEU B 295 6.59 5.90 20.62
C LEU B 295 7.44 6.99 20.01
N SER B 296 7.32 8.24 20.48
CA SER B 296 8.24 9.31 20.13
C SER B 296 8.40 9.47 18.61
N VAL B 297 7.28 9.79 17.96
CA VAL B 297 7.31 10.13 16.55
C VAL B 297 7.79 11.57 16.42
N SER B 298 8.89 11.76 15.70
CA SER B 298 9.49 13.08 15.58
C SER B 298 10.01 13.38 14.20
N GLY B 299 9.37 14.31 13.49
CA GLY B 299 9.75 14.68 12.13
C GLY B 299 10.39 16.06 12.12
N ASP B 300 11.36 16.24 11.21
CA ASP B 300 12.10 17.48 11.09
C ASP B 300 11.47 18.30 9.97
N VAL B 301 10.73 19.35 10.33
CA VAL B 301 10.02 20.11 9.31
C VAL B 301 10.93 21.08 8.57
N ASP B 302 12.10 21.41 9.12
CA ASP B 302 13.11 22.11 8.32
C ASP B 302 13.68 21.18 7.26
N LEU B 303 14.10 19.99 7.68
CA LEU B 303 14.55 18.99 6.73
C LEU B 303 13.41 18.50 5.84
N GLY B 304 12.19 18.44 6.38
CA GLY B 304 11.05 18.11 5.53
C GLY B 304 10.78 19.17 4.49
N THR B 305 10.89 20.44 4.86
CA THR B 305 10.72 21.53 3.91
C THR B 305 11.77 21.46 2.81
N LEU B 306 13.02 21.19 3.19
CA LEU B 306 14.06 21.02 2.18
C LEU B 306 13.81 19.78 1.32
N ALA B 307 13.23 18.73 1.91
CA ALA B 307 12.89 17.54 1.15
C ALA B 307 11.83 17.85 0.09
N TYR B 308 10.81 18.63 0.46
CA TYR B 308 9.77 19.01 -0.47
C TYR B 308 10.23 20.06 -1.48
N LEU B 309 11.28 20.82 -1.15
CA LEU B 309 11.88 21.70 -2.15
C LEU B 309 12.74 20.94 -3.14
N TYR B 310 13.37 19.84 -2.70
CA TYR B 310 14.14 19.01 -3.63
C TYR B 310 13.24 18.09 -4.45
N ASP B 311 12.14 17.64 -3.87
CA ASP B 311 11.24 16.70 -4.54
C ASP B 311 10.40 17.39 -5.60
N SER B 312 9.95 18.61 -5.33
CA SER B 312 9.14 19.35 -6.30
C SER B 312 9.93 19.63 -7.56
N PHE B 313 11.19 20.02 -7.42
CA PHE B 313 12.06 20.17 -8.58
C PHE B 313 12.30 18.82 -9.23
N GLN B 314 12.40 18.83 -10.56
CA GLN B 314 12.44 17.56 -11.30
C GLN B 314 13.74 16.80 -11.04
N LEU B 315 14.83 17.50 -10.70
CA LEU B 315 16.14 16.88 -10.49
C LEU B 315 16.58 16.07 -11.70
N GLN B 327 13.03 21.83 -20.72
CA GLN B 327 11.88 21.98 -19.84
C GLN B 327 11.75 23.40 -19.31
N ARG B 328 10.87 23.57 -18.33
CA ARG B 328 10.71 24.82 -17.61
C ARG B 328 10.99 24.60 -16.14
N LYS B 329 11.70 25.53 -15.52
CA LYS B 329 11.98 25.45 -14.11
C LYS B 329 10.72 25.78 -13.33
N VAL B 330 10.15 24.78 -12.66
CA VAL B 330 8.93 24.94 -11.91
C VAL B 330 8.99 24.05 -10.68
N LEU B 331 8.64 24.61 -9.54
CA LEU B 331 8.54 23.86 -8.30
C LEU B 331 7.10 23.35 -8.22
N LYS B 332 6.91 22.09 -8.59
CA LYS B 332 5.58 21.49 -8.58
C LYS B 332 5.16 21.17 -7.16
N LEU B 333 5.13 22.17 -6.31
CA LEU B 333 4.69 21.95 -4.95
C LEU B 333 3.20 21.73 -4.85
N HIS B 334 2.78 20.93 -3.87
CA HIS B 334 1.39 20.58 -3.73
C HIS B 334 0.56 21.86 -3.53
N PRO B 335 -0.63 21.94 -4.13
CA PRO B 335 -1.49 23.11 -3.90
C PRO B 335 -1.80 23.38 -2.44
N CYS B 336 -1.56 22.42 -1.55
CA CYS B 336 -1.74 22.64 -0.13
C CYS B 336 -0.46 23.09 0.57
N LEU B 337 0.67 23.13 -0.14
CA LEU B 337 1.93 23.58 0.40
C LEU B 337 2.49 24.82 -0.27
N ALA B 338 2.06 25.13 -1.49
CA ALA B 338 2.61 26.27 -2.20
C ALA B 338 2.40 27.55 -1.38
N PRO B 339 3.41 28.42 -1.29
CA PRO B 339 3.24 29.64 -0.49
C PRO B 339 2.36 30.67 -1.16
N ILE B 340 2.44 30.79 -2.48
CA ILE B 340 1.71 31.78 -3.24
C ILE B 340 0.78 31.03 -4.19
N LYS B 341 -0.52 31.33 -4.09
CA LYS B 341 -1.53 30.63 -4.87
C LYS B 341 -2.13 31.47 -6.00
N VAL B 342 -2.24 32.78 -5.83
CA VAL B 342 -2.76 33.67 -6.86
C VAL B 342 -1.74 34.77 -7.09
N ALA B 343 -1.55 35.15 -8.35
CA ALA B 343 -0.60 36.21 -8.71
C ALA B 343 -1.30 37.21 -9.61
N LEU B 344 -1.91 38.22 -9.00
CA LEU B 344 -2.65 39.23 -9.76
C LEU B 344 -1.69 40.07 -10.60
N ASP B 345 -2.26 40.67 -11.64
CA ASP B 345 -1.50 41.53 -12.54
C ASP B 345 -2.47 42.41 -13.29
N VAL B 346 -1.93 43.46 -13.91
CA VAL B 346 -2.72 44.43 -14.66
C VAL B 346 -2.13 44.53 -16.06
N GLY B 347 -2.99 44.48 -17.07
CA GLY B 347 -2.56 44.44 -18.45
C GLY B 347 -1.95 45.73 -18.96
N LYS B 348 -2.76 46.78 -19.07
CA LYS B 348 -2.33 48.02 -19.71
C LYS B 348 -3.21 49.16 -19.21
N GLY B 349 -3.17 50.29 -19.90
CA GLY B 349 -3.96 51.44 -19.53
C GLY B 349 -5.45 51.21 -19.72
N PRO B 350 -6.28 51.96 -18.98
CA PRO B 350 -5.95 52.97 -17.97
C PRO B 350 -5.44 52.37 -16.67
N THR B 351 -4.44 53.00 -16.06
CA THR B 351 -3.82 52.41 -14.87
C THR B 351 -4.71 52.51 -13.65
N VAL B 352 -5.36 53.66 -13.45
CA VAL B 352 -6.07 53.91 -12.21
C VAL B 352 -7.26 52.96 -12.05
N GLU B 353 -8.09 52.86 -13.10
CA GLU B 353 -9.28 52.02 -13.02
C GLU B 353 -8.92 50.54 -12.90
N LEU B 354 -7.97 50.08 -13.70
CA LEU B 354 -7.56 48.68 -13.63
C LEU B 354 -6.95 48.36 -12.27
N ARG B 355 -6.16 49.28 -11.72
CA ARG B 355 -5.55 49.03 -10.41
C ARG B 355 -6.60 49.05 -9.31
N GLN B 356 -7.61 49.91 -9.43
CA GLN B 356 -8.70 49.88 -8.45
C GLN B 356 -9.46 48.55 -8.52
N VAL B 357 -9.73 48.07 -9.73
CA VAL B 357 -10.41 46.78 -9.90
C VAL B 357 -9.57 45.66 -9.32
N CYS B 358 -8.27 45.67 -9.61
CA CYS B 358 -7.38 44.63 -9.11
C CYS B 358 -7.28 44.66 -7.59
N GLN B 359 -7.25 45.86 -7.01
CA GLN B 359 -7.25 45.96 -5.56
C GLN B 359 -8.54 45.43 -4.96
N GLY B 360 -9.68 45.72 -5.59
CA GLY B 360 -10.92 45.15 -5.12
C GLY B 360 -10.94 43.64 -5.19
N LEU B 361 -10.42 43.09 -6.29
CA LEU B 361 -10.33 41.64 -6.44
C LEU B 361 -9.42 41.04 -5.39
N LEU B 362 -8.28 41.69 -5.12
CA LEU B 362 -7.36 41.22 -4.10
C LEU B 362 -8.02 41.22 -2.72
N ASN B 363 -8.76 42.28 -2.40
CA ASN B 363 -9.47 42.31 -1.13
C ASN B 363 -10.51 41.20 -1.07
N GLU B 364 -11.14 40.88 -2.20
CA GLU B 364 -12.11 39.80 -2.24
C GLU B 364 -11.45 38.45 -1.97
N LEU B 365 -10.30 38.21 -2.59
CA LEU B 365 -9.61 36.94 -2.42
C LEU B 365 -9.16 36.72 -0.97
N LEU B 366 -8.60 37.77 -0.35
CA LEU B 366 -8.01 37.62 0.98
C LEU B 366 -9.04 37.28 2.04
N GLU B 367 -10.27 37.79 1.91
CA GLU B 367 -11.29 37.57 2.93
C GLU B 367 -11.60 36.09 3.10
N ASN B 368 -11.69 35.36 1.99
CA ASN B 368 -11.91 33.91 2.07
C ASN B 368 -10.71 33.19 2.66
N GLY B 369 -9.50 33.65 2.36
CA GLY B 369 -8.30 33.03 2.89
C GLY B 369 -7.34 32.49 1.85
N ILE B 370 -7.33 33.09 0.67
CA ILE B 370 -6.45 32.67 -0.42
C ILE B 370 -5.27 33.63 -0.47
N SER B 371 -4.06 33.08 -0.38
CA SER B 371 -2.85 33.88 -0.30
C SER B 371 -2.49 34.41 -1.68
N VAL B 372 -2.49 35.73 -1.82
CA VAL B 372 -2.28 36.38 -3.10
C VAL B 372 -0.90 37.04 -3.11
N TRP B 373 -0.34 37.17 -4.30
CA TRP B 373 0.90 37.91 -4.51
C TRP B 373 0.59 39.15 -5.34
N PRO B 374 0.60 40.35 -4.76
CA PRO B 374 0.28 41.54 -5.56
C PRO B 374 1.39 41.86 -6.56
N GLY B 375 1.13 41.58 -7.83
CA GLY B 375 2.10 41.86 -8.87
C GLY B 375 1.75 43.10 -9.66
N TYR B 376 0.58 43.65 -9.39
CA TYR B 376 0.17 44.89 -10.05
C TYR B 376 0.90 46.10 -9.47
N SER B 377 1.11 46.09 -8.16
CA SER B 377 1.80 47.18 -7.48
C SER B 377 3.30 47.17 -7.70
N GLU B 378 3.84 46.12 -8.31
CA GLU B 378 5.27 46.05 -8.57
C GLU B 378 5.65 47.09 -9.63
N THR B 379 6.53 48.01 -9.25
CA THR B 379 6.96 49.05 -10.17
C THR B 379 7.92 48.54 -11.24
N VAL B 380 8.56 47.40 -11.00
CA VAL B 380 9.48 46.81 -11.97
C VAL B 380 8.64 46.10 -13.03
N HIS B 381 8.65 46.64 -14.25
CA HIS B 381 7.86 46.09 -15.33
C HIS B 381 8.69 45.09 -16.14
N SER B 382 8.08 43.96 -16.47
CA SER B 382 8.76 42.89 -17.19
C SER B 382 7.78 42.23 -18.15
N SER B 383 8.33 41.50 -19.11
CA SER B 383 7.51 40.81 -20.09
C SER B 383 6.69 39.71 -19.42
N LEU B 384 5.64 39.27 -20.12
CA LEU B 384 4.77 38.23 -19.59
C LEU B 384 5.52 36.91 -19.41
N GLU B 385 6.44 36.60 -20.31
CA GLU B 385 7.18 35.35 -20.23
C GLU B 385 8.01 35.27 -18.95
N GLN B 386 8.74 36.34 -18.65
CA GLN B 386 9.56 36.37 -17.44
C GLN B 386 8.69 36.35 -16.19
N LEU B 387 7.55 37.05 -16.22
CA LEU B 387 6.64 37.03 -15.09
C LEU B 387 6.10 35.63 -14.84
N HIS B 388 5.73 34.92 -15.91
CA HIS B 388 5.22 33.57 -15.77
C HIS B 388 6.30 32.61 -15.28
N SER B 389 7.53 32.78 -15.77
CA SER B 389 8.63 31.95 -15.28
C SER B 389 8.89 32.20 -13.80
N LYS B 390 8.87 33.46 -13.39
CA LYS B 390 9.05 33.79 -11.98
C LYS B 390 7.97 33.16 -11.12
N TYR B 391 6.72 33.20 -11.59
CA TYR B 391 5.64 32.59 -10.83
C TYR B 391 5.75 31.07 -10.81
N ASP B 392 6.26 30.47 -11.90
CA ASP B 392 6.50 29.03 -11.91
C ASP B 392 7.52 28.66 -10.83
N GLU B 393 8.64 29.37 -10.80
CA GLU B 393 9.69 29.05 -9.84
C GLU B 393 9.21 29.22 -8.40
N MET B 394 8.41 30.26 -8.14
CA MET B 394 7.86 30.50 -6.82
C MET B 394 6.68 29.59 -6.51
N SER B 395 6.34 28.66 -7.40
CA SER B 395 5.23 27.72 -7.20
C SER B 395 3.91 28.46 -7.00
N VAL B 396 3.56 29.26 -8.00
CA VAL B 396 2.30 30.01 -7.99
C VAL B 396 1.27 29.19 -8.76
N LEU B 397 0.21 28.77 -8.08
CA LEU B 397 -0.79 27.90 -8.69
C LEU B 397 -1.49 28.59 -9.86
N PHE B 398 -2.00 29.80 -9.64
CA PHE B 398 -2.82 30.49 -10.62
C PHE B 398 -2.32 31.91 -10.83
N SER B 399 -2.34 32.35 -12.08
CA SER B 399 -1.94 33.71 -12.46
C SER B 399 -3.14 34.41 -13.10
N VAL B 400 -3.50 35.57 -12.56
CA VAL B 400 -4.66 36.33 -13.00
C VAL B 400 -4.18 37.60 -13.66
N LEU B 401 -4.79 37.95 -14.80
CA LEU B 401 -4.50 39.17 -15.51
C LEU B 401 -5.78 39.96 -15.68
N VAL B 402 -5.77 41.21 -15.25
CA VAL B 402 -6.94 42.08 -15.30
C VAL B 402 -6.63 43.16 -16.33
N THR B 403 -7.15 42.99 -17.54
CA THR B 403 -6.87 43.95 -18.60
C THR B 403 -8.03 44.91 -18.76
N GLU B 404 -7.87 45.87 -19.65
CA GLU B 404 -8.91 46.89 -19.82
C GLU B 404 -10.23 46.28 -20.25
N THR B 405 -10.19 45.17 -20.99
CA THR B 405 -11.41 44.48 -21.40
C THR B 405 -12.19 43.96 -20.19
N THR B 406 -11.50 43.75 -19.06
CA THR B 406 -12.20 43.33 -17.85
C THR B 406 -13.22 44.37 -17.40
N LEU B 407 -12.98 45.65 -17.70
CA LEU B 407 -13.92 46.70 -17.33
C LEU B 407 -15.23 46.60 -18.12
N GLU B 408 -15.22 45.95 -19.27
CA GLU B 408 -16.41 45.88 -20.12
C GLU B 408 -17.33 44.71 -19.71
N ASN B 409 -16.81 43.48 -19.77
CA ASN B 409 -17.61 42.30 -19.51
C ASN B 409 -17.19 41.51 -18.28
N GLY B 410 -15.91 41.50 -17.93
CA GLY B 410 -15.46 40.79 -16.75
C GLY B 410 -14.63 39.56 -17.01
N LEU B 411 -14.00 39.45 -18.17
CA LEU B 411 -13.21 38.27 -18.51
C LEU B 411 -11.75 38.53 -18.15
N ILE B 412 -11.20 37.67 -17.29
CA ILE B 412 -9.82 37.77 -16.83
C ILE B 412 -9.07 36.52 -17.26
N GLN B 413 -7.89 36.70 -17.83
CA GLN B 413 -7.14 35.62 -18.46
C GLN B 413 -6.40 34.82 -17.40
N LEU B 414 -7.14 33.96 -16.71
CA LEU B 414 -6.56 33.10 -15.68
C LEU B 414 -5.65 32.04 -16.31
N ARG B 415 -4.55 31.74 -15.62
CA ARG B 415 -3.58 30.76 -16.07
C ARG B 415 -3.24 29.83 -14.93
N SER B 416 -2.91 28.58 -15.26
CA SER B 416 -2.64 27.55 -14.28
C SER B 416 -1.20 27.06 -14.42
N ARG B 417 -0.54 26.84 -13.28
CA ARG B 417 0.86 26.43 -13.29
C ARG B 417 1.04 25.06 -13.94
N ASP B 418 0.18 24.11 -13.60
CA ASP B 418 0.36 22.73 -14.03
C ASP B 418 0.29 22.61 -15.55
N THR B 419 -0.75 23.16 -16.15
CA THR B 419 -0.96 23.02 -17.58
C THR B 419 -0.35 24.14 -18.40
N THR B 420 -0.25 25.34 -17.82
CA THR B 420 0.24 26.54 -18.52
C THR B 420 -0.68 26.91 -19.69
N MET B 421 -1.98 26.80 -19.47
CA MET B 421 -2.99 27.14 -20.47
C MET B 421 -3.91 28.21 -19.92
N LYS B 422 -4.25 29.18 -20.76
CA LYS B 422 -4.92 30.41 -20.34
C LYS B 422 -6.42 30.31 -20.54
N GLU B 423 -7.17 30.61 -19.50
CA GLU B 423 -8.62 30.65 -19.53
C GLU B 423 -9.09 32.08 -19.83
N MET B 424 -10.41 32.28 -19.83
CA MET B 424 -11.02 33.60 -19.93
C MET B 424 -12.17 33.70 -18.94
N MET B 425 -11.93 33.22 -17.73
CA MET B 425 -12.99 33.11 -16.73
C MET B 425 -13.55 34.47 -16.36
N HIS B 426 -14.87 34.52 -16.18
CA HIS B 426 -15.55 35.73 -15.75
C HIS B 426 -15.24 36.03 -14.28
N ILE B 427 -15.31 37.32 -13.92
CA ILE B 427 -14.91 37.75 -12.58
C ILE B 427 -15.74 37.04 -11.52
N SER B 428 -17.06 36.98 -11.71
CA SER B 428 -17.94 36.44 -10.68
C SER B 428 -17.60 35.00 -10.34
N LYS B 429 -16.97 34.28 -11.27
CA LYS B 429 -16.64 32.89 -11.06
C LYS B 429 -15.24 32.68 -10.50
N LEU B 430 -14.40 33.71 -10.45
CA LEU B 430 -12.98 33.51 -10.13
C LEU B 430 -12.79 33.03 -8.70
N ARG B 431 -13.38 33.74 -7.74
CA ARG B 431 -13.19 33.38 -6.34
C ARG B 431 -13.77 32.01 -6.05
N ASP B 432 -14.96 31.72 -6.59
CA ASP B 432 -15.57 30.41 -6.36
C ASP B 432 -14.75 29.30 -6.99
N PHE B 433 -14.21 29.54 -8.19
CA PHE B 433 -13.37 28.54 -8.84
C PHE B 433 -12.10 28.27 -8.04
N LEU B 434 -11.47 29.33 -7.52
CA LEU B 434 -10.26 29.13 -6.72
C LEU B 434 -10.57 28.38 -5.44
N VAL B 435 -11.69 28.72 -4.77
CA VAL B 435 -12.05 28.01 -3.55
C VAL B 435 -12.34 26.54 -3.85
N LYS B 436 -13.07 26.27 -4.94
CA LYS B 436 -13.37 24.89 -5.29
C LYS B 436 -12.11 24.11 -5.60
N TYR B 437 -11.19 24.72 -6.36
CA TYR B 437 -9.93 24.05 -6.69
C TYR B 437 -9.13 23.73 -5.43
N LEU B 438 -9.01 24.71 -4.53
CA LEU B 438 -8.22 24.51 -3.32
C LEU B 438 -8.92 23.64 -2.29
N ALA B 439 -10.22 23.39 -2.46
CA ALA B 439 -10.89 22.40 -1.62
C ALA B 439 -10.81 21.00 -2.20
N SER B 440 -10.74 20.88 -3.53
CA SER B 440 -10.56 19.58 -4.16
C SER B 440 -9.12 19.08 -4.01
N ALA B 441 -8.14 19.99 -4.07
CA ALA B 441 -6.75 19.58 -3.93
C ALA B 441 -6.48 19.01 -2.54
N SER B 442 -7.04 19.62 -1.50
CA SER B 442 -6.81 19.17 -0.13
C SER B 442 -7.61 17.91 0.21
N ASN B 443 -8.53 17.49 -0.63
CA ASN B 443 -9.34 16.31 -0.34
C ASN B 443 -9.25 15.29 -1.47
N ALA C 27 -13.56 34.42 40.88
CA ALA C 27 -12.77 35.36 40.10
C ALA C 27 -12.46 34.81 38.71
N LEU C 28 -11.76 35.61 37.91
CA LEU C 28 -11.42 35.19 36.56
C LEU C 28 -10.30 34.17 36.52
N VAL C 29 -9.32 34.28 37.44
CA VAL C 29 -8.18 33.37 37.40
C VAL C 29 -8.63 31.93 37.62
N ASP C 30 -9.57 31.71 38.53
CA ASP C 30 -10.09 30.36 38.75
C ASP C 30 -10.78 29.83 37.50
N LEU C 31 -11.58 30.67 36.84
CA LEU C 31 -12.29 30.23 35.64
C LEU C 31 -11.32 29.89 34.52
N CYS C 32 -10.27 30.69 34.35
CA CYS C 32 -9.27 30.39 33.33
C CYS C 32 -8.49 29.13 33.68
N ARG C 33 -8.22 28.91 34.97
CA ARG C 33 -7.49 27.73 35.39
C ARG C 33 -8.30 26.46 35.14
N ARG C 34 -9.58 26.47 35.49
CA ARG C 34 -10.40 25.27 35.37
C ARG C 34 -10.70 24.94 33.91
N ARG C 35 -10.91 25.96 33.07
CA ARG C 35 -11.26 25.77 31.67
C ARG C 35 -10.04 25.77 30.76
N HIS C 36 -8.87 25.44 31.29
CA HIS C 36 -7.65 25.25 30.50
C HIS C 36 -7.23 26.52 29.76
N PHE C 37 -7.51 27.69 30.34
CA PHE C 37 -6.92 28.93 29.88
C PHE C 37 -5.68 29.32 30.68
N PHE C 38 -5.65 28.98 31.96
CA PHE C 38 -4.49 29.18 32.81
C PHE C 38 -3.92 27.83 33.23
N SER C 39 -2.60 27.70 33.12
CA SER C 39 -1.93 26.46 33.49
C SER C 39 -1.43 26.52 34.93
N ARG C 57 1.37 28.81 32.29
CA ARG C 57 0.55 30.01 32.20
C ARG C 57 -0.64 29.80 31.27
N PHE C 58 -0.37 29.49 30.01
CA PHE C 58 -1.46 29.35 29.05
C PHE C 58 -1.79 27.87 28.90
N GLY C 59 -3.02 27.49 29.29
CA GLY C 59 -3.50 26.16 29.05
C GLY C 59 -3.76 25.93 27.57
N PRO C 60 -4.25 24.72 27.26
CA PRO C 60 -4.51 24.40 25.84
C PRO C 60 -5.45 25.39 25.17
N LEU C 61 -6.54 25.78 25.85
CA LEU C 61 -7.40 26.81 25.30
C LEU C 61 -6.70 28.16 25.27
N GLY C 62 -5.88 28.43 26.29
CA GLY C 62 -5.09 29.66 26.27
C GLY C 62 -4.11 29.69 25.11
N VAL C 63 -3.45 28.56 24.83
CA VAL C 63 -2.52 28.51 23.72
C VAL C 63 -3.25 28.65 22.39
N GLU C 64 -4.45 28.06 22.29
CA GLU C 64 -5.23 28.22 21.06
C GLU C 64 -5.67 29.66 20.87
N LEU C 65 -6.09 30.33 21.94
CA LEU C 65 -6.44 31.74 21.86
C LEU C 65 -5.24 32.59 21.46
N ARG C 66 -4.07 32.27 22.02
CA ARG C 66 -2.87 33.01 21.66
C ARG C 66 -2.50 32.78 20.20
N LYS C 67 -2.71 31.56 19.70
CA LYS C 67 -2.47 31.27 18.30
C LYS C 67 -3.43 32.05 17.41
N ASN C 68 -4.70 32.14 17.82
CA ASN C 68 -5.66 32.96 17.08
C ASN C 68 -5.25 34.43 17.09
N LEU C 69 -4.80 34.93 18.24
CA LEU C 69 -4.36 36.32 18.34
C LEU C 69 -3.17 36.58 17.45
N ALA C 70 -2.21 35.65 17.43
CA ALA C 70 -1.04 35.79 16.56
C ALA C 70 -1.46 35.74 15.09
N SER C 71 -2.44 34.91 14.75
CA SER C 71 -2.91 34.83 13.38
C SER C 71 -3.62 36.11 12.95
N GLN C 72 -4.43 36.69 13.85
CA GLN C 72 -5.08 37.96 13.53
C GLN C 72 -4.04 39.06 13.35
N TRP C 73 -3.06 39.12 14.24
CA TRP C 73 -1.96 40.07 14.08
C TRP C 73 -1.28 39.87 12.74
N TRP C 74 -0.98 38.61 12.40
CA TRP C 74 -0.26 38.32 11.16
C TRP C 74 -1.06 38.78 9.95
N SER C 75 -2.35 38.44 9.92
CA SER C 75 -3.18 38.83 8.78
C SER C 75 -3.26 40.34 8.68
N SER C 76 -3.65 41.01 9.77
CA SER C 76 -3.90 42.45 9.74
C SER C 76 -2.62 43.26 9.54
N MET C 77 -1.45 42.70 9.81
CA MET C 77 -0.21 43.46 9.69
C MET C 77 0.66 43.04 8.53
N VAL C 78 0.42 41.88 7.91
CA VAL C 78 1.24 41.37 6.82
C VAL C 78 0.41 41.09 5.58
N VAL C 79 -0.74 40.44 5.74
CA VAL C 79 -1.55 40.05 4.58
C VAL C 79 -2.35 41.24 4.07
N PHE C 80 -3.21 41.81 4.93
CA PHE C 80 -3.98 42.98 4.52
C PHE C 80 -3.06 44.16 4.25
N ARG C 81 -2.04 44.35 5.08
CA ARG C 81 -1.11 45.46 4.91
C ARG C 81 -0.15 45.16 3.77
N GLU C 82 0.07 46.14 2.91
CA GLU C 82 1.02 46.01 1.83
C GLU C 82 2.45 46.10 2.37
N GLN C 83 3.40 45.68 1.53
CA GLN C 83 4.85 45.79 1.75
C GLN C 83 5.29 45.48 3.18
N VAL C 84 4.73 44.42 3.77
CA VAL C 84 5.18 43.90 5.05
C VAL C 84 5.40 42.40 4.89
N PHE C 85 6.55 41.92 5.35
CA PHE C 85 7.00 40.57 5.04
C PHE C 85 7.35 39.82 6.32
N ALA C 86 7.67 38.55 6.15
CA ALA C 86 8.03 37.65 7.24
C ALA C 86 9.53 37.56 7.39
N VAL C 87 10.00 37.48 8.62
CA VAL C 87 11.42 37.39 8.94
C VAL C 87 11.63 36.22 9.87
N ASP C 88 12.59 35.36 9.55
CA ASP C 88 12.99 34.25 10.41
C ASP C 88 14.45 34.46 10.82
N SER C 89 14.70 34.42 12.12
CA SER C 89 16.05 34.59 12.64
C SER C 89 16.21 33.73 13.88
N LEU C 90 17.46 33.31 14.12
CA LEU C 90 17.74 32.36 15.18
C LEU C 90 17.58 33.01 16.55
N HIS C 91 17.36 32.16 17.55
CA HIS C 91 17.16 32.63 18.92
C HIS C 91 18.43 33.11 19.59
N GLN C 92 19.60 32.65 19.13
CA GLN C 92 20.86 33.04 19.75
C GLN C 92 21.52 34.14 18.93
N GLU C 93 22.26 34.99 19.62
CA GLU C 93 22.93 36.13 19.02
C GLU C 93 24.42 35.85 18.87
N PRO C 94 25.08 36.55 17.94
CA PRO C 94 26.51 36.29 17.70
C PRO C 94 27.39 36.48 18.93
N GLY C 95 27.02 37.40 19.81
CA GLY C 95 27.77 37.61 21.03
C GLY C 95 28.71 38.80 20.98
N SER C 96 28.43 39.80 21.81
CA SER C 96 29.23 41.01 21.88
C SER C 96 30.26 40.89 23.00
N SER C 97 31.18 41.85 23.02
CA SER C 97 32.23 41.91 24.03
C SER C 97 31.86 42.75 25.24
N GLN C 98 30.66 43.34 25.24
CA GLN C 98 30.27 44.23 26.33
C GLN C 98 29.65 43.43 27.47
N PRO C 99 30.25 43.43 28.67
CA PRO C 99 29.65 42.72 29.80
C PRO C 99 28.39 43.37 30.35
N ARG C 100 28.08 44.60 29.93
CA ARG C 100 26.92 45.29 30.45
C ARG C 100 25.61 44.61 30.09
N ASP C 101 25.59 43.81 29.03
CA ASP C 101 24.38 43.10 28.64
C ASP C 101 24.02 42.04 29.69
N SER C 102 22.73 41.91 29.98
CA SER C 102 22.24 40.95 30.95
C SER C 102 21.76 39.65 30.32
N ALA C 103 21.91 39.50 29.00
CA ALA C 103 21.43 38.30 28.32
C ALA C 103 22.26 37.09 28.73
N PHE C 104 21.59 35.97 28.94
CA PHE C 104 22.26 34.72 29.28
C PHE C 104 23.12 34.24 28.13
N ARG C 105 24.22 33.58 28.47
CA ARG C 105 25.21 33.12 27.50
C ARG C 105 25.06 31.63 27.24
N LEU C 106 25.51 31.21 26.06
CA LEU C 106 25.50 29.81 25.66
C LEU C 106 26.91 29.27 25.78
N VAL C 107 27.12 28.32 26.68
CA VAL C 107 28.43 27.70 26.91
C VAL C 107 28.30 26.21 26.69
N SER C 108 29.18 25.65 25.87
CA SER C 108 29.15 24.23 25.60
C SER C 108 29.80 23.48 26.77
N PRO C 109 29.11 22.50 27.35
CA PRO C 109 29.69 21.78 28.51
C PRO C 109 30.95 20.99 28.17
N GLU C 110 31.20 20.69 26.90
CA GLU C 110 32.40 19.97 26.50
C GLU C 110 33.67 20.79 26.67
N SER C 111 33.55 22.10 26.90
CA SER C 111 34.71 22.95 27.08
C SER C 111 34.83 23.41 28.53
N LEU C 130 36.53 31.29 32.63
CA LEU C 130 35.28 32.01 32.81
C LEU C 130 35.36 33.43 32.25
N GLU C 131 36.57 33.97 32.21
CA GLU C 131 36.77 35.32 31.68
C GLU C 131 36.62 35.37 30.17
N ASN C 132 36.69 34.22 29.50
CA ASN C 132 36.45 34.14 28.06
C ASN C 132 35.01 33.80 27.72
N LEU C 133 34.16 33.57 28.72
CA LEU C 133 32.74 33.30 28.48
C LEU C 133 31.97 34.55 28.08
N LEU C 134 32.54 35.73 28.28
CA LEU C 134 31.90 36.98 27.89
C LEU C 134 32.50 37.55 26.61
N LYS C 135 33.26 36.74 25.85
CA LYS C 135 33.95 37.21 24.67
C LYS C 135 33.46 36.55 23.39
N THR C 136 33.44 35.21 23.35
CA THR C 136 33.09 34.48 22.14
C THR C 136 31.92 33.52 22.35
N SER C 137 31.12 33.73 23.40
CA SER C 137 29.99 32.87 23.70
C SER C 137 28.70 33.57 23.30
N GLY C 138 27.90 32.88 22.49
CA GLY C 138 26.64 33.46 22.04
C GLY C 138 25.65 33.63 23.18
N LYS C 139 24.70 34.54 22.96
CA LYS C 139 23.71 34.87 23.96
C LYS C 139 22.32 34.83 23.37
N LEU C 140 21.35 34.47 24.21
CA LEU C 140 19.96 34.44 23.78
C LEU C 140 19.47 35.85 23.49
N ARG C 141 18.66 35.98 22.44
CA ARG C 141 18.13 37.29 22.06
C ARG C 141 17.16 37.80 23.12
N ALA C 142 17.24 39.11 23.40
CA ALA C 142 16.32 39.75 24.32
C ALA C 142 15.15 40.42 23.63
N THR C 143 15.37 40.94 22.42
CA THR C 143 14.31 41.52 21.61
C THR C 143 14.51 41.12 20.16
N LEU C 144 13.41 41.03 19.42
CA LEU C 144 13.46 40.66 18.01
C LEU C 144 14.06 41.74 17.14
N LEU C 145 14.32 42.93 17.68
CA LEU C 145 14.72 44.06 16.86
C LEU C 145 16.02 43.77 16.10
N HIS C 146 17.00 43.17 16.76
CA HIS C 146 18.28 42.95 16.11
C HIS C 146 18.20 41.87 15.03
N GLY C 147 17.31 40.89 15.21
CA GLY C 147 17.13 39.88 14.17
C GLY C 147 16.58 40.44 12.89
N ALA C 148 15.64 41.39 13.01
CA ALA C 148 15.05 42.01 11.82
C ALA C 148 16.08 42.81 11.05
N LEU C 149 16.95 43.54 11.76
CA LEU C 149 17.92 44.40 11.10
C LEU C 149 18.94 43.63 10.28
N GLU C 150 19.13 42.34 10.55
CA GLU C 150 20.05 41.55 9.75
C GLU C 150 19.44 41.10 8.42
N HIS C 151 18.13 41.14 8.30
CA HIS C 151 17.44 40.80 7.07
C HIS C 151 17.19 41.99 6.17
N TYR C 152 17.75 43.17 6.52
CA TYR C 152 17.53 44.36 5.72
C TYR C 152 17.95 44.15 4.27
N VAL C 153 19.16 43.64 4.05
CA VAL C 153 19.59 43.33 2.69
C VAL C 153 18.78 42.17 2.13
N ASN C 154 18.43 41.20 2.98
CA ASN C 154 17.74 40.01 2.50
C ASN C 154 16.39 40.35 1.88
N CYS C 155 15.63 41.25 2.51
CA CYS C 155 14.36 41.68 1.98
C CYS C 155 14.45 42.99 1.20
N LEU C 156 15.66 43.56 1.06
CA LEU C 156 15.82 44.76 0.25
C LEU C 156 15.65 44.44 -1.23
N ASP C 157 16.17 43.31 -1.69
CA ASP C 157 16.02 42.92 -3.08
C ASP C 157 14.60 42.46 -3.39
N LEU C 158 13.89 41.96 -2.37
CA LEU C 158 12.52 41.50 -2.58
C LEU C 158 11.60 42.66 -2.97
N VAL C 159 11.80 43.83 -2.37
CA VAL C 159 10.99 45.00 -2.68
C VAL C 159 11.67 45.82 -3.77
N ASN C 160 12.73 45.25 -4.35
CA ASN C 160 13.56 45.96 -5.33
C ASN C 160 14.11 47.27 -4.76
N ARG C 161 14.47 47.24 -3.48
CA ARG C 161 15.11 48.38 -2.82
C ARG C 161 14.23 49.63 -2.87
N LYS C 162 12.92 49.43 -2.69
CA LYS C 162 11.95 50.53 -2.76
C LYS C 162 11.46 50.84 -1.36
N LEU C 163 12.04 51.88 -0.75
CA LEU C 163 11.55 52.35 0.52
C LEU C 163 10.18 53.01 0.36
N PRO C 164 9.30 52.90 1.37
CA PRO C 164 9.47 52.14 2.61
C PRO C 164 9.11 50.67 2.46
N PHE C 165 9.61 49.83 3.36
CA PHE C 165 9.25 48.42 3.39
C PHE C 165 9.37 47.94 4.83
N GLY C 166 8.67 46.86 5.14
CA GLY C 166 8.53 46.42 6.51
C GLY C 166 8.94 44.97 6.70
N LEU C 167 9.29 44.67 7.95
CA LEU C 167 9.65 43.32 8.38
C LEU C 167 8.86 43.01 9.64
N ALA C 168 8.22 41.84 9.67
CA ALA C 168 7.42 41.43 10.80
C ALA C 168 7.77 39.99 11.16
N GLN C 169 7.61 39.67 12.45
CA GLN C 169 7.97 38.36 12.94
C GLN C 169 7.32 38.15 14.30
N ILE C 170 6.81 36.94 14.52
CA ILE C 170 6.31 36.52 15.82
C ILE C 170 7.22 35.40 16.31
N GLY C 171 8.07 35.72 17.28
CA GLY C 171 9.00 34.74 17.81
C GLY C 171 9.03 34.78 19.32
N VAL C 172 10.06 34.17 19.92
CA VAL C 172 10.20 34.12 21.37
C VAL C 172 11.35 35.04 21.77
N CYS C 173 11.12 35.84 22.80
CA CYS C 173 12.15 36.71 23.36
C CYS C 173 12.49 36.23 24.76
N PHE C 174 13.79 36.22 25.07
CA PHE C 174 14.29 35.73 26.35
C PHE C 174 14.72 36.92 27.19
N HIS C 175 14.02 37.16 28.30
CA HIS C 175 14.37 38.25 29.16
C HIS C 175 14.66 37.74 30.58
N PRO C 176 15.68 38.27 31.24
CA PRO C 176 16.00 37.81 32.60
C PRO C 176 14.95 38.28 33.59
N VAL C 177 14.29 37.32 34.24
CA VAL C 177 13.25 37.63 35.20
C VAL C 177 13.85 38.08 36.52
N ARG C 189 16.51 33.77 37.01
CA ARG C 189 16.21 32.79 35.98
C ARG C 189 16.07 33.44 34.61
N VAL C 190 15.65 32.64 33.63
CA VAL C 190 15.42 33.10 32.27
C VAL C 190 13.92 33.08 32.01
N GLY C 191 13.39 34.20 31.52
CA GLY C 191 11.97 34.31 31.21
C GLY C 191 11.77 34.43 29.71
N GLU C 192 10.70 33.82 29.22
CA GLU C 192 10.40 33.81 27.80
C GLU C 192 9.05 34.48 27.57
N LYS C 193 9.01 35.44 26.65
CA LYS C 193 7.78 36.08 26.23
C LYS C 193 7.69 36.03 24.71
N THR C 194 6.46 35.90 24.21
CA THR C 194 6.21 35.86 22.78
C THR C 194 5.95 37.28 22.30
N GLU C 195 6.92 37.88 21.63
CA GLU C 195 6.84 39.24 21.15
C GLU C 195 6.59 39.25 19.65
N ALA C 196 5.54 39.94 19.24
CA ALA C 196 5.23 40.14 17.83
C ALA C 196 5.74 41.53 17.46
N SER C 197 6.82 41.56 16.67
CA SER C 197 7.52 42.80 16.36
C SER C 197 7.21 43.23 14.93
N LEU C 198 6.90 44.51 14.77
CA LEU C 198 6.87 45.16 13.47
C LEU C 198 7.98 46.21 13.44
N VAL C 199 8.90 46.05 12.52
CA VAL C 199 10.00 46.99 12.34
C VAL C 199 9.79 47.68 10.99
N TRP C 200 9.61 48.99 11.03
CA TRP C 200 9.25 49.77 9.85
C TRP C 200 10.45 50.60 9.41
N PHE C 201 10.85 50.44 8.15
CA PHE C 201 12.02 51.13 7.60
C PHE C 201 11.54 52.34 6.82
N THR C 202 11.20 53.39 7.56
CA THR C 202 10.69 54.62 6.97
C THR C 202 11.79 55.67 6.85
N PRO C 203 11.72 56.53 5.84
CA PRO C 203 12.67 57.64 5.75
C PRO C 203 12.54 58.59 6.92
N THR C 204 13.55 59.45 7.09
CA THR C 204 13.63 60.30 8.26
C THR C 204 12.54 61.36 8.27
N ARG C 205 12.22 61.93 7.11
CA ARG C 205 11.28 63.05 7.07
C ARG C 205 9.87 62.62 7.46
N THR C 206 9.48 61.40 7.12
CA THR C 206 8.16 60.87 7.42
C THR C 206 8.16 60.00 8.68
N SER C 207 9.18 60.13 9.53
CA SER C 207 9.30 59.27 10.70
C SER C 207 8.12 59.44 11.64
N SER C 208 7.83 60.69 12.03
CA SER C 208 6.75 60.93 12.98
C SER C 208 5.38 60.68 12.35
N GLN C 209 5.23 60.95 11.06
CA GLN C 209 3.97 60.68 10.39
C GLN C 209 3.65 59.18 10.42
N TRP C 210 4.59 58.35 9.98
CA TRP C 210 4.38 56.91 10.03
C TRP C 210 4.27 56.42 11.46
N LEU C 211 4.98 57.04 12.41
CA LEU C 211 4.87 56.64 13.80
C LEU C 211 3.46 56.86 14.33
N ASP C 212 2.87 58.02 14.04
CA ASP C 212 1.50 58.28 14.48
C ASP C 212 0.50 57.40 13.74
N PHE C 213 0.75 57.15 12.44
CA PHE C 213 -0.11 56.25 11.68
C PHE C 213 -0.12 54.86 12.29
N TRP C 214 1.06 54.31 12.59
CA TRP C 214 1.15 53.00 13.20
C TRP C 214 0.58 53.01 14.62
N LEU C 215 0.75 54.12 15.35
CA LEU C 215 0.17 54.20 16.69
C LEU C 215 -1.34 54.07 16.64
N ARG C 216 -1.99 54.86 15.78
CA ARG C 216 -3.45 54.81 15.71
C ARG C 216 -3.91 53.49 15.12
N HIS C 217 -3.19 52.94 14.15
CA HIS C 217 -3.59 51.66 13.57
C HIS C 217 -3.46 50.52 14.58
N ARG C 218 -2.39 50.50 15.36
CA ARG C 218 -2.24 49.48 16.39
C ARG C 218 -3.26 49.64 17.49
N LEU C 219 -3.61 50.89 17.84
CA LEU C 219 -4.65 51.10 18.83
C LEU C 219 -6.00 50.60 18.32
N LEU C 220 -6.30 50.85 17.04
CA LEU C 220 -7.52 50.33 16.45
C LEU C 220 -7.51 48.80 16.41
N TRP C 221 -6.37 48.21 16.07
CA TRP C 221 -6.26 46.75 16.04
C TRP C 221 -6.50 46.15 17.41
N TRP C 222 -5.93 46.74 18.45
CA TRP C 222 -6.09 46.19 19.80
C TRP C 222 -7.48 46.44 20.34
N ARG C 223 -8.12 47.55 19.97
CA ARG C 223 -9.48 47.83 20.39
C ARG C 223 -10.51 47.02 19.63
N LYS C 224 -10.19 46.58 18.41
CA LYS C 224 -11.19 45.94 17.55
C LYS C 224 -11.74 44.67 18.17
N PHE C 225 -10.87 43.83 18.72
CA PHE C 225 -11.29 42.56 19.30
C PHE C 225 -11.79 42.70 20.73
N ALA C 226 -11.76 43.90 21.30
CA ALA C 226 -12.08 44.11 22.69
C ALA C 226 -13.54 44.54 22.85
N MET C 227 -14.21 43.98 23.85
CA MET C 227 -15.57 44.41 24.16
C MET C 227 -15.59 45.84 24.66
N SER C 228 -14.53 46.29 25.33
CA SER C 228 -14.45 47.62 25.92
C SER C 228 -13.20 48.30 25.39
N PRO C 229 -13.28 48.99 24.24
CA PRO C 229 -12.11 49.67 23.69
C PRO C 229 -11.66 50.88 24.49
N SER C 230 -12.38 51.25 25.55
CA SER C 230 -11.96 52.36 26.40
C SER C 230 -10.82 51.96 27.34
N ASN C 231 -10.76 50.68 27.73
CA ASN C 231 -9.70 50.24 28.62
C ASN C 231 -8.33 50.35 27.95
N PHE C 232 -8.25 50.04 26.65
CA PHE C 232 -7.01 50.26 25.92
C PHE C 232 -6.73 51.75 25.83
N SER C 233 -5.45 52.11 25.97
CA SER C 233 -5.05 53.49 26.02
C SER C 233 -3.69 53.64 25.34
N SER C 234 -3.29 54.89 25.12
CA SER C 234 -1.99 55.19 24.54
C SER C 234 -1.38 56.36 25.30
N ALA C 235 -0.05 56.47 25.19
CA ALA C 235 0.69 57.54 25.86
C ALA C 235 2.04 57.70 25.17
N ASP C 236 2.76 58.74 25.56
CA ASP C 236 4.06 59.04 25.01
C ASP C 236 5.14 58.95 26.08
N CYS C 237 6.38 58.91 25.63
CA CYS C 237 7.55 58.83 26.50
C CYS C 237 8.78 59.09 25.64
N GLN C 238 9.93 59.21 26.30
CA GLN C 238 11.17 59.54 25.62
C GLN C 238 12.24 58.51 25.95
N ASP C 239 13.09 58.23 24.96
CA ASP C 239 14.12 57.21 25.08
C ASP C 239 15.30 57.76 25.90
N GLU C 240 16.31 56.89 26.09
CA GLU C 240 17.51 57.30 26.82
C GLU C 240 18.25 58.40 26.06
N LEU C 241 18.35 58.26 24.74
CA LEU C 241 19.05 59.23 23.90
C LEU C 241 18.18 60.41 23.50
N GLY C 242 17.06 60.63 24.20
CA GLY C 242 16.15 61.70 23.86
C GLY C 242 15.21 61.38 22.71
N ARG C 243 15.25 60.17 22.18
CA ARG C 243 14.35 59.80 21.09
C ARG C 243 12.92 59.68 21.58
N LYS C 244 11.98 60.17 20.78
CA LYS C 244 10.57 60.17 21.15
C LYS C 244 9.91 58.87 20.73
N GLY C 245 8.99 58.39 21.56
CA GLY C 245 8.28 57.16 21.26
C GLY C 245 6.95 57.11 21.97
N SER C 246 6.07 56.24 21.46
CA SER C 246 4.73 56.08 21.97
C SER C 246 4.56 54.70 22.57
N LYS C 247 3.81 54.61 23.67
CA LYS C 247 3.56 53.34 24.34
C LYS C 247 2.06 53.10 24.40
N LEU C 248 1.63 51.94 23.90
CA LEU C 248 0.26 51.50 24.07
C LEU C 248 0.08 50.86 25.44
N TYR C 249 -1.13 50.94 25.95
CA TYR C 249 -1.43 50.45 27.29
C TYR C 249 -2.75 49.71 27.30
N TYR C 250 -2.89 48.80 28.25
CA TYR C 250 -4.18 48.23 28.61
C TYR C 250 -4.37 48.44 30.11
N SER C 251 -5.58 48.87 30.49
CA SER C 251 -5.87 49.15 31.89
C SER C 251 -6.27 47.85 32.58
N PHE C 252 -5.26 47.10 33.04
CA PHE C 252 -5.51 45.89 33.80
C PHE C 252 -6.14 46.26 35.14
N PRO C 253 -6.82 45.30 35.79
CA PRO C 253 -7.45 45.62 37.09
C PRO C 253 -6.46 46.08 38.14
N TRP C 254 -5.20 45.68 38.05
CA TRP C 254 -4.18 46.16 38.98
C TRP C 254 -3.47 47.42 38.49
N GLY C 255 -3.80 47.90 37.30
CA GLY C 255 -3.18 49.10 36.75
C GLY C 255 -2.68 48.87 35.33
N LYS C 256 -2.25 49.97 34.72
CA LYS C 256 -1.78 49.93 33.35
C LYS C 256 -0.52 49.09 33.21
N GLU C 257 -0.49 48.24 32.19
CA GLU C 257 0.68 47.47 31.81
C GLU C 257 0.87 47.62 30.31
N PRO C 258 1.99 48.17 29.85
CA PRO C 258 2.14 48.42 28.41
C PRO C 258 2.22 47.16 27.59
N ILE C 259 1.17 46.86 26.82
CA ILE C 259 1.14 45.68 25.97
C ILE C 259 1.82 45.90 24.63
N GLU C 260 2.19 47.14 24.30
CA GLU C 260 2.87 47.43 23.05
C GLU C 260 3.64 48.73 23.23
N THR C 261 4.66 48.91 22.39
CA THR C 261 5.56 50.05 22.53
C THR C 261 6.16 50.39 21.18
N LEU C 262 6.14 51.67 20.84
CA LEU C 262 6.69 52.17 19.58
C LEU C 262 7.79 53.19 19.89
N TRP C 263 8.97 52.96 19.33
CA TRP C 263 10.10 53.87 19.48
C TRP C 263 10.53 54.37 18.11
N ASN C 264 11.01 55.62 18.07
CA ASN C 264 11.59 56.19 16.86
C ASN C 264 13.11 56.14 17.01
N LEU C 265 13.67 54.97 16.69
CA LEU C 265 15.09 54.73 16.93
C LEU C 265 15.96 55.54 15.99
N GLY C 266 15.59 55.63 14.73
CA GLY C 266 16.39 56.35 13.76
C GLY C 266 17.39 55.49 13.03
N ASP C 267 18.22 56.16 12.23
CA ASP C 267 19.25 55.48 11.45
C ASP C 267 20.38 54.91 12.30
N GLN C 268 20.44 55.27 13.58
CA GLN C 268 21.53 54.82 14.44
C GLN C 268 21.52 53.30 14.60
N GLU C 269 20.34 52.71 14.75
CA GLU C 269 20.27 51.27 14.97
C GLU C 269 20.78 50.48 13.77
N LEU C 270 20.41 50.90 12.56
CA LEU C 270 20.92 50.23 11.37
C LEU C 270 22.41 50.44 11.17
N LEU C 271 22.98 51.48 11.79
CA LEU C 271 24.41 51.74 11.66
C LEU C 271 25.24 50.64 12.30
N HIS C 272 24.82 50.14 13.47
CA HIS C 272 25.62 49.19 14.21
C HIS C 272 25.72 47.85 13.48
N THR C 273 24.58 47.32 13.02
CA THR C 273 24.57 46.02 12.37
C THR C 273 25.26 46.04 11.01
N TYR C 274 25.43 47.22 10.41
CA TYR C 274 26.10 47.37 9.13
C TYR C 274 27.18 48.44 9.24
N PRO C 275 28.30 48.13 9.87
CA PRO C 275 29.40 49.10 9.97
C PRO C 275 30.20 49.28 8.69
N GLY C 276 29.91 48.49 7.66
CA GLY C 276 30.69 48.53 6.44
C GLY C 276 30.28 49.62 5.47
N ASN C 277 30.17 49.26 4.19
CA ASN C 277 29.87 50.24 3.15
C ASN C 277 28.47 50.83 3.36
N VAL C 278 28.36 52.13 3.11
CA VAL C 278 27.12 52.85 3.38
C VAL C 278 26.03 52.48 2.38
N SER C 279 26.40 52.20 1.13
CA SER C 279 25.39 51.97 0.09
C SER C 279 24.50 50.77 0.41
N THR C 280 25.00 49.80 1.17
CA THR C 280 24.21 48.65 1.57
C THR C 280 23.50 48.84 2.90
N ILE C 281 23.71 49.97 3.57
CA ILE C 281 23.05 50.23 4.85
C ILE C 281 21.61 50.66 4.62
N ASP C 285 12.50 55.85 -1.10
CA ASP C 285 12.16 57.24 -0.88
C ASP C 285 12.29 58.04 -2.17
N GLY C 286 11.30 57.92 -3.04
CA GLY C 286 11.38 58.58 -4.33
C GLY C 286 12.55 58.04 -5.13
N ARG C 287 13.38 58.94 -5.64
CA ARG C 287 14.58 58.52 -6.35
C ARG C 287 15.82 58.50 -5.46
N LYS C 288 15.89 59.39 -4.47
CA LYS C 288 17.01 59.40 -3.55
C LYS C 288 16.92 58.20 -2.60
N ASN C 289 18.07 57.82 -2.06
CA ASN C 289 18.18 56.70 -1.13
C ASN C 289 18.79 57.20 0.17
N VAL C 290 18.12 56.91 1.29
CA VAL C 290 18.58 57.33 2.61
C VAL C 290 18.51 56.13 3.55
N VAL C 291 19.30 56.19 4.61
CA VAL C 291 19.26 55.18 5.66
C VAL C 291 17.96 55.38 6.42
N PRO C 292 17.09 54.38 6.47
CA PRO C 292 15.75 54.60 7.02
C PRO C 292 15.80 54.94 8.50
N CYS C 293 14.84 55.77 8.92
CA CYS C 293 14.66 56.10 10.33
C CYS C 293 13.90 54.95 10.97
N VAL C 294 14.64 53.87 11.23
CA VAL C 294 14.04 52.62 11.69
C VAL C 294 13.30 52.87 12.99
N LEU C 295 11.98 52.66 12.96
CA LEU C 295 11.15 52.70 14.16
C LEU C 295 10.61 51.30 14.42
N SER C 296 10.51 50.95 15.69
CA SER C 296 10.21 49.58 16.09
C SER C 296 8.85 49.54 16.78
N VAL C 297 7.98 48.68 16.28
CA VAL C 297 6.68 48.43 16.89
C VAL C 297 6.71 47.01 17.45
N SER C 298 6.68 46.89 18.77
CA SER C 298 6.79 45.59 19.43
C SER C 298 5.63 45.41 20.39
N GLY C 299 4.89 44.32 20.23
CA GLY C 299 3.76 44.02 21.08
C GLY C 299 3.94 42.70 21.78
N ASP C 300 3.42 42.61 23.00
CA ASP C 300 3.51 41.41 23.83
C ASP C 300 2.21 40.62 23.64
N VAL C 301 2.26 39.59 22.80
CA VAL C 301 1.05 38.79 22.58
C VAL C 301 0.74 37.88 23.75
N ASP C 302 1.70 37.64 24.65
CA ASP C 302 1.37 36.94 25.89
C ASP C 302 0.62 37.85 26.84
N LEU C 303 1.17 39.03 27.11
CA LEU C 303 0.45 40.03 27.87
C LEU C 303 -0.80 40.50 27.13
N GLY C 304 -0.75 40.51 25.79
CA GLY C 304 -1.95 40.83 25.03
C GLY C 304 -3.04 39.80 25.20
N THR C 305 -2.67 38.51 25.19
CA THR C 305 -3.63 37.46 25.45
C THR C 305 -4.19 37.57 26.87
N LEU C 306 -3.34 37.93 27.83
CA LEU C 306 -3.82 38.19 29.19
C LEU C 306 -4.81 39.34 29.21
N ALA C 307 -4.52 40.40 28.46
CA ALA C 307 -5.42 41.55 28.39
C ALA C 307 -6.76 41.17 27.79
N TYR C 308 -6.74 40.36 26.72
CA TYR C 308 -7.98 39.95 26.08
C TYR C 308 -8.75 38.95 26.94
N LEU C 309 -8.06 38.19 27.79
CA LEU C 309 -8.76 37.32 28.73
C LEU C 309 -9.40 38.13 29.85
N TYR C 310 -8.74 39.19 30.30
CA TYR C 310 -9.32 40.05 31.32
C TYR C 310 -10.49 40.85 30.78
N ASP C 311 -10.31 41.47 29.61
CA ASP C 311 -11.31 42.36 29.05
C ASP C 311 -12.59 41.61 28.67
N SER C 312 -12.44 40.42 28.07
CA SER C 312 -13.61 39.68 27.59
C SER C 312 -14.48 39.17 28.72
N PHE C 313 -14.00 39.17 29.96
CA PHE C 313 -14.79 38.69 31.08
C PHE C 313 -15.96 39.63 31.36
N VAL C 330 -18.94 33.99 32.26
CA VAL C 330 -19.02 33.81 30.83
C VAL C 330 -18.02 34.69 30.09
N LEU C 331 -17.13 34.08 29.33
CA LEU C 331 -16.14 34.84 28.58
C LEU C 331 -16.66 35.12 27.19
N LYS C 332 -16.88 36.39 26.87
CA LYS C 332 -17.37 36.79 25.55
C LYS C 332 -16.20 37.23 24.68
N LEU C 333 -15.34 36.26 24.36
CA LEU C 333 -14.23 36.53 23.47
C LEU C 333 -14.74 36.80 22.05
N HIS C 334 -13.89 37.46 21.26
CA HIS C 334 -14.25 37.80 19.90
C HIS C 334 -14.36 36.52 19.05
N PRO C 335 -15.29 36.50 18.09
CA PRO C 335 -15.39 35.32 17.21
C PRO C 335 -14.12 35.03 16.42
N CYS C 336 -13.34 36.05 16.08
CA CYS C 336 -12.08 35.83 15.38
C CYS C 336 -10.95 35.44 16.32
N LEU C 337 -11.19 35.44 17.63
CA LEU C 337 -10.19 35.06 18.61
C LEU C 337 -10.53 33.78 19.37
N ALA C 338 -11.81 33.49 19.56
CA ALA C 338 -12.20 32.37 20.41
C ALA C 338 -11.57 31.08 19.90
N PRO C 339 -11.10 30.20 20.80
CA PRO C 339 -10.42 28.99 20.32
C PRO C 339 -11.35 27.98 19.68
N ILE C 340 -12.57 27.83 20.21
CA ILE C 340 -13.51 26.81 19.77
C ILE C 340 -14.77 27.49 19.24
N LYS C 341 -15.14 27.18 18.01
CA LYS C 341 -16.30 27.78 17.37
C LYS C 341 -17.58 26.99 17.62
N VAL C 342 -17.54 25.67 17.46
CA VAL C 342 -18.73 24.84 17.49
C VAL C 342 -18.52 23.71 18.50
N ALA C 343 -19.56 23.40 19.27
CA ALA C 343 -19.54 22.33 20.26
C ALA C 343 -20.69 21.36 19.95
N LEU C 344 -20.38 20.31 19.21
CA LEU C 344 -21.38 19.30 18.87
C LEU C 344 -21.74 18.49 20.11
N ASP C 345 -22.86 17.78 19.98
CA ASP C 345 -23.32 16.93 21.06
C ASP C 345 -24.46 16.04 20.60
N VAL C 346 -25.05 15.28 21.50
CA VAL C 346 -26.17 14.40 21.20
C VAL C 346 -27.18 14.51 22.32
N GLY C 347 -28.40 14.09 22.03
CA GLY C 347 -29.47 14.17 23.02
C GLY C 347 -30.67 13.36 22.59
N LYS C 348 -31.59 13.18 23.53
CA LYS C 348 -32.83 12.44 23.30
C LYS C 348 -32.56 11.03 22.80
N THR C 351 -28.86 6.12 18.58
CA THR C 351 -27.60 6.39 19.25
C THR C 351 -26.43 6.33 18.27
N VAL C 352 -26.21 5.13 17.71
CA VAL C 352 -25.14 4.95 16.73
C VAL C 352 -25.44 5.78 15.49
N GLU C 353 -26.71 5.86 15.09
CA GLU C 353 -27.09 6.72 13.98
C GLU C 353 -26.78 8.17 14.27
N LEU C 354 -27.10 8.62 15.48
CA LEU C 354 -26.73 9.98 15.90
C LEU C 354 -25.21 10.14 15.91
N ARG C 355 -24.49 9.08 16.32
CA ARG C 355 -23.04 9.13 16.29
C ARG C 355 -22.51 9.36 14.88
N GLN C 356 -23.08 8.64 13.90
CA GLN C 356 -22.63 8.82 12.52
C GLN C 356 -23.00 10.19 11.99
N VAL C 357 -24.19 10.70 12.35
CA VAL C 357 -24.59 12.03 11.92
C VAL C 357 -23.62 13.07 12.46
N CYS C 358 -23.29 12.98 13.75
CA CYS C 358 -22.33 13.90 14.34
C CYS C 358 -20.96 13.76 13.70
N GLN C 359 -20.56 12.52 13.39
CA GLN C 359 -19.27 12.29 12.76
C GLN C 359 -19.19 12.98 11.41
N GLY C 360 -20.24 12.82 10.60
CA GLY C 360 -20.25 13.47 9.29
C GLY C 360 -20.27 14.98 9.40
N LEU C 361 -21.08 15.51 10.31
CA LEU C 361 -21.12 16.96 10.51
C LEU C 361 -19.77 17.50 10.96
N LEU C 362 -19.13 16.81 11.91
CA LEU C 362 -17.82 17.22 12.38
C LEU C 362 -16.79 17.18 11.28
N ASN C 363 -16.82 16.11 10.47
CA ASN C 363 -15.85 15.99 9.38
C ASN C 363 -16.03 17.12 8.37
N GLU C 364 -17.29 17.45 8.03
CA GLU C 364 -17.53 18.54 7.10
C GLU C 364 -17.04 19.87 7.66
N LEU C 365 -17.36 20.13 8.94
CA LEU C 365 -16.92 21.38 9.56
C LEU C 365 -15.41 21.49 9.60
N LEU C 366 -14.72 20.39 9.96
CA LEU C 366 -13.27 20.41 10.00
C LEU C 366 -12.67 20.60 8.61
N GLU C 367 -13.26 19.96 7.59
CA GLU C 367 -12.76 20.13 6.23
C GLU C 367 -12.90 21.59 5.78
N ASN C 368 -14.01 22.23 6.15
CA ASN C 368 -14.19 23.63 5.79
C ASN C 368 -13.15 24.53 6.45
N GLY C 369 -12.85 24.27 7.72
CA GLY C 369 -11.85 25.07 8.41
C GLY C 369 -12.34 25.63 9.74
N ILE C 370 -13.45 25.10 10.24
CA ILE C 370 -14.04 25.56 11.49
C ILE C 370 -13.56 24.63 12.59
N SER C 371 -12.92 25.20 13.61
CA SER C 371 -12.50 24.41 14.76
C SER C 371 -13.72 24.01 15.58
N VAL C 372 -13.81 22.73 15.90
CA VAL C 372 -14.99 22.16 16.55
C VAL C 372 -14.57 21.42 17.82
N TRP C 373 -15.37 21.54 18.86
CA TRP C 373 -15.18 20.78 20.08
C TRP C 373 -16.07 19.54 20.00
N PRO C 374 -15.52 18.35 19.79
CA PRO C 374 -16.38 17.17 19.64
C PRO C 374 -16.94 16.69 20.97
N GLY C 375 -18.02 17.33 21.42
CA GLY C 375 -18.64 16.97 22.68
C GLY C 375 -19.42 15.67 22.68
N TYR C 376 -19.65 15.09 21.50
CA TYR C 376 -20.30 13.79 21.44
C TYR C 376 -19.38 12.65 21.86
N SER C 377 -18.07 12.88 21.84
CA SER C 377 -17.08 11.89 22.28
C SER C 377 -16.86 11.91 23.78
N GLU C 378 -17.52 12.80 24.51
CA GLU C 378 -17.35 12.87 25.96
C GLU C 378 -17.88 11.60 26.62
N THR C 379 -17.39 11.36 27.84
CA THR C 379 -17.79 10.16 28.56
C THR C 379 -19.28 10.17 28.87
N VAL C 380 -19.82 11.31 29.28
CA VAL C 380 -21.24 11.42 29.59
C VAL C 380 -21.88 12.52 28.75
N SER C 383 -25.62 17.17 32.31
CA SER C 383 -26.90 17.78 31.96
C SER C 383 -26.73 18.80 30.83
N LEU C 384 -27.84 19.13 30.17
CA LEU C 384 -27.80 20.10 29.08
C LEU C 384 -27.39 21.48 29.57
N GLU C 385 -27.91 21.90 30.73
CA GLU C 385 -27.55 23.19 31.29
C GLU C 385 -26.08 23.23 31.68
N GLN C 386 -25.55 22.13 32.20
CA GLN C 386 -24.13 22.06 32.51
C GLN C 386 -23.29 22.21 31.26
N LEU C 387 -23.70 21.57 30.16
CA LEU C 387 -22.99 21.74 28.89
C LEU C 387 -23.08 23.18 28.41
N HIS C 388 -24.24 23.81 28.57
CA HIS C 388 -24.38 25.22 28.20
C HIS C 388 -23.38 26.08 28.97
N SER C 389 -23.33 25.90 30.29
CA SER C 389 -22.40 26.67 31.11
C SER C 389 -20.95 26.41 30.71
N LYS C 390 -20.61 25.14 30.47
CA LYS C 390 -19.23 24.81 30.10
C LYS C 390 -18.84 25.45 28.78
N TYR C 391 -19.73 25.39 27.78
CA TYR C 391 -19.43 25.98 26.49
C TYR C 391 -19.42 27.50 26.57
N ASP C 392 -20.16 28.08 27.50
CA ASP C 392 -20.09 29.52 27.71
C ASP C 392 -18.76 29.93 28.32
N GLU C 393 -18.31 29.20 29.34
CA GLU C 393 -17.04 29.55 29.99
C GLU C 393 -15.85 29.33 29.06
N MET C 394 -15.93 28.37 28.15
CA MET C 394 -14.87 28.12 27.18
C MET C 394 -14.95 29.06 25.98
N SER C 395 -15.95 29.95 25.94
CA SER C 395 -16.17 30.87 24.84
C SER C 395 -16.35 30.11 23.52
N VAL C 396 -17.40 29.30 23.49
CA VAL C 396 -17.80 28.58 22.29
C VAL C 396 -18.94 29.35 21.65
N LEU C 397 -18.77 29.72 20.39
CA LEU C 397 -19.73 30.61 19.73
C LEU C 397 -21.11 29.96 19.64
N PHE C 398 -21.18 28.69 19.26
CA PHE C 398 -22.44 28.02 19.03
C PHE C 398 -22.38 26.58 19.52
N SER C 399 -23.44 26.16 20.19
CA SER C 399 -23.60 24.79 20.65
C SER C 399 -24.61 24.08 19.76
N VAL C 400 -24.17 23.02 19.08
CA VAL C 400 -25.00 22.26 18.17
C VAL C 400 -25.47 20.99 18.87
N LEU C 401 -26.78 20.76 18.87
CA LEU C 401 -27.36 19.57 19.47
C LEU C 401 -28.00 18.73 18.38
N VAL C 402 -27.53 17.50 18.25
CA VAL C 402 -28.06 16.55 17.27
C VAL C 402 -28.91 15.53 18.02
N THR C 403 -30.18 15.44 17.66
CA THR C 403 -31.11 14.55 18.35
C THR C 403 -31.80 13.61 17.37
N GLU C 404 -32.81 12.88 17.85
CA GLU C 404 -33.53 11.95 16.98
C GLU C 404 -34.25 12.69 15.86
N THR C 405 -34.65 13.95 16.09
CA THR C 405 -35.33 14.73 15.06
C THR C 405 -34.42 15.00 13.87
N THR C 406 -33.10 15.01 14.09
CA THR C 406 -32.16 15.21 12.98
C THR C 406 -32.26 14.08 11.96
N LEU C 407 -32.73 12.90 12.36
CA LEU C 407 -33.02 11.84 11.41
C LEU C 407 -34.40 11.99 10.79
N GLU C 408 -35.37 12.46 11.57
CA GLU C 408 -36.74 12.60 11.09
C GLU C 408 -36.90 13.81 10.19
N ASN C 409 -36.26 14.94 10.54
CA ASN C 409 -36.43 16.18 9.81
C ASN C 409 -35.14 16.80 9.30
N GLY C 410 -33.98 16.39 9.82
CA GLY C 410 -32.74 17.01 9.42
C GLY C 410 -32.50 18.38 10.03
N LEU C 411 -33.17 18.70 11.12
CA LEU C 411 -33.04 20.00 11.78
C LEU C 411 -32.22 19.82 13.06
N ILE C 412 -31.18 20.63 13.21
CA ILE C 412 -30.29 20.57 14.37
C ILE C 412 -30.54 21.81 15.23
N GLN C 413 -30.66 21.60 16.53
CA GLN C 413 -30.80 22.72 17.46
C GLN C 413 -29.49 23.49 17.52
N LEU C 414 -29.58 24.81 17.36
CA LEU C 414 -28.42 25.68 17.38
C LEU C 414 -28.62 26.75 18.44
N ARG C 415 -27.66 26.87 19.35
CA ARG C 415 -27.73 27.84 20.44
C ARG C 415 -26.55 28.79 20.34
N SER C 416 -26.82 30.08 20.54
CA SER C 416 -25.82 31.13 20.37
C SER C 416 -25.31 31.59 21.72
N ARG C 417 -23.99 31.73 21.83
CA ARG C 417 -23.41 32.27 23.06
C ARG C 417 -23.82 33.72 23.27
N ASP C 418 -23.86 34.51 22.20
CA ASP C 418 -24.15 35.93 22.33
C ASP C 418 -25.55 36.20 22.87
N THR C 419 -26.55 35.43 22.42
CA THR C 419 -27.93 35.68 22.80
C THR C 419 -28.53 34.62 23.71
N THR C 420 -27.89 33.45 23.84
CA THR C 420 -28.40 32.35 24.67
C THR C 420 -29.82 31.97 24.30
N MET C 421 -30.07 31.85 23.00
CA MET C 421 -31.38 31.48 22.48
C MET C 421 -31.23 30.31 21.52
N LYS C 422 -32.32 29.55 21.38
CA LYS C 422 -32.33 28.32 20.59
C LYS C 422 -32.85 28.59 19.19
N GLU C 423 -32.18 27.99 18.20
CA GLU C 423 -32.55 28.12 16.80
C GLU C 423 -32.49 26.76 16.13
N MET C 424 -33.35 26.55 15.14
CA MET C 424 -33.40 25.32 14.37
C MET C 424 -32.98 25.59 12.94
N MET C 425 -32.13 24.70 12.41
CA MET C 425 -31.61 24.86 11.06
C MET C 425 -31.36 23.49 10.46
N HIS C 426 -31.46 23.41 9.13
CA HIS C 426 -31.14 22.18 8.43
C HIS C 426 -29.63 21.91 8.47
N ILE C 427 -29.27 20.63 8.49
CA ILE C 427 -27.87 20.25 8.65
C ILE C 427 -27.03 20.74 7.48
N SER C 428 -27.54 20.61 6.26
CA SER C 428 -26.77 20.99 5.08
C SER C 428 -26.44 22.48 5.04
N LYS C 429 -27.19 23.30 5.77
CA LYS C 429 -26.98 24.74 5.76
C LYS C 429 -26.30 25.24 7.03
N LEU C 430 -25.85 24.34 7.90
CA LEU C 430 -25.13 24.77 9.10
C LEU C 430 -23.74 25.28 8.76
N ARG C 431 -23.04 24.58 7.86
CA ARG C 431 -21.69 25.00 7.48
C ARG C 431 -21.70 26.39 6.86
N ASP C 432 -22.62 26.63 5.93
CA ASP C 432 -22.71 27.94 5.27
C ASP C 432 -23.07 29.02 6.28
N PHE C 433 -23.99 28.72 7.19
CA PHE C 433 -24.36 29.69 8.21
C PHE C 433 -23.16 30.05 9.09
N LEU C 434 -22.38 29.05 9.51
CA LEU C 434 -21.23 29.32 10.36
C LEU C 434 -20.17 30.12 9.61
N VAL C 435 -19.91 29.78 8.35
CA VAL C 435 -18.95 30.54 7.57
C VAL C 435 -19.41 31.99 7.40
N LYS C 436 -20.70 32.18 7.12
CA LYS C 436 -21.23 33.53 6.97
C LYS C 436 -21.12 34.31 8.28
N TYR C 437 -21.42 33.66 9.41
CA TYR C 437 -21.33 34.35 10.69
C TYR C 437 -19.90 34.75 11.01
N LEU C 438 -18.94 33.85 10.75
CA LEU C 438 -17.54 34.18 10.99
C LEU C 438 -17.07 35.31 10.07
N ALA C 439 -17.49 35.28 8.81
CA ALA C 439 -17.10 36.34 7.89
C ALA C 439 -17.70 37.69 8.30
N SER C 440 -18.96 37.68 8.75
CA SER C 440 -19.60 38.93 9.16
C SER C 440 -19.01 39.45 10.46
N ALA C 441 -18.60 38.57 11.37
CA ALA C 441 -17.99 39.02 12.61
C ALA C 441 -16.69 39.77 12.34
N SER C 442 -15.89 39.30 11.40
CA SER C 442 -14.65 39.97 11.02
C SER C 442 -14.93 41.30 10.34
#